data_1UDL
#
_entry.id   1UDL
#
_entity_poly.entity_id   1
_entity_poly.type   'polypeptide(L)'
_entity_poly.pdbx_seq_one_letter_code
;GSSGSSGQKGWFPASHVKLLGPSSERATPAFHPVCQVIAMYDYAANNEDELSFSKGQLINVMNKDDPDWWQGEINGVTGL
FPSNYVKMTTDSSGPSSG
;
_entity_poly.pdbx_strand_id   A
#
# COMPACT_ATOMS: atom_id res chain seq x y z
N GLY A 1 1.45 -15.34 2.53
CA GLY A 1 2.03 -16.55 3.09
C GLY A 1 3.38 -16.88 2.50
N SER A 2 3.42 -17.15 1.20
CA SER A 2 4.67 -17.48 0.52
C SER A 2 4.74 -16.82 -0.84
N SER A 3 5.87 -16.95 -1.51
CA SER A 3 6.07 -16.36 -2.82
C SER A 3 5.07 -16.91 -3.82
N GLY A 4 4.21 -16.02 -4.35
CA GLY A 4 3.21 -16.44 -5.31
C GLY A 4 3.74 -16.44 -6.73
N SER A 5 4.43 -15.37 -7.10
CA SER A 5 4.99 -15.25 -8.45
C SER A 5 6.50 -15.05 -8.39
N SER A 6 7.20 -15.72 -9.31
CA SER A 6 8.67 -15.62 -9.36
C SER A 6 9.12 -15.18 -10.75
N GLY A 7 8.58 -15.82 -11.78
CA GLY A 7 8.94 -15.48 -13.14
C GLY A 7 8.55 -14.07 -13.51
N GLN A 8 7.30 -13.71 -13.23
CA GLN A 8 6.80 -12.37 -13.54
C GLN A 8 7.17 -11.38 -12.44
N LYS A 9 7.93 -10.36 -12.81
CA LYS A 9 8.35 -9.34 -11.86
C LYS A 9 7.81 -7.96 -12.25
N GLY A 10 6.54 -7.93 -12.64
CA GLY A 10 5.92 -6.67 -13.04
C GLY A 10 6.10 -5.58 -11.99
N TRP A 11 5.64 -5.86 -10.77
CA TRP A 11 5.76 -4.89 -9.68
C TRP A 11 6.91 -5.24 -8.76
N PHE A 12 7.72 -4.24 -8.43
CA PHE A 12 8.87 -4.44 -7.56
C PHE A 12 8.84 -3.48 -6.38
N PRO A 13 9.17 -3.99 -5.18
CA PRO A 13 9.18 -3.20 -3.95
C PRO A 13 10.31 -2.17 -3.94
N ALA A 14 10.35 -1.35 -2.89
CA ALA A 14 11.38 -0.33 -2.76
C ALA A 14 12.04 -0.40 -1.39
N SER A 15 12.24 -1.61 -0.89
CA SER A 15 12.87 -1.81 0.41
C SER A 15 14.27 -2.41 0.25
N HIS A 16 15.25 -1.77 0.90
CA HIS A 16 16.62 -2.23 0.83
C HIS A 16 17.01 -2.96 2.11
N VAL A 17 17.50 -4.19 1.96
CA VAL A 17 17.90 -5.00 3.11
C VAL A 17 19.42 -5.14 3.17
N LYS A 18 20.02 -4.66 4.26
CA LYS A 18 21.45 -4.73 4.44
C LYS A 18 21.80 -5.56 5.67
N LEU A 19 20.97 -6.56 5.96
CA LEU A 19 21.20 -7.42 7.12
C LEU A 19 22.01 -8.66 6.73
N LEU A 20 23.00 -8.99 7.53
CA LEU A 20 23.85 -10.14 7.28
C LEU A 20 23.58 -11.26 8.26
N GLY A 21 23.36 -12.46 7.75
CA GLY A 21 23.08 -13.61 8.61
C GLY A 21 21.62 -14.00 8.59
N PRO A 22 21.20 -14.74 9.62
CA PRO A 22 19.81 -15.20 9.75
C PRO A 22 18.85 -14.07 10.05
N SER A 23 18.23 -13.52 9.00
CA SER A 23 17.29 -12.42 9.15
C SER A 23 15.86 -12.95 9.31
N SER A 24 15.48 -13.28 10.53
CA SER A 24 14.14 -13.79 10.81
C SER A 24 13.48 -13.01 11.94
N GLU A 25 12.85 -11.89 11.58
CA GLU A 25 12.17 -11.05 12.57
C GLU A 25 10.67 -10.96 12.27
N ARG A 26 9.86 -11.11 13.29
CA ARG A 26 8.41 -11.05 13.14
C ARG A 26 7.97 -9.65 12.73
N ALA A 27 6.91 -9.58 11.94
CA ALA A 27 6.39 -8.29 11.49
C ALA A 27 6.55 -7.22 12.54
N THR A 28 7.25 -6.14 12.19
CA THR A 28 7.48 -5.04 13.11
C THR A 28 6.23 -4.21 13.31
N PRO A 29 5.99 -3.79 14.57
CA PRO A 29 4.82 -2.98 14.92
C PRO A 29 4.89 -1.57 14.36
N ALA A 30 6.11 -1.10 14.11
CA ALA A 30 6.33 0.24 13.56
C ALA A 30 6.64 0.18 12.07
N PHE A 31 5.95 1.01 11.30
CA PHE A 31 6.16 1.05 9.85
C PHE A 31 6.31 2.49 9.36
N HIS A 32 7.17 2.68 8.37
CA HIS A 32 7.41 4.01 7.81
C HIS A 32 6.96 4.09 6.36
N PRO A 33 5.72 4.55 6.14
CA PRO A 33 5.14 4.68 4.80
C PRO A 33 5.81 5.78 3.99
N VAL A 34 5.32 5.99 2.76
CA VAL A 34 5.86 7.01 1.88
C VAL A 34 4.97 8.25 1.85
N CYS A 35 3.68 8.04 2.02
CA CYS A 35 2.72 9.14 2.01
C CYS A 35 1.34 8.66 2.44
N GLN A 36 0.42 9.61 2.65
CA GLN A 36 -0.93 9.28 3.07
C GLN A 36 -1.95 9.87 2.10
N VAL A 37 -2.88 9.03 1.64
CA VAL A 37 -3.91 9.47 0.71
C VAL A 37 -5.30 9.03 1.18
N ILE A 38 -6.33 9.56 0.54
CA ILE A 38 -7.70 9.22 0.89
C ILE A 38 -8.46 8.69 -0.31
N ALA A 39 -9.31 7.68 -0.08
CA ALA A 39 -10.10 7.08 -1.15
C ALA A 39 -11.08 8.09 -1.74
N MET A 40 -11.10 8.19 -3.07
CA MET A 40 -12.00 9.11 -3.75
C MET A 40 -13.34 8.45 -4.04
N TYR A 41 -13.33 7.13 -4.18
CA TYR A 41 -14.55 6.39 -4.47
C TYR A 41 -14.50 5.00 -3.83
N ASP A 42 -15.62 4.57 -3.28
CA ASP A 42 -15.71 3.26 -2.63
C ASP A 42 -15.14 2.17 -3.53
N TYR A 43 -13.92 1.73 -3.23
CA TYR A 43 -13.26 0.70 -4.02
C TYR A 43 -13.56 -0.69 -3.46
N ALA A 44 -14.00 -1.59 -4.32
CA ALA A 44 -14.32 -2.95 -3.92
C ALA A 44 -13.38 -3.96 -4.57
N ALA A 45 -12.47 -4.52 -3.77
CA ALA A 45 -11.51 -5.49 -4.28
C ALA A 45 -12.21 -6.68 -4.91
N ASN A 46 -12.05 -6.85 -6.22
CA ASN A 46 -12.67 -7.96 -6.94
C ASN A 46 -12.24 -9.30 -6.36
N ASN A 47 -11.08 -9.31 -5.71
CA ASN A 47 -10.55 -10.54 -5.11
C ASN A 47 -9.68 -10.22 -3.91
N GLU A 48 -9.09 -11.25 -3.32
CA GLU A 48 -8.23 -11.08 -2.15
C GLU A 48 -6.92 -10.40 -2.54
N ASP A 49 -6.68 -10.30 -3.84
CA ASP A 49 -5.46 -9.67 -4.34
C ASP A 49 -5.55 -8.15 -4.22
N GLU A 50 -6.75 -7.61 -4.35
CA GLU A 50 -6.96 -6.18 -4.25
C GLU A 50 -7.40 -5.78 -2.85
N LEU A 51 -7.50 -4.48 -2.62
CA LEU A 51 -7.90 -3.97 -1.31
C LEU A 51 -9.33 -3.41 -1.36
N SER A 52 -10.18 -3.92 -0.47
CA SER A 52 -11.56 -3.48 -0.42
C SER A 52 -11.75 -2.37 0.63
N PHE A 53 -12.05 -1.16 0.16
CA PHE A 53 -12.25 -0.03 1.05
C PHE A 53 -13.37 0.88 0.53
N SER A 54 -13.78 1.83 1.37
CA SER A 54 -14.85 2.75 1.00
C SER A 54 -14.29 4.17 0.81
N LYS A 55 -15.18 5.09 0.45
CA LYS A 55 -14.78 6.48 0.23
C LYS A 55 -14.37 7.14 1.55
N GLY A 56 -13.16 7.69 1.57
CA GLY A 56 -12.67 8.34 2.77
C GLY A 56 -12.01 7.37 3.73
N GLN A 57 -11.52 6.26 3.20
CA GLN A 57 -10.86 5.25 4.02
C GLN A 57 -9.41 5.62 4.29
N LEU A 58 -8.88 5.13 5.40
CA LEU A 58 -7.49 5.41 5.78
C LEU A 58 -6.52 4.57 4.96
N ILE A 59 -5.89 5.19 3.97
CA ILE A 59 -4.94 4.50 3.12
C ILE A 59 -3.57 5.16 3.17
N ASN A 60 -2.58 4.43 3.68
CA ASN A 60 -1.22 4.95 3.78
C ASN A 60 -0.31 4.33 2.72
N VAL A 61 -0.05 5.08 1.66
CA VAL A 61 0.80 4.61 0.58
C VAL A 61 2.18 4.22 1.10
N MET A 62 2.57 2.97 0.85
CA MET A 62 3.87 2.48 1.28
C MET A 62 4.82 2.32 0.10
N ASN A 63 4.27 1.87 -1.03
CA ASN A 63 5.08 1.68 -2.23
C ASN A 63 4.33 2.17 -3.47
N LYS A 64 4.78 3.31 -4.01
CA LYS A 64 4.17 3.89 -5.20
C LYS A 64 5.08 3.75 -6.41
N ASP A 65 5.84 2.67 -6.45
CA ASP A 65 6.76 2.42 -7.55
C ASP A 65 6.04 2.57 -8.89
N ASP A 66 4.78 2.17 -8.93
CA ASP A 66 3.98 2.25 -10.15
C ASP A 66 3.18 3.55 -10.19
N PRO A 67 3.42 4.36 -11.22
CA PRO A 67 2.73 5.65 -11.40
C PRO A 67 1.27 5.47 -11.76
N ASP A 68 0.82 4.21 -11.81
CA ASP A 68 -0.57 3.91 -12.14
C ASP A 68 -1.27 3.24 -10.97
N TRP A 69 -0.54 2.37 -10.27
CA TRP A 69 -1.10 1.66 -9.12
C TRP A 69 -0.24 1.87 -7.89
N TRP A 70 -0.90 2.04 -6.75
CA TRP A 70 -0.20 2.26 -5.48
C TRP A 70 -0.61 1.22 -4.44
N GLN A 71 0.16 1.14 -3.37
CA GLN A 71 -0.14 0.18 -2.30
C GLN A 71 -0.26 0.89 -0.95
N GLY A 72 -1.35 0.63 -0.25
CA GLY A 72 -1.57 1.26 1.04
C GLY A 72 -2.06 0.27 2.08
N GLU A 73 -2.34 0.77 3.28
CA GLU A 73 -2.80 -0.08 4.38
C GLU A 73 -4.08 0.49 4.99
N ILE A 74 -4.88 -0.38 5.60
CA ILE A 74 -6.12 0.03 6.22
C ILE A 74 -6.49 -0.89 7.38
N ASN A 75 -6.30 -0.40 8.60
CA ASN A 75 -6.61 -1.18 9.80
C ASN A 75 -5.83 -2.49 9.80
N GLY A 76 -4.56 -2.43 9.42
CA GLY A 76 -3.73 -3.61 9.39
C GLY A 76 -4.00 -4.48 8.18
N VAL A 77 -4.56 -3.88 7.14
CA VAL A 77 -4.87 -4.60 5.91
C VAL A 77 -4.11 -4.02 4.72
N THR A 78 -3.35 -4.88 4.04
CA THR A 78 -2.58 -4.45 2.88
C THR A 78 -3.10 -5.10 1.60
N GLY A 79 -3.08 -4.35 0.50
CA GLY A 79 -3.54 -4.87 -0.76
C GLY A 79 -2.99 -4.10 -1.95
N LEU A 80 -3.80 -3.98 -3.00
CA LEU A 80 -3.38 -3.26 -4.20
C LEU A 80 -4.52 -2.43 -4.76
N PHE A 81 -4.24 -1.18 -5.07
CA PHE A 81 -5.25 -0.27 -5.63
C PHE A 81 -4.61 0.75 -6.57
N PRO A 82 -5.42 1.26 -7.51
CA PRO A 82 -4.96 2.25 -8.49
C PRO A 82 -4.68 3.61 -7.85
N SER A 83 -3.66 4.29 -8.36
CA SER A 83 -3.28 5.60 -7.84
C SER A 83 -4.26 6.68 -8.32
N ASN A 84 -5.32 6.24 -8.99
CA ASN A 84 -6.32 7.17 -9.51
C ASN A 84 -7.56 7.19 -8.62
N TYR A 85 -7.61 6.26 -7.66
CA TYR A 85 -8.74 6.17 -6.75
C TYR A 85 -8.37 6.73 -5.37
N VAL A 86 -7.44 7.68 -5.36
CA VAL A 86 -7.00 8.30 -4.11
C VAL A 86 -6.44 9.70 -4.37
N LYS A 87 -6.64 10.59 -3.41
CA LYS A 87 -6.15 11.96 -3.52
C LYS A 87 -5.28 12.34 -2.32
N MET A 88 -4.02 12.66 -2.57
CA MET A 88 -3.10 13.04 -1.51
C MET A 88 -3.80 13.87 -0.45
N THR A 89 -3.90 13.33 0.77
CA THR A 89 -4.55 14.02 1.86
C THR A 89 -3.84 15.32 2.20
N THR A 90 -2.50 15.27 2.22
CA THR A 90 -1.70 16.45 2.52
C THR A 90 -1.92 16.92 3.96
N ASP A 91 -2.09 15.96 4.86
CA ASP A 91 -2.32 16.28 6.27
C ASP A 91 -1.35 17.35 6.75
N SER A 92 -1.89 18.50 7.13
CA SER A 92 -1.07 19.62 7.59
C SER A 92 -0.53 19.34 9.00
N SER A 93 0.73 19.68 9.22
CA SER A 93 1.37 19.47 10.52
C SER A 93 1.39 20.76 11.33
N GLY A 94 0.32 21.02 12.06
CA GLY A 94 0.23 22.21 12.87
C GLY A 94 -0.93 23.10 12.49
N PRO A 95 -1.50 23.81 13.48
CA PRO A 95 -2.65 24.69 13.27
C PRO A 95 -2.27 25.94 12.47
N SER A 96 -3.25 26.54 11.81
CA SER A 96 -3.02 27.74 11.01
C SER A 96 -2.34 28.82 11.84
N SER A 97 -1.71 29.77 11.15
CA SER A 97 -1.00 30.86 11.82
C SER A 97 -2.00 31.82 12.47
N GLY A 98 -1.95 31.88 13.80
CA GLY A 98 -2.85 32.77 14.53
C GLY A 98 -2.59 32.75 16.02
N GLY A 1 25.52 -4.87 -19.51
CA GLY A 1 24.65 -4.61 -20.63
C GLY A 1 23.46 -3.75 -20.25
N SER A 2 22.53 -3.58 -21.19
CA SER A 2 21.35 -2.78 -20.96
C SER A 2 20.10 -3.65 -20.88
N SER A 3 19.66 -3.93 -19.65
CA SER A 3 18.48 -4.76 -19.44
C SER A 3 17.21 -3.91 -19.39
N GLY A 4 16.52 -3.82 -20.52
CA GLY A 4 15.30 -3.04 -20.59
C GLY A 4 15.47 -1.65 -20.00
N SER A 5 14.36 -0.97 -19.77
CA SER A 5 14.39 0.38 -19.20
C SER A 5 14.01 0.36 -17.73
N SER A 6 14.72 1.17 -16.94
CA SER A 6 14.45 1.24 -15.50
C SER A 6 12.96 1.30 -15.22
N GLY A 7 12.52 0.62 -14.17
CA GLY A 7 11.12 0.62 -13.81
C GLY A 7 10.36 -0.53 -14.46
N GLN A 8 9.96 -1.51 -13.66
CA GLN A 8 9.23 -2.66 -14.16
C GLN A 8 7.73 -2.39 -14.16
N LYS A 9 7.05 -2.86 -15.20
CA LYS A 9 5.61 -2.66 -15.33
C LYS A 9 4.86 -3.47 -14.27
N GLY A 10 4.28 -2.78 -13.30
CA GLY A 10 3.54 -3.45 -12.24
C GLY A 10 4.44 -4.23 -11.32
N TRP A 11 5.21 -3.53 -10.49
CA TRP A 11 6.13 -4.18 -9.56
C TRP A 11 5.38 -5.17 -8.68
N PHE A 12 6.09 -5.75 -7.70
CA PHE A 12 5.50 -6.71 -6.79
C PHE A 12 5.75 -6.32 -5.34
N PRO A 13 4.73 -6.49 -4.50
CA PRO A 13 4.80 -6.16 -3.07
C PRO A 13 5.72 -7.10 -2.30
N ALA A 14 5.83 -6.89 -1.00
CA ALA A 14 6.67 -7.72 -0.16
C ALA A 14 6.09 -9.12 0.00
N SER A 15 6.63 -10.08 -0.74
CA SER A 15 6.15 -11.46 -0.69
C SER A 15 6.33 -12.04 0.70
N HIS A 16 5.56 -13.07 1.01
CA HIS A 16 5.64 -13.74 2.31
C HIS A 16 6.93 -14.53 2.44
N VAL A 17 7.48 -14.56 3.64
CA VAL A 17 8.72 -15.29 3.91
C VAL A 17 8.45 -16.62 4.59
N LYS A 18 8.61 -17.70 3.84
CA LYS A 18 8.39 -19.04 4.37
C LYS A 18 9.65 -19.59 5.03
N LEU A 19 10.39 -18.72 5.72
CA LEU A 19 11.61 -19.13 6.39
C LEU A 19 11.43 -19.13 7.91
N LEU A 20 12.17 -20.01 8.58
CA LEU A 20 12.09 -20.12 10.04
C LEU A 20 12.16 -18.74 10.68
N GLY A 21 11.70 -18.65 11.93
CA GLY A 21 11.71 -17.39 12.64
C GLY A 21 10.47 -16.56 12.37
N PRO A 22 9.36 -16.94 13.02
CA PRO A 22 8.08 -16.23 12.88
C PRO A 22 8.10 -14.85 13.50
N SER A 23 7.10 -14.03 13.16
CA SER A 23 7.01 -12.67 13.69
C SER A 23 6.13 -12.64 14.94
N SER A 24 6.77 -12.57 16.10
CA SER A 24 6.05 -12.53 17.37
C SER A 24 5.35 -11.20 17.56
N GLU A 25 6.09 -10.11 17.34
CA GLU A 25 5.54 -8.77 17.48
C GLU A 25 4.62 -8.43 16.32
N ARG A 26 3.45 -7.89 16.63
CA ARG A 26 2.48 -7.52 15.61
C ARG A 26 2.16 -6.02 15.68
N ALA A 27 1.79 -5.45 14.54
CA ALA A 27 1.46 -4.03 14.47
C ALA A 27 2.66 -3.17 14.83
N THR A 28 3.83 -3.55 14.33
CA THR A 28 5.06 -2.81 14.60
C THR A 28 5.29 -1.74 13.54
N PRO A 29 5.82 -0.58 13.98
CA PRO A 29 6.11 0.54 13.08
C PRO A 29 7.28 0.25 12.14
N ALA A 30 7.81 -0.97 12.22
CA ALA A 30 8.92 -1.37 11.38
C ALA A 30 8.82 -0.76 9.99
N PHE A 31 7.69 -1.01 9.33
CA PHE A 31 7.46 -0.48 7.99
C PHE A 31 7.25 1.03 8.03
N HIS A 32 7.73 1.72 7.01
CA HIS A 32 7.58 3.18 6.93
C HIS A 32 6.99 3.59 5.58
N PRO A 33 5.75 4.10 5.61
CA PRO A 33 5.04 4.55 4.41
C PRO A 33 5.66 5.80 3.81
N VAL A 34 5.26 6.13 2.58
CA VAL A 34 5.76 7.31 1.90
C VAL A 34 4.87 8.52 2.15
N CYS A 35 3.57 8.27 2.25
CA CYS A 35 2.61 9.34 2.50
C CYS A 35 1.22 8.78 2.77
N GLN A 36 0.29 9.64 3.15
CA GLN A 36 -1.08 9.23 3.44
C GLN A 36 -2.06 9.86 2.45
N VAL A 37 -2.85 9.01 1.80
CA VAL A 37 -3.83 9.49 0.83
C VAL A 37 -5.24 9.19 1.29
N ILE A 38 -6.23 9.62 0.51
CA ILE A 38 -7.62 9.40 0.84
C ILE A 38 -8.39 8.84 -0.35
N ALA A 39 -9.19 7.81 -0.11
CA ALA A 39 -9.99 7.18 -1.16
C ALA A 39 -11.00 8.16 -1.73
N MET A 40 -11.04 8.24 -3.06
CA MET A 40 -11.96 9.14 -3.74
C MET A 40 -13.31 8.46 -3.98
N TYR A 41 -13.28 7.15 -4.18
CA TYR A 41 -14.50 6.39 -4.42
C TYR A 41 -14.44 5.03 -3.71
N ASP A 42 -15.59 4.55 -3.27
CA ASP A 42 -15.67 3.26 -2.58
C ASP A 42 -15.10 2.15 -3.46
N TYR A 43 -13.88 1.73 -3.12
CA TYR A 43 -13.22 0.67 -3.87
C TYR A 43 -13.51 -0.69 -3.26
N ALA A 44 -13.89 -1.65 -4.10
CA ALA A 44 -14.20 -3.00 -3.64
C ALA A 44 -13.39 -4.04 -4.40
N ALA A 45 -12.32 -4.54 -3.77
CA ALA A 45 -11.47 -5.54 -4.40
C ALA A 45 -12.26 -6.78 -4.77
N ASN A 46 -12.32 -7.08 -6.07
CA ASN A 46 -13.04 -8.24 -6.56
C ASN A 46 -12.36 -9.53 -6.11
N ASN A 47 -11.08 -9.43 -5.78
CA ASN A 47 -10.32 -10.59 -5.33
C ASN A 47 -9.53 -10.28 -4.07
N GLU A 48 -8.72 -11.23 -3.62
CA GLU A 48 -7.90 -11.06 -2.43
C GLU A 48 -6.64 -10.26 -2.74
N ASP A 49 -6.29 -10.18 -4.02
CA ASP A 49 -5.10 -9.46 -4.45
C ASP A 49 -5.32 -7.96 -4.32
N GLU A 50 -6.55 -7.50 -4.53
CA GLU A 50 -6.88 -6.10 -4.43
C GLU A 50 -7.30 -5.73 -3.01
N LEU A 51 -7.49 -4.43 -2.77
CA LEU A 51 -7.90 -3.95 -1.46
C LEU A 51 -9.33 -3.43 -1.49
N SER A 52 -10.09 -3.75 -0.44
CA SER A 52 -11.48 -3.31 -0.35
C SER A 52 -11.63 -2.21 0.70
N PHE A 53 -12.00 -1.01 0.24
CA PHE A 53 -12.18 0.12 1.13
C PHE A 53 -13.34 1.00 0.66
N SER A 54 -13.74 1.93 1.51
CA SER A 54 -14.85 2.84 1.19
C SER A 54 -14.35 4.27 1.01
N LYS A 55 -15.12 5.07 0.29
CA LYS A 55 -14.75 6.46 0.04
C LYS A 55 -14.35 7.16 1.34
N GLY A 56 -13.12 7.67 1.37
CA GLY A 56 -12.64 8.36 2.55
C GLY A 56 -12.06 7.40 3.58
N GLN A 57 -11.47 6.32 3.11
CA GLN A 57 -10.87 5.32 4.00
C GLN A 57 -9.43 5.68 4.34
N LEU A 58 -8.91 5.07 5.39
CA LEU A 58 -7.53 5.33 5.82
C LEU A 58 -6.55 4.49 5.01
N ILE A 59 -5.93 5.13 4.02
CA ILE A 59 -4.95 4.45 3.18
C ILE A 59 -3.58 5.12 3.27
N ASN A 60 -2.58 4.34 3.66
CA ASN A 60 -1.23 4.86 3.78
C ASN A 60 -0.31 4.24 2.73
N VAL A 61 -0.05 4.99 1.66
CA VAL A 61 0.82 4.52 0.59
C VAL A 61 2.20 4.16 1.12
N MET A 62 2.66 2.97 0.77
CA MET A 62 3.98 2.50 1.21
C MET A 62 4.89 2.23 0.01
N ASN A 63 4.29 1.73 -1.07
CA ASN A 63 5.05 1.43 -2.28
C ASN A 63 4.31 1.94 -3.52
N LYS A 64 4.74 3.08 -4.02
CA LYS A 64 4.14 3.68 -5.21
C LYS A 64 5.14 3.76 -6.36
N ASP A 65 5.98 2.73 -6.47
CA ASP A 65 6.97 2.68 -7.54
C ASP A 65 6.35 2.96 -8.89
N ASP A 66 5.12 2.49 -9.08
CA ASP A 66 4.41 2.70 -10.34
C ASP A 66 3.28 3.71 -10.16
N PRO A 67 3.28 4.74 -11.02
CA PRO A 67 2.27 5.80 -10.98
C PRO A 67 0.89 5.30 -11.42
N ASP A 68 0.80 4.01 -11.70
CA ASP A 68 -0.46 3.41 -12.14
C ASP A 68 -1.23 2.83 -10.95
N TRP A 69 -0.52 2.08 -10.11
CA TRP A 69 -1.12 1.46 -8.94
C TRP A 69 -0.24 1.66 -7.71
N TRP A 70 -0.88 1.95 -6.58
CA TRP A 70 -0.16 2.16 -5.32
C TRP A 70 -0.56 1.13 -4.28
N GLN A 71 0.27 0.99 -3.25
CA GLN A 71 -0.01 0.03 -2.18
C GLN A 71 -0.17 0.74 -0.84
N GLY A 72 -1.27 0.45 -0.15
CA GLY A 72 -1.52 1.07 1.13
C GLY A 72 -2.10 0.09 2.14
N GLU A 73 -2.27 0.56 3.39
CA GLU A 73 -2.81 -0.29 4.45
C GLU A 73 -4.07 0.33 5.03
N ILE A 74 -4.94 -0.52 5.58
CA ILE A 74 -6.20 -0.05 6.17
C ILE A 74 -6.60 -0.93 7.36
N ASN A 75 -6.40 -0.41 8.56
CA ASN A 75 -6.74 -1.14 9.78
C ASN A 75 -6.01 -2.47 9.83
N GLY A 76 -4.73 -2.45 9.47
CA GLY A 76 -3.94 -3.66 9.49
C GLY A 76 -4.19 -4.54 8.27
N VAL A 77 -4.81 -3.96 7.25
CA VAL A 77 -5.10 -4.70 6.03
C VAL A 77 -4.32 -4.15 4.85
N THR A 78 -3.67 -5.04 4.11
CA THR A 78 -2.87 -4.64 2.95
C THR A 78 -3.46 -5.20 1.67
N GLY A 79 -3.33 -4.44 0.58
CA GLY A 79 -3.86 -4.88 -0.70
C GLY A 79 -3.28 -4.10 -1.86
N LEU A 80 -4.02 -4.03 -2.96
CA LEU A 80 -3.58 -3.31 -4.14
C LEU A 80 -4.69 -2.44 -4.71
N PHE A 81 -4.36 -1.21 -5.10
CA PHE A 81 -5.33 -0.29 -5.65
C PHE A 81 -4.66 0.72 -6.58
N PRO A 82 -5.43 1.26 -7.52
CA PRO A 82 -4.93 2.26 -8.49
C PRO A 82 -4.61 3.59 -7.83
N SER A 83 -3.59 4.27 -8.34
CA SER A 83 -3.18 5.57 -7.81
C SER A 83 -4.13 6.66 -8.27
N ASN A 84 -5.22 6.27 -8.92
CA ASN A 84 -6.20 7.22 -9.42
C ASN A 84 -7.43 7.26 -8.52
N TYR A 85 -7.56 6.25 -7.66
CA TYR A 85 -8.68 6.16 -6.75
C TYR A 85 -8.34 6.76 -5.38
N VAL A 86 -7.28 7.56 -5.36
CA VAL A 86 -6.84 8.21 -4.12
C VAL A 86 -6.38 9.63 -4.38
N LYS A 87 -6.51 10.49 -3.37
CA LYS A 87 -6.10 11.88 -3.48
C LYS A 87 -5.20 12.28 -2.31
N MET A 88 -4.12 12.98 -2.61
CA MET A 88 -3.19 13.43 -1.58
C MET A 88 -3.91 14.28 -0.54
N THR A 89 -3.97 13.75 0.68
CA THR A 89 -4.63 14.45 1.78
C THR A 89 -4.10 15.87 1.93
N THR A 90 -2.77 16.00 1.93
CA THR A 90 -2.13 17.31 2.06
C THR A 90 -2.54 17.99 3.36
N ASP A 91 -2.74 17.19 4.41
CA ASP A 91 -3.13 17.71 5.71
C ASP A 91 -2.02 18.56 6.31
N SER A 92 -2.36 19.78 6.71
CA SER A 92 -1.38 20.69 7.29
C SER A 92 -1.55 20.77 8.81
N SER A 93 -0.57 20.23 9.53
CA SER A 93 -0.61 20.24 10.99
C SER A 93 0.31 21.32 11.55
N GLY A 94 0.03 21.73 12.79
CA GLY A 94 0.84 22.76 13.41
C GLY A 94 0.39 24.16 13.05
N PRO A 95 1.18 25.17 13.45
CA PRO A 95 0.89 26.57 13.17
C PRO A 95 1.03 26.92 11.69
N SER A 96 -0.07 27.32 11.07
CA SER A 96 -0.07 27.67 9.65
C SER A 96 0.45 29.09 9.45
N SER A 97 1.69 29.21 9.00
CA SER A 97 2.30 30.52 8.78
C SER A 97 2.19 30.92 7.30
N GLY A 98 1.62 32.09 7.06
CA GLY A 98 1.46 32.56 5.69
C GLY A 98 0.93 33.97 5.63
N GLY A 1 3.12 -9.45 3.32
CA GLY A 1 2.38 -10.53 3.96
C GLY A 1 1.87 -11.55 2.96
N SER A 2 2.26 -12.80 3.17
CA SER A 2 1.86 -13.88 2.28
C SER A 2 0.66 -14.64 2.85
N SER A 3 -0.44 -14.66 2.10
CA SER A 3 -1.65 -15.35 2.54
C SER A 3 -2.57 -15.63 1.36
N GLY A 4 -3.48 -16.58 1.53
CA GLY A 4 -4.41 -16.93 0.48
C GLY A 4 -3.71 -17.40 -0.78
N SER A 5 -4.33 -18.35 -1.48
CA SER A 5 -3.76 -18.89 -2.70
C SER A 5 -3.79 -17.86 -3.83
N SER A 6 -2.61 -17.41 -4.24
CA SER A 6 -2.49 -16.42 -5.30
C SER A 6 -2.11 -17.07 -6.63
N GLY A 7 -2.91 -16.81 -7.66
CA GLY A 7 -2.63 -17.39 -8.96
C GLY A 7 -1.55 -16.62 -9.72
N GLN A 8 -1.97 -15.64 -10.51
CA GLN A 8 -1.04 -14.84 -11.29
C GLN A 8 -0.87 -13.45 -10.68
N LYS A 9 0.31 -13.19 -10.13
CA LYS A 9 0.60 -11.89 -9.52
C LYS A 9 1.85 -11.27 -10.14
N GLY A 10 1.78 -9.96 -10.41
CA GLY A 10 2.90 -9.27 -10.99
C GLY A 10 3.50 -8.24 -10.06
N TRP A 11 2.68 -7.29 -9.63
CA TRP A 11 3.14 -6.24 -8.72
C TRP A 11 3.99 -6.83 -7.60
N PHE A 12 5.01 -6.09 -7.18
CA PHE A 12 5.90 -6.54 -6.12
C PHE A 12 5.80 -5.62 -4.91
N PRO A 13 5.48 -6.20 -3.74
CA PRO A 13 5.34 -5.46 -2.49
C PRO A 13 6.69 -4.94 -1.97
N ALA A 14 6.67 -4.33 -0.80
CA ALA A 14 7.89 -3.80 -0.18
C ALA A 14 8.12 -4.40 1.19
N SER A 15 8.60 -5.63 1.22
CA SER A 15 8.88 -6.32 2.48
C SER A 15 10.16 -5.82 3.11
N HIS A 16 10.22 -5.87 4.44
CA HIS A 16 11.40 -5.41 5.17
C HIS A 16 12.60 -6.29 4.86
N VAL A 17 13.80 -5.76 5.11
CA VAL A 17 15.03 -6.49 4.86
C VAL A 17 15.61 -7.05 6.15
N LYS A 18 15.81 -8.37 6.18
CA LYS A 18 16.37 -9.03 7.35
C LYS A 18 17.74 -9.63 7.04
N LEU A 19 18.61 -8.82 6.46
CA LEU A 19 19.96 -9.28 6.12
C LEU A 19 20.79 -9.52 7.37
N LEU A 20 21.62 -10.56 7.33
CA LEU A 20 22.47 -10.89 8.46
C LEU A 20 21.68 -10.88 9.77
N GLY A 21 20.50 -11.49 9.73
CA GLY A 21 19.65 -11.54 10.92
C GLY A 21 19.71 -12.90 11.60
N PRO A 22 19.50 -12.90 12.93
CA PRO A 22 19.52 -14.12 13.73
C PRO A 22 18.32 -15.03 13.44
N SER A 23 18.24 -16.15 14.15
CA SER A 23 17.14 -17.09 13.97
C SER A 23 15.89 -16.62 14.70
N SER A 24 16.09 -15.87 15.77
CA SER A 24 14.97 -15.35 16.56
C SER A 24 15.00 -13.83 16.62
N GLU A 25 14.44 -13.19 15.59
CA GLU A 25 14.40 -11.73 15.53
C GLU A 25 12.96 -11.23 15.52
N ARG A 26 12.60 -10.43 16.53
CA ARG A 26 11.26 -9.88 16.63
C ARG A 26 11.17 -8.53 15.91
N ALA A 27 10.03 -8.28 15.28
CA ALA A 27 9.81 -7.02 14.56
C ALA A 27 8.51 -6.37 14.98
N THR A 28 8.49 -5.05 14.99
CA THR A 28 7.30 -4.29 15.37
C THR A 28 6.42 -4.00 14.16
N PRO A 29 5.10 -4.01 14.36
CA PRO A 29 4.13 -3.75 13.30
C PRO A 29 4.14 -2.29 12.86
N ALA A 30 5.02 -1.51 13.46
CA ALA A 30 5.14 -0.08 13.12
C ALA A 30 5.98 0.12 11.87
N PHE A 31 5.30 0.28 10.73
CA PHE A 31 5.98 0.47 9.46
C PHE A 31 6.13 1.96 9.15
N HIS A 32 6.78 2.27 8.04
CA HIS A 32 7.00 3.65 7.62
C HIS A 32 6.65 3.85 6.15
N PRO A 33 5.41 4.27 5.89
CA PRO A 33 4.92 4.51 4.54
C PRO A 33 5.59 5.72 3.88
N VAL A 34 5.30 5.92 2.59
CA VAL A 34 5.87 7.04 1.85
C VAL A 34 4.98 8.27 1.95
N CYS A 35 3.68 8.05 2.09
CA CYS A 35 2.72 9.15 2.20
C CYS A 35 1.35 8.64 2.60
N GLN A 36 0.41 9.55 2.82
CA GLN A 36 -0.94 9.19 3.21
C GLN A 36 -1.96 9.75 2.21
N VAL A 37 -2.81 8.87 1.70
CA VAL A 37 -3.84 9.28 0.74
C VAL A 37 -5.23 8.89 1.23
N ILE A 38 -6.25 9.38 0.54
CA ILE A 38 -7.63 9.08 0.90
C ILE A 38 -8.40 8.50 -0.28
N ALA A 39 -9.35 7.62 0.01
CA ALA A 39 -10.15 6.99 -1.02
C ALA A 39 -11.16 7.97 -1.61
N MET A 40 -11.15 8.10 -2.93
CA MET A 40 -12.06 9.01 -3.62
C MET A 40 -13.42 8.34 -3.85
N TYR A 41 -13.39 7.06 -4.21
CA TYR A 41 -14.61 6.31 -4.45
C TYR A 41 -14.59 4.97 -3.73
N ASP A 42 -15.77 4.45 -3.41
CA ASP A 42 -15.90 3.18 -2.73
C ASP A 42 -15.27 2.05 -3.55
N TYR A 43 -14.04 1.68 -3.22
CA TYR A 43 -13.34 0.62 -3.93
C TYR A 43 -13.64 -0.74 -3.32
N ALA A 44 -14.01 -1.69 -4.17
CA ALA A 44 -14.33 -3.04 -3.71
C ALA A 44 -13.44 -4.07 -4.41
N ALA A 45 -12.41 -4.53 -3.70
CA ALA A 45 -11.49 -5.51 -4.24
C ALA A 45 -12.23 -6.80 -4.62
N ASN A 46 -12.23 -7.11 -5.91
CA ASN A 46 -12.89 -8.31 -6.41
C ASN A 46 -12.26 -9.57 -5.82
N ASN A 47 -11.06 -9.41 -5.27
CA ASN A 47 -10.34 -10.53 -4.68
C ASN A 47 -9.39 -10.06 -3.57
N GLU A 48 -8.69 -11.00 -2.97
CA GLU A 48 -7.75 -10.67 -1.90
C GLU A 48 -6.60 -9.81 -2.42
N ASP A 49 -6.24 -10.03 -3.68
CA ASP A 49 -5.16 -9.28 -4.31
C ASP A 49 -5.39 -7.77 -4.16
N GLU A 50 -6.64 -7.35 -4.36
CA GLU A 50 -6.99 -5.93 -4.25
C GLU A 50 -7.42 -5.59 -2.82
N LEU A 51 -7.63 -4.30 -2.57
CA LEU A 51 -8.05 -3.85 -1.26
C LEU A 51 -9.48 -3.28 -1.30
N SER A 52 -10.33 -3.79 -0.42
CA SER A 52 -11.72 -3.35 -0.36
C SER A 52 -11.89 -2.25 0.67
N PHE A 53 -12.21 -1.04 0.20
CA PHE A 53 -12.40 0.10 1.09
C PHE A 53 -13.52 1.00 0.57
N SER A 54 -13.96 1.93 1.42
CA SER A 54 -15.03 2.85 1.05
C SER A 54 -14.50 4.28 0.96
N LYS A 55 -15.17 5.10 0.15
CA LYS A 55 -14.77 6.49 -0.03
C LYS A 55 -14.45 7.14 1.32
N GLY A 56 -13.23 7.67 1.44
CA GLY A 56 -12.82 8.31 2.68
C GLY A 56 -12.24 7.33 3.67
N GLN A 57 -11.58 6.29 3.16
CA GLN A 57 -10.97 5.27 4.01
C GLN A 57 -9.54 5.67 4.39
N LEU A 58 -9.00 5.00 5.40
CA LEU A 58 -7.64 5.28 5.86
C LEU A 58 -6.62 4.44 5.10
N ILE A 59 -5.89 5.08 4.19
CA ILE A 59 -4.89 4.39 3.39
C ILE A 59 -3.56 5.13 3.43
N ASN A 60 -2.48 4.38 3.63
CA ASN A 60 -1.14 4.98 3.70
C ASN A 60 -0.22 4.34 2.66
N VAL A 61 0.00 5.07 1.56
CA VAL A 61 0.87 4.59 0.49
C VAL A 61 2.26 4.25 1.00
N MET A 62 2.68 3.00 0.80
CA MET A 62 3.99 2.56 1.24
C MET A 62 4.93 2.37 0.06
N ASN A 63 4.40 1.90 -1.05
CA ASN A 63 5.20 1.69 -2.27
C ASN A 63 4.47 2.20 -3.50
N LYS A 64 4.85 3.40 -3.94
CA LYS A 64 4.24 4.01 -5.11
C LYS A 64 5.21 4.04 -6.29
N ASP A 65 5.96 2.96 -6.45
CA ASP A 65 6.93 2.85 -7.53
C ASP A 65 6.28 3.18 -8.87
N ASP A 66 5.12 2.56 -9.13
CA ASP A 66 4.40 2.78 -10.37
C ASP A 66 3.33 3.86 -10.20
N PRO A 67 3.39 4.88 -11.07
CA PRO A 67 2.44 5.99 -11.04
C PRO A 67 1.03 5.57 -11.46
N ASP A 68 0.87 4.29 -11.75
CA ASP A 68 -0.43 3.75 -12.17
C ASP A 68 -1.15 3.12 -10.99
N TRP A 69 -0.44 2.30 -10.23
CA TRP A 69 -1.03 1.63 -9.08
C TRP A 69 -0.19 1.87 -7.82
N TRP A 70 -0.85 2.01 -6.68
CA TRP A 70 -0.17 2.25 -5.42
C TRP A 70 -0.59 1.23 -4.37
N GLN A 71 0.25 1.03 -3.36
CA GLN A 71 -0.04 0.08 -2.29
C GLN A 71 -0.23 0.80 -0.97
N GLY A 72 -1.39 0.58 -0.33
CA GLY A 72 -1.67 1.22 0.94
C GLY A 72 -2.15 0.23 1.98
N GLU A 73 -2.44 0.73 3.18
CA GLU A 73 -2.90 -0.11 4.27
C GLU A 73 -4.17 0.46 4.90
N ILE A 74 -5.10 -0.42 5.26
CA ILE A 74 -6.35 0.01 5.88
C ILE A 74 -6.70 -0.87 7.07
N ASN A 75 -6.37 -0.38 8.27
CA ASN A 75 -6.65 -1.12 9.49
C ASN A 75 -5.84 -2.42 9.55
N GLY A 76 -4.54 -2.30 9.27
CA GLY A 76 -3.67 -3.47 9.29
C GLY A 76 -3.87 -4.36 8.08
N VAL A 77 -4.68 -3.89 7.12
CA VAL A 77 -4.94 -4.65 5.91
C VAL A 77 -4.20 -4.05 4.72
N THR A 78 -3.53 -4.91 3.96
CA THR A 78 -2.78 -4.46 2.78
C THR A 78 -3.38 -5.03 1.51
N GLY A 79 -3.34 -4.23 0.44
CA GLY A 79 -3.88 -4.67 -0.83
C GLY A 79 -3.34 -3.87 -2.00
N LEU A 80 -3.93 -4.06 -3.17
CA LEU A 80 -3.50 -3.36 -4.38
C LEU A 80 -4.62 -2.48 -4.93
N PHE A 81 -4.30 -1.22 -5.22
CA PHE A 81 -5.28 -0.28 -5.75
C PHE A 81 -4.61 0.74 -6.66
N PRO A 82 -5.38 1.29 -7.61
CA PRO A 82 -4.89 2.30 -8.55
C PRO A 82 -4.59 3.63 -7.88
N SER A 83 -3.60 4.34 -8.40
CA SER A 83 -3.21 5.63 -7.85
C SER A 83 -4.15 6.72 -8.32
N ASN A 84 -5.25 6.32 -8.95
CA ASN A 84 -6.25 7.27 -9.46
C ASN A 84 -7.50 7.26 -8.59
N TYR A 85 -7.61 6.26 -7.73
CA TYR A 85 -8.76 6.13 -6.84
C TYR A 85 -8.47 6.76 -5.48
N VAL A 86 -7.34 7.43 -5.37
CA VAL A 86 -6.94 8.08 -4.13
C VAL A 86 -6.43 9.50 -4.38
N LYS A 87 -6.53 10.34 -3.36
CA LYS A 87 -6.09 11.72 -3.47
C LYS A 87 -5.13 12.08 -2.33
N MET A 88 -3.94 12.55 -2.69
CA MET A 88 -2.94 12.94 -1.70
C MET A 88 -3.56 13.79 -0.60
N THR A 89 -3.67 13.21 0.60
CA THR A 89 -4.24 13.91 1.74
C THR A 89 -3.42 15.14 2.10
N THR A 90 -2.09 15.00 2.05
CA THR A 90 -1.19 16.09 2.37
C THR A 90 -1.51 16.69 3.74
N ASP A 91 -1.91 15.82 4.67
CA ASP A 91 -2.25 16.26 6.02
C ASP A 91 -1.15 15.86 7.01
N SER A 92 -0.80 16.79 7.90
CA SER A 92 0.24 16.55 8.89
C SER A 92 -0.29 15.67 10.02
N SER A 93 0.62 15.02 10.74
CA SER A 93 0.25 14.15 11.84
C SER A 93 0.86 14.66 13.15
N GLY A 94 0.29 14.22 14.27
CA GLY A 94 0.79 14.63 15.57
C GLY A 94 2.15 14.05 15.87
N PRO A 95 2.17 12.94 16.62
CA PRO A 95 3.41 12.26 17.01
C PRO A 95 4.10 11.59 15.82
N SER A 96 5.35 11.98 15.57
CA SER A 96 6.12 11.42 14.46
C SER A 96 7.42 10.79 14.96
N SER A 97 7.69 9.58 14.51
CA SER A 97 8.90 8.86 14.91
C SER A 97 9.85 8.69 13.74
N GLY A 98 10.74 9.66 13.56
CA GLY A 98 11.69 9.59 12.46
C GLY A 98 12.64 10.78 12.45
N GLY A 1 12.73 -10.27 -27.65
CA GLY A 1 12.00 -10.15 -26.41
C GLY A 1 11.59 -8.71 -26.12
N SER A 2 11.14 -8.46 -24.89
CA SER A 2 10.71 -7.12 -24.49
C SER A 2 11.65 -6.55 -23.44
N SER A 3 11.92 -5.25 -23.54
CA SER A 3 12.80 -4.57 -22.60
C SER A 3 12.11 -4.34 -21.26
N GLY A 4 11.01 -3.59 -21.30
CA GLY A 4 10.26 -3.31 -20.09
C GLY A 4 8.90 -3.98 -20.07
N SER A 5 8.09 -3.63 -19.09
CA SER A 5 6.75 -4.21 -18.95
C SER A 5 5.69 -3.12 -18.92
N SER A 6 4.67 -3.28 -19.78
CA SER A 6 3.58 -2.31 -19.86
C SER A 6 2.32 -2.86 -19.22
N GLY A 7 2.16 -2.60 -17.92
CA GLY A 7 0.99 -3.09 -17.20
C GLY A 7 0.83 -4.59 -17.32
N GLN A 8 1.70 -5.33 -16.64
CA GLN A 8 1.63 -6.79 -16.66
C GLN A 8 1.41 -7.35 -15.26
N LYS A 9 0.33 -8.12 -15.10
CA LYS A 9 0.01 -8.72 -13.82
C LYS A 9 1.26 -9.29 -13.14
N GLY A 10 1.68 -8.65 -12.06
CA GLY A 10 2.86 -9.10 -11.33
C GLY A 10 3.35 -8.08 -10.33
N TRP A 11 2.48 -7.69 -9.40
CA TRP A 11 2.84 -6.71 -8.39
C TRP A 11 3.55 -7.38 -7.21
N PHE A 12 4.69 -6.82 -6.83
CA PHE A 12 5.47 -7.37 -5.72
C PHE A 12 5.29 -6.53 -4.46
N PRO A 13 4.41 -6.98 -3.56
CA PRO A 13 4.14 -6.28 -2.31
C PRO A 13 5.30 -6.33 -1.33
N ALA A 14 5.18 -5.63 -0.21
CA ALA A 14 6.23 -5.61 0.80
C ALA A 14 6.51 -7.01 1.34
N SER A 15 7.67 -7.56 0.98
CA SER A 15 8.05 -8.89 1.42
C SER A 15 8.16 -8.95 2.94
N HIS A 16 7.75 -10.08 3.51
CA HIS A 16 7.80 -10.26 4.96
C HIS A 16 9.14 -10.85 5.39
N VAL A 17 9.47 -10.69 6.66
CA VAL A 17 10.72 -11.20 7.20
C VAL A 17 10.49 -12.49 8.00
N LYS A 18 10.91 -13.61 7.43
CA LYS A 18 10.76 -14.91 8.09
C LYS A 18 11.93 -15.18 9.03
N LEU A 19 11.84 -14.63 10.24
CA LEU A 19 12.89 -14.82 11.23
C LEU A 19 12.50 -15.91 12.23
N LEU A 20 13.47 -16.78 12.55
CA LEU A 20 13.23 -17.87 13.49
C LEU A 20 12.81 -17.32 14.85
N GLY A 21 11.50 -17.38 15.13
CA GLY A 21 10.99 -16.89 16.39
C GLY A 21 9.80 -17.69 16.88
N PRO A 22 9.51 -17.59 18.19
CA PRO A 22 8.38 -18.29 18.80
C PRO A 22 7.03 -17.74 18.35
N SER A 23 5.95 -18.38 18.81
CA SER A 23 4.61 -17.96 18.45
C SER A 23 3.87 -17.41 19.67
N SER A 24 4.56 -16.62 20.47
CA SER A 24 3.97 -16.03 21.66
C SER A 24 3.79 -14.53 21.50
N GLU A 25 4.81 -13.87 20.97
CA GLU A 25 4.76 -12.43 20.77
C GLU A 25 4.38 -12.10 19.32
N ARG A 26 3.85 -10.89 19.12
CA ARG A 26 3.45 -10.46 17.78
C ARG A 26 4.50 -9.53 17.18
N ALA A 27 4.74 -9.69 15.88
CA ALA A 27 5.72 -8.86 15.18
C ALA A 27 5.27 -7.39 15.13
N THR A 28 6.22 -6.49 15.28
CA THR A 28 5.92 -5.06 15.26
C THR A 28 5.92 -4.52 13.83
N PRO A 29 4.93 -3.68 13.51
CA PRO A 29 4.79 -3.08 12.18
C PRO A 29 5.88 -2.05 11.90
N ALA A 30 7.02 -2.53 11.41
CA ALA A 30 8.14 -1.65 11.10
C ALA A 30 8.14 -1.27 9.62
N PHE A 31 7.27 -0.34 9.25
CA PHE A 31 7.16 0.11 7.87
C PHE A 31 7.15 1.63 7.79
N HIS A 32 7.78 2.17 6.75
CA HIS A 32 7.84 3.61 6.56
C HIS A 32 7.27 4.00 5.19
N PRO A 33 5.98 4.38 5.17
CA PRO A 33 5.29 4.78 3.95
C PRO A 33 5.80 6.11 3.41
N VAL A 34 5.27 6.52 2.25
CA VAL A 34 5.66 7.79 1.64
C VAL A 34 4.74 8.91 2.05
N CYS A 35 3.44 8.60 2.16
CA CYS A 35 2.45 9.59 2.56
C CYS A 35 1.09 8.95 2.75
N GLN A 36 0.14 9.72 3.28
CA GLN A 36 -1.21 9.21 3.53
C GLN A 36 -2.21 9.85 2.57
N VAL A 37 -2.94 9.00 1.85
CA VAL A 37 -3.94 9.48 0.90
C VAL A 37 -5.35 9.14 1.36
N ILE A 38 -6.34 9.54 0.57
CA ILE A 38 -7.74 9.28 0.90
C ILE A 38 -8.49 8.70 -0.29
N ALA A 39 -9.32 7.69 -0.03
CA ALA A 39 -10.09 7.05 -1.09
C ALA A 39 -11.13 8.01 -1.66
N MET A 40 -11.03 8.28 -2.96
CA MET A 40 -11.95 9.17 -3.63
C MET A 40 -13.28 8.47 -3.91
N TYR A 41 -13.21 7.17 -4.16
CA TYR A 41 -14.41 6.38 -4.44
C TYR A 41 -14.36 5.03 -3.73
N ASP A 42 -15.53 4.50 -3.40
CA ASP A 42 -15.63 3.22 -2.71
C ASP A 42 -15.02 2.11 -3.56
N TYR A 43 -13.80 1.71 -3.22
CA TYR A 43 -13.12 0.65 -3.95
C TYR A 43 -13.39 -0.70 -3.33
N ALA A 44 -13.82 -1.66 -4.15
CA ALA A 44 -14.12 -3.01 -3.69
C ALA A 44 -13.24 -4.04 -4.39
N ALA A 45 -12.22 -4.51 -3.69
CA ALA A 45 -11.31 -5.50 -4.25
C ALA A 45 -12.07 -6.66 -4.87
N ASN A 46 -11.92 -6.83 -6.18
CA ASN A 46 -12.60 -7.91 -6.89
C ASN A 46 -12.09 -9.27 -6.45
N ASN A 47 -10.87 -9.28 -5.90
CA ASN A 47 -10.26 -10.52 -5.44
C ASN A 47 -9.58 -10.32 -4.09
N GLU A 48 -8.89 -11.35 -3.61
CA GLU A 48 -8.20 -11.29 -2.33
C GLU A 48 -6.82 -10.66 -2.50
N ASP A 49 -6.49 -10.28 -3.72
CA ASP A 49 -5.20 -9.66 -4.02
C ASP A 49 -5.30 -8.14 -3.93
N GLU A 50 -6.45 -7.60 -4.30
CA GLU A 50 -6.67 -6.16 -4.27
C GLU A 50 -7.15 -5.72 -2.88
N LEU A 51 -7.25 -4.41 -2.69
CA LEU A 51 -7.70 -3.86 -1.42
C LEU A 51 -9.12 -3.31 -1.53
N SER A 52 -9.98 -3.73 -0.61
CA SER A 52 -11.37 -3.28 -0.60
C SER A 52 -11.61 -2.25 0.50
N PHE A 53 -11.83 -1.00 0.09
CA PHE A 53 -12.07 0.08 1.03
C PHE A 53 -13.26 0.93 0.60
N SER A 54 -13.66 1.86 1.46
CA SER A 54 -14.80 2.73 1.17
C SER A 54 -14.33 4.18 0.98
N LYS A 55 -15.17 4.99 0.36
CA LYS A 55 -14.85 6.39 0.11
C LYS A 55 -14.48 7.10 1.40
N GLY A 56 -13.24 7.57 1.48
CA GLY A 56 -12.78 8.26 2.67
C GLY A 56 -12.10 7.33 3.65
N GLN A 57 -11.68 6.17 3.18
CA GLN A 57 -11.01 5.19 4.03
C GLN A 57 -9.57 5.61 4.31
N LEU A 58 -9.00 5.09 5.40
CA LEU A 58 -7.63 5.42 5.77
C LEU A 58 -6.64 4.60 4.96
N ILE A 59 -6.07 5.22 3.93
CA ILE A 59 -5.10 4.55 3.07
C ILE A 59 -3.76 5.28 3.10
N ASN A 60 -2.70 4.54 3.42
CA ASN A 60 -1.35 5.10 3.48
C ASN A 60 -0.46 4.48 2.43
N VAL A 61 -0.14 5.25 1.39
CA VAL A 61 0.72 4.75 0.32
C VAL A 61 2.09 4.38 0.84
N MET A 62 2.45 3.11 0.71
CA MET A 62 3.74 2.61 1.18
C MET A 62 4.57 2.09 0.01
N ASN A 63 3.91 1.45 -0.95
CA ASN A 63 4.58 0.91 -2.11
C ASN A 63 3.98 1.46 -3.41
N LYS A 64 4.45 2.62 -3.82
CA LYS A 64 3.95 3.26 -5.04
C LYS A 64 4.94 3.07 -6.18
N ASP A 65 5.70 1.99 -6.13
CA ASP A 65 6.68 1.69 -7.16
C ASP A 65 6.18 2.13 -8.53
N ASP A 66 4.94 1.78 -8.85
CA ASP A 66 4.34 2.15 -10.13
C ASP A 66 3.44 3.37 -9.97
N PRO A 67 3.60 4.34 -10.88
CA PRO A 67 2.81 5.57 -10.86
C PRO A 67 1.35 5.34 -11.25
N ASP A 68 1.05 4.12 -11.69
CA ASP A 68 -0.30 3.77 -12.09
C ASP A 68 -1.06 3.16 -10.92
N TRP A 69 -0.42 2.24 -10.21
CA TRP A 69 -1.04 1.59 -9.06
C TRP A 69 -0.24 1.82 -7.80
N TRP A 70 -0.93 2.01 -6.68
CA TRP A 70 -0.27 2.24 -5.39
C TRP A 70 -0.74 1.22 -4.35
N GLN A 71 0.10 1.01 -3.34
CA GLN A 71 -0.22 0.07 -2.27
C GLN A 71 -0.36 0.78 -0.93
N GLY A 72 -1.51 0.58 -0.28
CA GLY A 72 -1.74 1.21 1.00
C GLY A 72 -2.26 0.24 2.03
N GLU A 73 -2.29 0.67 3.30
CA GLU A 73 -2.77 -0.17 4.38
C GLU A 73 -4.01 0.43 5.03
N ILE A 74 -4.80 -0.42 5.70
CA ILE A 74 -6.02 0.03 6.36
C ILE A 74 -6.37 -0.87 7.53
N ASN A 75 -6.13 -0.39 8.74
CA ASN A 75 -6.43 -1.17 9.94
C ASN A 75 -5.72 -2.51 9.91
N GLY A 76 -4.45 -2.50 9.50
CA GLY A 76 -3.68 -3.73 9.43
C GLY A 76 -4.00 -4.55 8.18
N VAL A 77 -4.70 -3.93 7.24
CA VAL A 77 -5.06 -4.61 6.00
C VAL A 77 -4.29 -4.03 4.82
N THR A 78 -3.71 -4.92 4.01
CA THR A 78 -2.95 -4.50 2.84
C THR A 78 -3.52 -5.10 1.57
N GLY A 79 -3.44 -4.34 0.47
CA GLY A 79 -3.96 -4.82 -0.80
C GLY A 79 -3.39 -4.05 -1.98
N LEU A 80 -4.21 -3.89 -3.02
CA LEU A 80 -3.78 -3.16 -4.21
C LEU A 80 -4.89 -2.24 -4.71
N PHE A 81 -4.48 -1.10 -5.28
CA PHE A 81 -5.44 -0.13 -5.80
C PHE A 81 -4.75 0.87 -6.71
N PRO A 82 -5.51 1.44 -7.66
CA PRO A 82 -5.00 2.41 -8.62
C PRO A 82 -4.67 3.75 -7.95
N SER A 83 -3.64 4.42 -8.46
CA SER A 83 -3.23 5.71 -7.92
C SER A 83 -4.17 6.82 -8.37
N ASN A 84 -5.25 6.43 -9.03
CA ASN A 84 -6.24 7.40 -9.51
C ASN A 84 -7.49 7.37 -8.64
N TYR A 85 -7.53 6.44 -7.70
CA TYR A 85 -8.68 6.31 -6.80
C TYR A 85 -8.37 6.92 -5.44
N VAL A 86 -7.18 7.50 -5.31
CA VAL A 86 -6.77 8.12 -4.06
C VAL A 86 -6.16 9.50 -4.30
N LYS A 87 -6.31 10.38 -3.32
CA LYS A 87 -5.78 11.74 -3.44
C LYS A 87 -5.05 12.14 -2.14
N MET A 88 -3.86 12.70 -2.30
CA MET A 88 -3.07 13.13 -1.15
C MET A 88 -3.91 13.99 -0.21
N THR A 89 -3.90 13.65 1.07
CA THR A 89 -4.65 14.38 2.07
C THR A 89 -4.06 15.76 2.31
N THR A 90 -2.72 15.83 2.30
CA THR A 90 -2.02 17.09 2.52
C THR A 90 -2.27 17.61 3.93
N ASP A 91 -2.53 16.71 4.86
CA ASP A 91 -2.77 17.08 6.24
C ASP A 91 -1.48 17.47 6.94
N SER A 92 -1.38 18.74 7.33
CA SER A 92 -0.19 19.25 7.99
C SER A 92 -0.35 19.18 9.52
N SER A 93 0.77 19.07 10.23
CA SER A 93 0.75 18.99 11.68
C SER A 93 -0.25 19.98 12.27
N GLY A 94 -1.07 19.49 13.19
CA GLY A 94 -2.06 20.35 13.81
C GLY A 94 -1.64 20.82 15.20
N PRO A 95 -1.73 19.91 16.18
CA PRO A 95 -1.36 20.22 17.57
C PRO A 95 0.15 20.39 17.74
N SER A 96 0.55 21.59 18.16
CA SER A 96 1.96 21.90 18.36
C SER A 96 2.30 21.96 19.85
N SER A 97 1.76 21.02 20.61
CA SER A 97 2.00 20.97 22.05
C SER A 97 3.49 20.81 22.35
N GLY A 98 4.01 21.66 23.22
CA GLY A 98 5.41 21.60 23.58
C GLY A 98 5.65 21.93 25.04
N GLY A 1 12.49 -24.70 6.33
CA GLY A 1 12.31 -25.06 4.94
C GLY A 1 12.47 -23.87 4.01
N SER A 2 13.67 -23.73 3.45
CA SER A 2 13.95 -22.61 2.54
C SER A 2 13.01 -22.64 1.35
N SER A 3 12.82 -23.82 0.77
CA SER A 3 11.93 -23.97 -0.39
C SER A 3 12.15 -22.85 -1.39
N GLY A 4 13.42 -22.49 -1.59
CA GLY A 4 13.74 -21.43 -2.54
C GLY A 4 14.23 -20.18 -1.84
N SER A 5 14.45 -19.12 -2.62
CA SER A 5 14.93 -17.85 -2.07
C SER A 5 13.87 -17.19 -1.21
N SER A 6 14.03 -17.30 0.10
CA SER A 6 13.08 -16.72 1.04
C SER A 6 13.09 -15.19 0.95
N GLY A 7 12.05 -14.65 0.34
CA GLY A 7 11.96 -13.20 0.19
C GLY A 7 10.92 -12.79 -0.83
N GLN A 8 9.74 -13.41 -0.76
CA GLN A 8 8.65 -13.11 -1.68
C GLN A 8 7.61 -12.21 -1.03
N LYS A 9 7.32 -11.08 -1.66
CA LYS A 9 6.34 -10.13 -1.14
C LYS A 9 5.05 -10.18 -1.95
N GLY A 10 5.19 -10.06 -3.27
CA GLY A 10 4.03 -10.08 -4.15
C GLY A 10 4.04 -8.96 -5.16
N TRP A 11 4.36 -7.75 -4.69
CA TRP A 11 4.40 -6.58 -5.57
C TRP A 11 5.65 -6.61 -6.45
N PHE A 12 5.45 -6.39 -7.75
CA PHE A 12 6.56 -6.39 -8.70
C PHE A 12 6.59 -5.09 -9.49
N PRO A 13 7.79 -4.53 -9.68
CA PRO A 13 7.98 -3.29 -10.43
C PRO A 13 7.71 -3.46 -11.92
N ALA A 14 7.86 -2.37 -12.68
CA ALA A 14 7.64 -2.40 -14.12
C ALA A 14 8.87 -1.90 -14.87
N SER A 15 10.02 -1.91 -14.21
CA SER A 15 11.26 -1.46 -14.81
C SER A 15 12.25 -2.61 -14.95
N HIS A 16 13.25 -2.43 -15.82
CA HIS A 16 14.26 -3.45 -16.05
C HIS A 16 15.59 -3.03 -15.45
N VAL A 17 15.97 -3.68 -14.34
CA VAL A 17 17.24 -3.37 -13.67
C VAL A 17 18.27 -4.45 -13.94
N LYS A 18 19.52 -4.03 -14.08
CA LYS A 18 20.62 -4.96 -14.34
C LYS A 18 21.67 -4.88 -13.24
N LEU A 19 21.22 -4.64 -12.01
CA LEU A 19 22.12 -4.54 -10.87
C LEU A 19 21.93 -5.71 -9.91
N LEU A 20 23.01 -6.15 -9.28
CA LEU A 20 22.95 -7.26 -8.34
C LEU A 20 24.18 -7.26 -7.42
N GLY A 21 23.96 -7.62 -6.16
CA GLY A 21 25.06 -7.66 -5.20
C GLY A 21 24.62 -8.16 -3.85
N PRO A 22 25.61 -8.43 -2.97
CA PRO A 22 25.34 -8.93 -1.62
C PRO A 22 24.71 -7.88 -0.72
N SER A 23 23.43 -8.07 -0.40
CA SER A 23 22.70 -7.13 0.44
C SER A 23 22.25 -7.80 1.73
N SER A 24 21.82 -6.99 2.70
CA SER A 24 21.37 -7.50 3.99
C SER A 24 19.85 -7.64 4.01
N GLU A 25 19.34 -8.34 5.01
CA GLU A 25 17.91 -8.54 5.15
C GLU A 25 17.38 -7.90 6.44
N ARG A 26 16.39 -7.02 6.29
CA ARG A 26 15.81 -6.34 7.44
C ARG A 26 14.58 -7.09 7.95
N ALA A 27 14.45 -7.18 9.27
CA ALA A 27 13.32 -7.86 9.88
C ALA A 27 12.60 -6.96 10.88
N THR A 28 12.68 -5.65 10.63
CA THR A 28 12.04 -4.68 11.52
C THR A 28 10.52 -4.74 11.39
N PRO A 29 9.83 -4.88 12.53
CA PRO A 29 8.37 -4.94 12.57
C PRO A 29 7.71 -3.62 12.23
N ALA A 30 8.39 -2.52 12.57
CA ALA A 30 7.86 -1.19 12.29
C ALA A 30 8.00 -0.85 10.82
N PHE A 31 6.92 -0.34 10.22
CA PHE A 31 6.92 0.02 8.81
C PHE A 31 6.87 1.53 8.64
N HIS A 32 7.41 2.02 7.53
CA HIS A 32 7.42 3.45 7.25
C HIS A 32 6.94 3.72 5.82
N PRO A 33 5.69 4.19 5.70
CA PRO A 33 5.08 4.51 4.41
C PRO A 33 5.71 5.74 3.75
N VAL A 34 5.39 5.96 2.48
CA VAL A 34 5.92 7.10 1.75
C VAL A 34 5.03 8.33 1.92
N CYS A 35 3.73 8.11 1.96
CA CYS A 35 2.77 9.19 2.12
C CYS A 35 1.40 8.66 2.57
N GLN A 36 0.48 9.57 2.84
CA GLN A 36 -0.87 9.19 3.28
C GLN A 36 -1.93 9.79 2.35
N VAL A 37 -2.76 8.92 1.79
CA VAL A 37 -3.81 9.36 0.88
C VAL A 37 -5.18 8.85 1.34
N ILE A 38 -6.23 9.33 0.68
CA ILE A 38 -7.59 8.92 1.03
C ILE A 38 -8.35 8.44 -0.21
N ALA A 39 -9.26 7.49 0.00
CA ALA A 39 -10.06 6.95 -1.09
C ALA A 39 -11.05 7.99 -1.62
N MET A 40 -11.06 8.17 -2.94
CA MET A 40 -11.95 9.13 -3.57
C MET A 40 -13.31 8.50 -3.85
N TYR A 41 -13.31 7.19 -4.10
CA TYR A 41 -14.54 6.47 -4.39
C TYR A 41 -14.55 5.12 -3.68
N ASP A 42 -15.76 4.56 -3.52
CA ASP A 42 -15.90 3.27 -2.86
C ASP A 42 -15.27 2.16 -3.69
N TYR A 43 -14.05 1.79 -3.32
CA TYR A 43 -13.32 0.73 -4.02
C TYR A 43 -13.62 -0.63 -3.43
N ALA A 44 -14.01 -1.58 -4.28
CA ALA A 44 -14.33 -2.93 -3.85
C ALA A 44 -13.42 -3.95 -4.51
N ALA A 45 -12.41 -4.38 -3.78
CA ALA A 45 -11.45 -5.37 -4.29
C ALA A 45 -12.18 -6.54 -4.94
N ASN A 46 -11.83 -6.83 -6.20
CA ASN A 46 -12.44 -7.92 -6.94
C ASN A 46 -11.98 -9.27 -6.40
N ASN A 47 -10.96 -9.24 -5.54
CA ASN A 47 -10.42 -10.46 -4.95
C ASN A 47 -9.46 -10.13 -3.81
N GLU A 48 -9.19 -11.13 -2.97
CA GLU A 48 -8.28 -10.95 -1.84
C GLU A 48 -6.97 -10.32 -2.28
N ASP A 49 -6.70 -10.36 -3.59
CA ASP A 49 -5.48 -9.79 -4.14
C ASP A 49 -5.52 -8.28 -4.09
N GLU A 50 -6.72 -7.71 -4.27
CA GLU A 50 -6.89 -6.26 -4.24
C GLU A 50 -7.33 -5.79 -2.86
N LEU A 51 -7.39 -4.47 -2.67
CA LEU A 51 -7.79 -3.90 -1.39
C LEU A 51 -9.20 -3.32 -1.49
N SER A 52 -10.05 -3.70 -0.55
CA SER A 52 -11.43 -3.22 -0.53
C SER A 52 -11.61 -2.14 0.52
N PHE A 53 -12.03 -0.95 0.09
CA PHE A 53 -12.24 0.17 0.98
C PHE A 53 -13.44 1.01 0.55
N SER A 54 -13.81 1.98 1.36
CA SER A 54 -14.93 2.85 1.06
C SER A 54 -14.50 4.31 1.02
N LYS A 55 -15.07 5.07 0.09
CA LYS A 55 -14.73 6.49 -0.06
C LYS A 55 -14.45 7.12 1.30
N GLY A 56 -13.25 7.65 1.46
CA GLY A 56 -12.88 8.29 2.71
C GLY A 56 -12.20 7.33 3.67
N GLN A 57 -11.61 6.26 3.13
CA GLN A 57 -10.94 5.26 3.93
C GLN A 57 -9.50 5.68 4.24
N LEU A 58 -8.93 5.13 5.30
CA LEU A 58 -7.57 5.45 5.70
C LEU A 58 -6.57 4.61 4.91
N ILE A 59 -5.89 5.26 3.96
CA ILE A 59 -4.90 4.58 3.13
C ILE A 59 -3.53 5.23 3.26
N ASN A 60 -2.51 4.42 3.50
CA ASN A 60 -1.15 4.92 3.65
C ASN A 60 -0.22 4.29 2.61
N VAL A 61 0.05 5.03 1.54
CA VAL A 61 0.91 4.55 0.48
C VAL A 61 2.29 4.18 1.02
N MET A 62 2.72 2.95 0.78
CA MET A 62 4.01 2.48 1.24
C MET A 62 4.97 2.29 0.07
N ASN A 63 4.44 1.82 -1.06
CA ASN A 63 5.25 1.60 -2.26
C ASN A 63 4.50 2.03 -3.51
N LYS A 64 4.91 3.15 -4.09
CA LYS A 64 4.27 3.66 -5.30
C LYS A 64 5.26 3.72 -6.45
N ASP A 65 6.07 2.67 -6.58
CA ASP A 65 7.07 2.61 -7.65
C ASP A 65 6.44 2.88 -9.01
N ASP A 66 5.17 2.48 -9.14
CA ASP A 66 4.45 2.68 -10.40
C ASP A 66 3.38 3.75 -10.24
N PRO A 67 3.40 4.76 -11.13
CA PRO A 67 2.45 5.86 -11.11
C PRO A 67 1.04 5.42 -11.52
N ASP A 68 0.90 4.13 -11.81
CA ASP A 68 -0.40 3.58 -12.20
C ASP A 68 -1.15 3.03 -10.99
N TRP A 69 -0.47 2.21 -10.21
CA TRP A 69 -1.08 1.61 -9.02
C TRP A 69 -0.22 1.86 -7.79
N TRP A 70 -0.87 2.03 -6.64
CA TRP A 70 -0.15 2.26 -5.40
C TRP A 70 -0.57 1.24 -4.33
N GLN A 71 0.32 1.02 -3.37
CA GLN A 71 0.05 0.07 -2.29
C GLN A 71 -0.13 0.79 -0.96
N GLY A 72 -1.26 0.53 -0.31
CA GLY A 72 -1.54 1.17 0.97
C GLY A 72 -2.08 0.19 1.99
N GLU A 73 -2.33 0.69 3.20
CA GLU A 73 -2.86 -0.16 4.27
C GLU A 73 -4.12 0.45 4.88
N ILE A 74 -4.92 -0.38 5.53
CA ILE A 74 -6.16 0.07 6.14
C ILE A 74 -6.55 -0.83 7.30
N ASN A 75 -6.36 -0.34 8.53
CA ASN A 75 -6.70 -1.11 9.72
C ASN A 75 -5.93 -2.42 9.77
N GLY A 76 -4.62 -2.33 9.56
CA GLY A 76 -3.79 -3.52 9.58
C GLY A 76 -3.98 -4.39 8.36
N VAL A 77 -4.70 -3.87 7.37
CA VAL A 77 -4.97 -4.61 6.14
C VAL A 77 -4.17 -4.03 4.97
N THR A 78 -3.69 -4.92 4.10
CA THR A 78 -2.92 -4.51 2.94
C THR A 78 -3.49 -5.08 1.66
N GLY A 79 -3.33 -4.36 0.56
CA GLY A 79 -3.83 -4.82 -0.72
C GLY A 79 -3.26 -4.04 -1.89
N LEU A 80 -4.00 -4.01 -3.00
CA LEU A 80 -3.55 -3.29 -4.19
C LEU A 80 -4.68 -2.43 -4.74
N PHE A 81 -4.33 -1.20 -5.14
CA PHE A 81 -5.32 -0.28 -5.70
C PHE A 81 -4.65 0.74 -6.61
N PRO A 82 -5.41 1.27 -7.58
CA PRO A 82 -4.92 2.26 -8.53
C PRO A 82 -4.64 3.61 -7.88
N SER A 83 -3.62 4.30 -8.36
CA SER A 83 -3.24 5.61 -7.83
C SER A 83 -4.21 6.68 -8.29
N ASN A 84 -5.27 6.26 -9.00
CA ASN A 84 -6.27 7.18 -9.50
C ASN A 84 -7.55 7.12 -8.66
N TYR A 85 -7.52 6.29 -7.62
CA TYR A 85 -8.67 6.12 -6.74
C TYR A 85 -8.37 6.68 -5.36
N VAL A 86 -7.32 7.50 -5.26
CA VAL A 86 -6.93 8.09 -3.99
C VAL A 86 -6.48 9.54 -4.18
N LYS A 87 -6.69 10.35 -3.15
CA LYS A 87 -6.30 11.76 -3.20
C LYS A 87 -5.41 12.12 -2.00
N MET A 88 -4.24 12.68 -2.29
CA MET A 88 -3.30 13.07 -1.25
C MET A 88 -3.98 13.97 -0.22
N THR A 89 -4.20 13.43 0.98
CA THR A 89 -4.85 14.18 2.04
C THR A 89 -4.23 15.57 2.19
N THR A 90 -2.90 15.63 2.10
CA THR A 90 -2.19 16.90 2.22
C THR A 90 -2.46 17.55 3.58
N ASP A 91 -2.51 16.73 4.63
CA ASP A 91 -2.75 17.23 5.97
C ASP A 91 -1.84 18.41 6.29
N SER A 92 -0.55 18.24 6.01
CA SER A 92 0.43 19.29 6.28
C SER A 92 0.79 20.03 5.00
N SER A 93 0.82 21.35 5.06
CA SER A 93 1.15 22.17 3.90
C SER A 93 2.61 22.63 3.95
N GLY A 94 3.22 22.75 2.79
CA GLY A 94 4.61 23.17 2.71
C GLY A 94 5.55 22.19 3.39
N PRO A 95 6.73 21.99 2.79
CA PRO A 95 7.75 21.07 3.32
C PRO A 95 8.37 21.58 4.61
N SER A 96 8.96 20.66 5.38
CA SER A 96 9.59 21.01 6.65
C SER A 96 10.66 22.08 6.44
N SER A 97 10.62 23.12 7.26
CA SER A 97 11.58 24.22 7.17
C SER A 97 12.53 24.22 8.37
N GLY A 98 13.64 23.49 8.23
CA GLY A 98 14.60 23.41 9.31
C GLY A 98 14.74 22.01 9.87
N GLY A 1 18.66 -11.00 -0.03
CA GLY A 1 18.28 -12.37 0.27
C GLY A 1 19.43 -13.33 0.14
N SER A 2 19.36 -14.20 -0.86
CA SER A 2 20.41 -15.19 -1.10
C SER A 2 21.26 -14.80 -2.29
N SER A 3 22.54 -14.50 -2.03
CA SER A 3 23.46 -14.11 -3.09
C SER A 3 23.35 -15.06 -4.28
N GLY A 4 23.06 -14.50 -5.46
CA GLY A 4 22.94 -15.31 -6.65
C GLY A 4 21.93 -14.73 -7.64
N SER A 5 20.76 -15.36 -7.71
CA SER A 5 19.71 -14.90 -8.61
C SER A 5 19.06 -13.63 -8.10
N SER A 6 19.21 -12.54 -8.86
CA SER A 6 18.64 -11.26 -8.48
C SER A 6 18.54 -10.33 -9.69
N GLY A 7 17.79 -9.24 -9.53
CA GLY A 7 17.62 -8.29 -10.61
C GLY A 7 16.17 -8.09 -10.99
N GLN A 8 15.31 -7.97 -9.98
CA GLN A 8 13.88 -7.77 -10.21
C GLN A 8 13.41 -6.45 -9.61
N LYS A 9 12.46 -5.81 -10.28
CA LYS A 9 11.92 -4.54 -9.82
C LYS A 9 11.49 -4.63 -8.35
N GLY A 10 10.83 -5.74 -8.01
CA GLY A 10 10.38 -5.93 -6.64
C GLY A 10 9.01 -5.34 -6.40
N TRP A 11 8.13 -5.47 -7.39
CA TRP A 11 6.77 -4.93 -7.29
C TRP A 11 5.75 -6.04 -7.46
N PHE A 12 4.78 -6.09 -6.55
CA PHE A 12 3.72 -7.11 -6.61
C PHE A 12 2.50 -6.59 -7.37
N PRO A 13 2.32 -7.09 -8.60
CA PRO A 13 1.20 -6.69 -9.45
C PRO A 13 -0.13 -7.21 -8.94
N ALA A 14 -1.18 -7.05 -9.73
CA ALA A 14 -2.51 -7.50 -9.35
C ALA A 14 -2.89 -8.77 -10.10
N SER A 15 -1.93 -9.69 -10.21
CA SER A 15 -2.16 -10.96 -10.91
C SER A 15 -2.20 -12.12 -9.92
N HIS A 16 -2.86 -13.20 -10.33
CA HIS A 16 -2.97 -14.39 -9.48
C HIS A 16 -1.60 -15.02 -9.23
N VAL A 17 -1.37 -15.47 -8.00
CA VAL A 17 -0.11 -16.09 -7.64
C VAL A 17 -0.28 -17.60 -7.44
N LYS A 18 0.77 -18.36 -7.77
CA LYS A 18 0.75 -19.81 -7.63
C LYS A 18 1.98 -20.30 -6.89
N LEU A 19 2.41 -19.53 -5.89
CA LEU A 19 3.59 -19.89 -5.11
C LEU A 19 3.19 -20.27 -3.68
N LEU A 20 3.50 -21.50 -3.30
CA LEU A 20 3.18 -21.97 -1.95
C LEU A 20 3.66 -20.99 -0.90
N GLY A 21 2.99 -21.00 0.25
CA GLY A 21 3.37 -20.10 1.33
C GLY A 21 4.68 -20.49 1.98
N PRO A 22 5.47 -19.49 2.40
CA PRO A 22 6.77 -19.72 3.04
C PRO A 22 6.64 -20.33 4.42
N SER A 23 7.75 -20.81 4.96
CA SER A 23 7.76 -21.42 6.29
C SER A 23 7.42 -20.40 7.37
N SER A 24 8.07 -19.24 7.30
CA SER A 24 7.85 -18.18 8.28
C SER A 24 7.89 -16.81 7.60
N GLU A 25 6.79 -16.07 7.72
CA GLU A 25 6.69 -14.75 7.12
C GLU A 25 7.55 -13.75 7.89
N ARG A 26 8.56 -13.20 7.23
CA ARG A 26 9.47 -12.24 7.85
C ARG A 26 9.00 -10.82 7.55
N ALA A 27 8.90 -10.00 8.61
CA ALA A 27 8.48 -8.61 8.46
C ALA A 27 8.72 -7.83 9.74
N THR A 28 9.15 -6.58 9.60
CA THR A 28 9.42 -5.73 10.75
C THR A 28 8.13 -5.23 11.38
N PRO A 29 8.10 -5.16 12.72
CA PRO A 29 6.94 -4.71 13.47
C PRO A 29 6.69 -3.21 13.30
N ALA A 30 7.65 -2.52 12.68
CA ALA A 30 7.53 -1.08 12.46
C ALA A 30 7.32 -0.78 10.98
N PHE A 31 6.12 -0.34 10.63
CA PHE A 31 5.81 -0.01 9.25
C PHE A 31 5.88 1.49 9.00
N HIS A 32 6.60 1.89 7.97
CA HIS A 32 6.75 3.31 7.64
C HIS A 32 6.45 3.55 6.16
N PRO A 33 5.24 4.05 5.88
CA PRO A 33 4.81 4.33 4.51
C PRO A 33 5.53 5.53 3.91
N VAL A 34 5.30 5.77 2.62
CA VAL A 34 5.93 6.89 1.93
C VAL A 34 5.05 8.13 1.96
N CYS A 35 3.73 7.92 1.97
CA CYS A 35 2.78 9.02 2.00
C CYS A 35 1.39 8.53 2.35
N GLN A 36 0.54 9.44 2.81
CA GLN A 36 -0.83 9.09 3.18
C GLN A 36 -1.84 9.73 2.24
N VAL A 37 -2.73 8.92 1.69
CA VAL A 37 -3.75 9.41 0.76
C VAL A 37 -5.15 9.06 1.25
N ILE A 38 -6.16 9.51 0.50
CA ILE A 38 -7.54 9.24 0.87
C ILE A 38 -8.33 8.71 -0.33
N ALA A 39 -9.14 7.69 -0.09
CA ALA A 39 -9.95 7.09 -1.14
C ALA A 39 -10.94 8.10 -1.70
N MET A 40 -11.07 8.14 -3.03
CA MET A 40 -11.99 9.05 -3.70
C MET A 40 -13.35 8.40 -3.92
N TYR A 41 -13.33 7.09 -4.21
CA TYR A 41 -14.56 6.35 -4.45
C TYR A 41 -14.53 5.00 -3.75
N ASP A 42 -15.70 4.50 -3.37
CA ASP A 42 -15.80 3.22 -2.70
C ASP A 42 -15.18 2.11 -3.53
N TYR A 43 -13.96 1.71 -3.18
CA TYR A 43 -13.25 0.66 -3.89
C TYR A 43 -13.57 -0.71 -3.30
N ALA A 44 -13.91 -1.65 -4.17
CA ALA A 44 -14.23 -3.01 -3.74
C ALA A 44 -13.38 -4.04 -4.46
N ALA A 45 -12.37 -4.55 -3.78
CA ALA A 45 -11.48 -5.56 -4.36
C ALA A 45 -12.24 -6.80 -4.79
N ASN A 46 -12.15 -7.15 -6.07
CA ASN A 46 -12.84 -8.32 -6.59
C ASN A 46 -12.33 -9.59 -5.94
N ASN A 47 -11.15 -9.51 -5.32
CA ASN A 47 -10.54 -10.65 -4.66
C ASN A 47 -9.55 -10.20 -3.59
N GLU A 48 -9.00 -11.16 -2.87
CA GLU A 48 -8.03 -10.87 -1.82
C GLU A 48 -6.82 -10.13 -2.39
N ASP A 49 -6.48 -10.43 -3.63
CA ASP A 49 -5.35 -9.80 -4.29
C ASP A 49 -5.46 -8.28 -4.23
N GLU A 50 -6.69 -7.78 -4.34
CA GLU A 50 -6.94 -6.34 -4.30
C GLU A 50 -7.38 -5.90 -2.91
N LEU A 51 -7.51 -4.59 -2.72
CA LEU A 51 -7.92 -4.04 -1.43
C LEU A 51 -9.33 -3.46 -1.51
N SER A 52 -10.15 -3.78 -0.52
CA SER A 52 -11.52 -3.28 -0.48
C SER A 52 -11.69 -2.20 0.58
N PHE A 53 -12.06 -1.01 0.15
CA PHE A 53 -12.25 0.11 1.06
C PHE A 53 -13.42 0.99 0.61
N SER A 54 -13.78 1.95 1.45
CA SER A 54 -14.88 2.86 1.15
C SER A 54 -14.38 4.29 0.95
N LYS A 55 -15.19 5.11 0.28
CA LYS A 55 -14.83 6.50 0.03
C LYS A 55 -14.42 7.20 1.33
N GLY A 56 -13.16 7.60 1.40
CA GLY A 56 -12.67 8.28 2.59
C GLY A 56 -12.06 7.32 3.60
N GLN A 57 -11.55 6.20 3.10
CA GLN A 57 -10.93 5.19 3.97
C GLN A 57 -9.51 5.58 4.31
N LEU A 58 -8.95 4.94 5.32
CA LEU A 58 -7.58 5.21 5.75
C LEU A 58 -6.58 4.41 4.95
N ILE A 59 -5.85 5.09 4.07
CA ILE A 59 -4.85 4.43 3.23
C ILE A 59 -3.48 5.09 3.38
N ASN A 60 -2.45 4.28 3.53
CA ASN A 60 -1.09 4.78 3.68
C ASN A 60 -0.18 4.23 2.59
N VAL A 61 0.02 5.01 1.53
CA VAL A 61 0.87 4.60 0.42
C VAL A 61 2.28 4.28 0.91
N MET A 62 2.68 3.02 0.74
CA MET A 62 4.01 2.58 1.16
C MET A 62 4.95 2.51 -0.04
N ASN A 63 4.43 2.03 -1.17
CA ASN A 63 5.23 1.91 -2.38
C ASN A 63 4.47 2.43 -3.59
N LYS A 64 4.82 3.64 -4.02
CA LYS A 64 4.17 4.25 -5.18
C LYS A 64 5.12 4.33 -6.36
N ASP A 65 5.98 3.34 -6.49
CA ASP A 65 6.94 3.29 -7.59
C ASP A 65 6.25 3.46 -8.93
N ASP A 66 5.07 2.85 -9.06
CA ASP A 66 4.30 2.93 -10.30
C ASP A 66 3.21 3.99 -10.19
N PRO A 67 3.26 4.97 -11.11
CA PRO A 67 2.28 6.06 -11.13
C PRO A 67 0.89 5.59 -11.56
N ASP A 68 0.76 4.29 -11.79
CA ASP A 68 -0.51 3.71 -12.21
C ASP A 68 -1.23 3.07 -11.02
N TRP A 69 -0.48 2.29 -10.24
CA TRP A 69 -1.04 1.61 -9.07
C TRP A 69 -0.18 1.84 -7.84
N TRP A 70 -0.82 1.98 -6.69
CA TRP A 70 -0.12 2.21 -5.44
C TRP A 70 -0.52 1.17 -4.39
N GLN A 71 0.30 1.05 -3.35
CA GLN A 71 0.04 0.09 -2.28
C GLN A 71 -0.15 0.80 -0.95
N GLY A 72 -1.26 0.52 -0.27
CA GLY A 72 -1.53 1.14 1.01
C GLY A 72 -2.09 0.16 2.02
N GLU A 73 -2.32 0.64 3.25
CA GLU A 73 -2.86 -0.21 4.31
C GLU A 73 -4.15 0.39 4.87
N ILE A 74 -4.98 -0.47 5.46
CA ILE A 74 -6.23 -0.03 6.05
C ILE A 74 -6.63 -0.90 7.22
N ASN A 75 -6.47 -0.36 8.43
CA ASN A 75 -6.81 -1.11 9.64
C ASN A 75 -6.02 -2.40 9.74
N GLY A 76 -4.71 -2.31 9.53
CA GLY A 76 -3.86 -3.47 9.60
C GLY A 76 -4.00 -4.37 8.38
N VAL A 77 -4.73 -3.89 7.39
CA VAL A 77 -4.96 -4.65 6.16
C VAL A 77 -4.13 -4.08 5.01
N THR A 78 -3.74 -4.94 4.08
CA THR A 78 -2.94 -4.53 2.93
C THR A 78 -3.52 -5.10 1.64
N GLY A 79 -3.33 -4.37 0.54
CA GLY A 79 -3.83 -4.82 -0.74
C GLY A 79 -3.27 -4.02 -1.90
N LEU A 80 -3.94 -4.07 -3.03
CA LEU A 80 -3.51 -3.34 -4.23
C LEU A 80 -4.63 -2.49 -4.79
N PHE A 81 -4.31 -1.25 -5.14
CA PHE A 81 -5.30 -0.33 -5.70
C PHE A 81 -4.63 0.70 -6.61
N PRO A 82 -5.40 1.23 -7.57
CA PRO A 82 -4.92 2.24 -8.52
C PRO A 82 -4.63 3.58 -7.85
N SER A 83 -3.60 4.26 -8.33
CA SER A 83 -3.22 5.57 -7.78
C SER A 83 -4.18 6.65 -8.25
N ASN A 84 -5.23 6.25 -8.95
CA ASN A 84 -6.23 7.18 -9.45
C ASN A 84 -7.48 7.19 -8.57
N TYR A 85 -7.57 6.20 -7.68
CA TYR A 85 -8.70 6.09 -6.78
C TYR A 85 -8.38 6.69 -5.42
N VAL A 86 -7.39 7.58 -5.39
CA VAL A 86 -6.99 8.23 -4.14
C VAL A 86 -6.41 9.61 -4.42
N LYS A 87 -6.57 10.52 -3.46
CA LYS A 87 -6.06 11.88 -3.59
C LYS A 87 -5.15 12.23 -2.41
N MET A 88 -4.07 12.96 -2.71
CA MET A 88 -3.13 13.36 -1.68
C MET A 88 -3.83 14.15 -0.58
N THR A 89 -3.76 13.64 0.65
CA THR A 89 -4.39 14.31 1.79
C THR A 89 -3.66 15.60 2.14
N THR A 90 -2.33 15.54 2.14
CA THR A 90 -1.51 16.70 2.47
C THR A 90 -1.68 17.09 3.93
N ASP A 91 -1.75 16.09 4.81
CA ASP A 91 -1.90 16.33 6.23
C ASP A 91 -0.55 16.34 6.94
N SER A 92 -0.28 17.40 7.69
CA SER A 92 0.98 17.54 8.41
C SER A 92 1.03 16.59 9.59
N SER A 93 1.96 15.64 9.56
CA SER A 93 2.12 14.67 10.62
C SER A 93 3.48 14.81 11.30
N GLY A 94 3.48 15.40 12.49
CA GLY A 94 4.72 15.59 13.23
C GLY A 94 4.56 15.30 14.71
N PRO A 95 5.34 16.01 15.54
CA PRO A 95 5.30 15.85 16.99
C PRO A 95 4.00 16.36 17.60
N SER A 96 3.46 15.61 18.57
CA SER A 96 2.22 15.98 19.23
C SER A 96 2.46 16.33 20.69
N SER A 97 2.49 17.63 20.99
CA SER A 97 2.73 18.09 22.34
C SER A 97 1.52 17.79 23.23
N GLY A 98 1.80 17.32 24.45
CA GLY A 98 0.74 17.00 25.38
C GLY A 98 1.16 15.97 26.41
N GLY A 1 6.47 -24.14 -18.33
CA GLY A 1 6.34 -23.34 -17.13
C GLY A 1 4.88 -23.06 -16.77
N SER A 2 4.30 -23.94 -15.97
CA SER A 2 2.91 -23.78 -15.55
C SER A 2 2.63 -22.36 -15.08
N SER A 3 3.45 -21.88 -14.14
CA SER A 3 3.28 -20.54 -13.60
C SER A 3 4.64 -19.89 -13.39
N GLY A 4 4.66 -18.55 -13.39
CA GLY A 4 5.90 -17.83 -13.19
C GLY A 4 5.74 -16.66 -12.24
N SER A 5 6.85 -16.22 -11.65
CA SER A 5 6.82 -15.11 -10.71
C SER A 5 6.43 -13.81 -11.40
N SER A 6 5.34 -13.20 -10.94
CA SER A 6 4.85 -11.96 -11.52
C SER A 6 5.81 -10.81 -11.22
N GLY A 7 5.51 -9.64 -11.78
CA GLY A 7 6.35 -8.48 -11.57
C GLY A 7 6.25 -7.48 -12.69
N GLN A 8 5.39 -6.48 -12.52
CA GLN A 8 5.20 -5.45 -13.54
C GLN A 8 6.04 -4.21 -13.23
N LYS A 9 6.90 -3.84 -14.18
CA LYS A 9 7.76 -2.67 -14.01
C LYS A 9 8.46 -2.70 -12.65
N GLY A 10 8.91 -3.89 -12.25
CA GLY A 10 9.59 -4.04 -10.98
C GLY A 10 8.67 -3.82 -9.79
N TRP A 11 7.54 -4.53 -9.79
CA TRP A 11 6.57 -4.41 -8.71
C TRP A 11 6.44 -5.73 -7.95
N PHE A 12 6.62 -5.67 -6.64
CA PHE A 12 6.52 -6.86 -5.80
C PHE A 12 5.19 -6.89 -5.06
N PRO A 13 4.23 -7.66 -5.59
CA PRO A 13 2.90 -7.79 -4.99
C PRO A 13 2.92 -8.57 -3.68
N ALA A 14 1.74 -8.90 -3.17
CA ALA A 14 1.63 -9.64 -1.93
C ALA A 14 1.07 -11.04 -2.17
N SER A 15 1.95 -11.99 -2.44
CA SER A 15 1.55 -13.37 -2.69
C SER A 15 1.16 -14.07 -1.40
N HIS A 16 0.01 -14.74 -1.42
CA HIS A 16 -0.49 -15.45 -0.24
C HIS A 16 0.34 -16.72 -0.01
N VAL A 17 0.99 -16.78 1.16
CA VAL A 17 1.80 -17.94 1.51
C VAL A 17 1.04 -18.88 2.45
N LYS A 18 0.99 -20.15 2.08
CA LYS A 18 0.29 -21.15 2.89
C LYS A 18 1.22 -21.74 3.95
N LEU A 19 2.06 -20.88 4.52
CA LEU A 19 3.00 -21.31 5.55
C LEU A 19 2.68 -20.67 6.89
N LEU A 20 1.90 -21.38 7.71
CA LEU A 20 1.52 -20.87 9.03
C LEU A 20 1.51 -22.00 10.06
N GLY A 21 1.29 -21.63 11.31
CA GLY A 21 1.26 -22.62 12.37
C GLY A 21 0.18 -22.34 13.41
N PRO A 22 0.59 -22.22 14.68
CA PRO A 22 -0.34 -21.94 15.78
C PRO A 22 -0.91 -20.53 15.72
N SER A 23 -0.54 -19.79 14.68
CA SER A 23 -1.00 -18.42 14.51
C SER A 23 -1.78 -18.27 13.21
N SER A 24 -2.89 -17.53 13.27
CA SER A 24 -3.72 -17.32 12.09
C SER A 24 -3.32 -16.03 11.37
N GLU A 25 -3.34 -14.92 12.10
CA GLU A 25 -2.98 -13.62 11.54
C GLU A 25 -1.58 -13.21 11.97
N ARG A 26 -0.94 -12.38 11.16
CA ARG A 26 0.41 -11.91 11.46
C ARG A 26 0.46 -10.38 11.51
N ALA A 27 1.35 -9.85 12.34
CA ALA A 27 1.50 -8.41 12.49
C ALA A 27 2.85 -7.94 11.98
N THR A 28 3.10 -6.63 12.08
CA THR A 28 4.35 -6.05 11.63
C THR A 28 5.10 -5.39 12.78
N PRO A 29 6.43 -5.50 12.78
CA PRO A 29 7.29 -4.92 13.81
C PRO A 29 7.31 -3.39 13.75
N ALA A 30 7.53 -2.85 12.55
CA ALA A 30 7.57 -1.41 12.35
C ALA A 30 7.70 -1.07 10.88
N PHE A 31 6.73 -0.33 10.35
CA PHE A 31 6.73 0.06 8.95
C PHE A 31 6.71 1.59 8.82
N HIS A 32 7.26 2.09 7.72
CA HIS A 32 7.30 3.52 7.47
C HIS A 32 6.75 3.85 6.08
N PRO A 33 5.52 4.39 6.04
CA PRO A 33 4.86 4.75 4.79
C PRO A 33 5.50 5.96 4.12
N VAL A 34 5.34 6.06 2.81
CA VAL A 34 5.92 7.16 2.05
C VAL A 34 5.02 8.40 2.12
N CYS A 35 3.71 8.17 2.15
CA CYS A 35 2.74 9.26 2.22
C CYS A 35 1.36 8.74 2.60
N GLN A 36 0.44 9.66 2.85
CA GLN A 36 -0.92 9.30 3.23
C GLN A 36 -1.94 9.85 2.23
N VAL A 37 -2.80 8.98 1.73
CA VAL A 37 -3.83 9.38 0.77
C VAL A 37 -5.22 9.02 1.27
N ILE A 38 -6.23 9.53 0.58
CA ILE A 38 -7.62 9.27 0.95
C ILE A 38 -8.42 8.73 -0.24
N ALA A 39 -9.22 7.70 0.01
CA ALA A 39 -10.05 7.11 -1.04
C ALA A 39 -11.04 8.12 -1.59
N MET A 40 -11.09 8.23 -2.91
CA MET A 40 -12.01 9.16 -3.57
C MET A 40 -13.36 8.50 -3.82
N TYR A 41 -13.34 7.22 -4.15
CA TYR A 41 -14.56 6.48 -4.42
C TYR A 41 -14.56 5.14 -3.69
N ASP A 42 -15.74 4.57 -3.50
CA ASP A 42 -15.88 3.29 -2.82
C ASP A 42 -15.28 2.16 -3.67
N TYR A 43 -14.05 1.77 -3.33
CA TYR A 43 -13.37 0.71 -4.06
C TYR A 43 -13.70 -0.65 -3.48
N ALA A 44 -14.07 -1.59 -4.35
CA ALA A 44 -14.41 -2.94 -3.92
C ALA A 44 -13.48 -3.97 -4.54
N ALA A 45 -12.62 -4.56 -3.71
CA ALA A 45 -11.67 -5.56 -4.18
C ALA A 45 -12.39 -6.86 -4.56
N ASN A 46 -12.16 -7.31 -5.79
CA ASN A 46 -12.77 -8.54 -6.27
C ASN A 46 -12.19 -9.76 -5.57
N ASN A 47 -11.08 -9.56 -4.87
CA ASN A 47 -10.42 -10.65 -4.16
C ASN A 47 -9.32 -10.10 -3.25
N GLU A 48 -8.64 -11.01 -2.54
CA GLU A 48 -7.56 -10.63 -1.64
C GLU A 48 -6.50 -9.81 -2.38
N ASP A 49 -6.27 -10.16 -3.63
CA ASP A 49 -5.27 -9.47 -4.44
C ASP A 49 -5.48 -7.95 -4.38
N GLU A 50 -6.74 -7.53 -4.42
CA GLU A 50 -7.07 -6.11 -4.36
C GLU A 50 -7.45 -5.70 -2.95
N LEU A 51 -7.66 -4.40 -2.76
CA LEU A 51 -8.02 -3.87 -1.44
C LEU A 51 -9.44 -3.32 -1.46
N SER A 52 -10.27 -3.79 -0.53
CA SER A 52 -11.65 -3.35 -0.44
C SER A 52 -11.79 -2.24 0.60
N PHE A 53 -12.13 -1.04 0.13
CA PHE A 53 -12.30 0.11 1.02
C PHE A 53 -13.44 1.00 0.55
N SER A 54 -13.81 1.97 1.38
CA SER A 54 -14.89 2.88 1.05
C SER A 54 -14.39 4.32 0.99
N LYS A 55 -15.05 5.14 0.17
CA LYS A 55 -14.67 6.54 0.02
C LYS A 55 -14.35 7.16 1.37
N GLY A 56 -13.13 7.69 1.51
CA GLY A 56 -12.72 8.31 2.75
C GLY A 56 -12.12 7.31 3.72
N GLN A 57 -11.43 6.31 3.18
CA GLN A 57 -10.81 5.29 4.01
C GLN A 57 -9.37 5.67 4.34
N LEU A 58 -8.79 4.98 5.32
CA LEU A 58 -7.42 5.25 5.74
C LEU A 58 -6.43 4.40 4.95
N ILE A 59 -5.77 5.01 3.97
CA ILE A 59 -4.80 4.32 3.14
C ILE A 59 -3.42 4.96 3.25
N ASN A 60 -2.43 4.15 3.63
CA ASN A 60 -1.07 4.64 3.77
C ASN A 60 -0.16 4.04 2.70
N VAL A 61 0.10 4.82 1.65
CA VAL A 61 0.96 4.36 0.56
C VAL A 61 2.34 3.96 1.07
N MET A 62 2.72 2.72 0.80
CA MET A 62 4.02 2.20 1.22
C MET A 62 4.98 2.11 0.05
N ASN A 63 4.46 1.75 -1.12
CA ASN A 63 5.28 1.62 -2.31
C ASN A 63 4.51 2.10 -3.54
N LYS A 64 4.89 3.27 -4.05
CA LYS A 64 4.25 3.85 -5.22
C LYS A 64 5.21 3.93 -6.39
N ASP A 65 6.09 2.93 -6.51
CA ASP A 65 7.07 2.90 -7.59
C ASP A 65 6.40 3.11 -8.94
N ASP A 66 5.16 2.67 -9.05
CA ASP A 66 4.41 2.81 -10.30
C ASP A 66 3.32 3.86 -10.16
N PRO A 67 3.35 4.88 -11.03
CA PRO A 67 2.37 5.97 -11.02
C PRO A 67 0.98 5.50 -11.46
N ASP A 68 0.85 4.21 -11.73
CA ASP A 68 -0.41 3.64 -12.17
C ASP A 68 -1.17 3.06 -10.98
N TRP A 69 -0.48 2.28 -10.17
CA TRP A 69 -1.10 1.66 -8.99
C TRP A 69 -0.25 1.87 -7.76
N TRP A 70 -0.91 2.11 -6.62
CA TRP A 70 -0.21 2.33 -5.36
C TRP A 70 -0.62 1.31 -4.32
N GLN A 71 0.30 0.96 -3.43
CA GLN A 71 0.04 -0.02 -2.38
C GLN A 71 -0.15 0.67 -1.03
N GLY A 72 -1.27 0.40 -0.38
CA GLY A 72 -1.54 1.00 0.92
C GLY A 72 -2.09 0.00 1.92
N GLU A 73 -2.43 0.49 3.11
CA GLU A 73 -2.96 -0.37 4.16
C GLU A 73 -4.23 0.22 4.75
N ILE A 74 -5.04 -0.64 5.37
CA ILE A 74 -6.29 -0.19 5.99
C ILE A 74 -6.70 -1.12 7.12
N ASN A 75 -6.51 -0.67 8.36
CA ASN A 75 -6.87 -1.47 9.53
C ASN A 75 -6.05 -2.76 9.57
N GLY A 76 -4.74 -2.63 9.45
CA GLY A 76 -3.87 -3.79 9.48
C GLY A 76 -4.02 -4.66 8.25
N VAL A 77 -4.73 -4.15 7.25
CA VAL A 77 -4.95 -4.89 6.01
C VAL A 77 -4.15 -4.28 4.87
N THR A 78 -3.73 -5.13 3.93
CA THR A 78 -2.95 -4.67 2.78
C THR A 78 -3.52 -5.23 1.47
N GLY A 79 -3.32 -4.49 0.39
CA GLY A 79 -3.82 -4.93 -0.90
C GLY A 79 -3.24 -4.14 -2.06
N LEU A 80 -4.02 -3.97 -3.12
CA LEU A 80 -3.57 -3.22 -4.29
C LEU A 80 -4.69 -2.35 -4.83
N PHE A 81 -4.35 -1.11 -5.19
CA PHE A 81 -5.33 -0.18 -5.73
C PHE A 81 -4.66 0.84 -6.65
N PRO A 82 -5.43 1.39 -7.60
CA PRO A 82 -4.93 2.38 -8.55
C PRO A 82 -4.62 3.72 -7.88
N SER A 83 -3.60 4.40 -8.37
CA SER A 83 -3.20 5.70 -7.82
C SER A 83 -4.10 6.81 -8.34
N ASN A 84 -5.20 6.41 -8.99
CA ASN A 84 -6.15 7.38 -9.53
C ASN A 84 -7.43 7.42 -8.70
N TYR A 85 -7.58 6.43 -7.83
CA TYR A 85 -8.76 6.35 -6.97
C TYR A 85 -8.50 7.01 -5.62
N VAL A 86 -7.24 7.37 -5.37
CA VAL A 86 -6.86 8.00 -4.12
C VAL A 86 -6.40 9.44 -4.35
N LYS A 87 -6.62 10.29 -3.36
CA LYS A 87 -6.23 11.70 -3.46
C LYS A 87 -5.25 12.06 -2.35
N MET A 88 -4.31 12.94 -2.66
CA MET A 88 -3.31 13.38 -1.70
C MET A 88 -3.95 14.21 -0.59
N THR A 89 -3.89 13.70 0.63
CA THR A 89 -4.47 14.38 1.78
C THR A 89 -3.83 15.75 1.98
N THR A 90 -2.51 15.81 1.90
CA THR A 90 -1.77 17.05 2.06
C THR A 90 -2.16 17.75 3.36
N ASP A 91 -2.45 16.96 4.39
CA ASP A 91 -2.82 17.50 5.69
C ASP A 91 -1.60 17.75 6.56
N SER A 92 -1.60 18.89 7.26
CA SER A 92 -0.49 19.26 8.12
C SER A 92 -0.84 19.02 9.58
N SER A 93 -0.19 18.04 10.20
CA SER A 93 -0.43 17.72 11.59
C SER A 93 0.86 17.77 12.41
N GLY A 94 0.75 18.21 13.65
CA GLY A 94 1.92 18.31 14.51
C GLY A 94 1.63 19.02 15.81
N PRO A 95 2.48 18.79 16.83
CA PRO A 95 2.32 19.41 18.14
C PRO A 95 2.61 20.91 18.12
N SER A 96 1.77 21.68 18.80
CA SER A 96 1.93 23.13 18.85
C SER A 96 1.44 23.68 20.19
N SER A 97 1.70 24.96 20.42
CA SER A 97 1.29 25.61 21.67
C SER A 97 0.07 26.48 21.45
N GLY A 98 -1.05 26.09 22.04
CA GLY A 98 -2.28 26.85 21.89
C GLY A 98 -3.51 26.04 22.25
N GLY A 1 -1.14 -18.99 -6.19
CA GLY A 1 -1.75 -18.05 -7.12
C GLY A 1 -2.84 -18.71 -7.96
N SER A 2 -3.70 -17.89 -8.55
CA SER A 2 -4.79 -18.38 -9.38
C SER A 2 -5.07 -17.43 -10.53
N SER A 3 -5.55 -17.98 -11.64
CA SER A 3 -5.86 -17.18 -12.82
C SER A 3 -7.38 -17.04 -13.00
N GLY A 4 -7.86 -15.81 -12.93
CA GLY A 4 -9.27 -15.55 -13.09
C GLY A 4 -9.56 -14.30 -13.88
N SER A 5 -9.41 -13.13 -13.24
CA SER A 5 -9.66 -11.86 -13.88
C SER A 5 -8.43 -11.41 -14.67
N SER A 6 -8.62 -11.13 -15.96
CA SER A 6 -7.54 -10.69 -16.82
C SER A 6 -6.58 -9.77 -16.07
N GLY A 7 -5.29 -9.98 -16.28
CA GLY A 7 -4.28 -9.17 -15.61
C GLY A 7 -2.88 -9.73 -15.77
N GLN A 8 -2.10 -9.12 -16.65
CA GLN A 8 -0.74 -9.56 -16.90
C GLN A 8 0.17 -9.25 -15.71
N LYS A 9 1.12 -10.13 -15.44
CA LYS A 9 2.05 -9.94 -14.33
C LYS A 9 2.92 -8.71 -14.56
N GLY A 10 3.60 -8.27 -13.49
CA GLY A 10 4.47 -7.12 -13.60
C GLY A 10 4.77 -6.51 -12.24
N TRP A 11 3.72 -6.29 -11.44
CA TRP A 11 3.89 -5.70 -10.12
C TRP A 11 4.66 -6.64 -9.20
N PHE A 12 5.70 -6.11 -8.56
CA PHE A 12 6.52 -6.90 -7.65
C PHE A 12 6.20 -6.56 -6.19
N PRO A 13 5.37 -7.40 -5.56
CA PRO A 13 4.97 -7.22 -4.16
C PRO A 13 6.12 -7.46 -3.19
N ALA A 14 5.83 -7.32 -1.90
CA ALA A 14 6.85 -7.53 -0.86
C ALA A 14 7.05 -9.01 -0.58
N SER A 15 8.05 -9.61 -1.23
CA SER A 15 8.35 -11.02 -1.06
C SER A 15 8.89 -11.29 0.35
N HIS A 16 8.27 -12.24 1.04
CA HIS A 16 8.70 -12.59 2.39
C HIS A 16 10.08 -13.21 2.39
N VAL A 17 10.80 -13.09 3.50
CA VAL A 17 12.14 -13.64 3.62
C VAL A 17 12.13 -14.93 4.43
N LYS A 18 12.76 -15.97 3.88
CA LYS A 18 12.84 -17.26 4.55
C LYS A 18 14.03 -17.31 5.51
N LEU A 19 13.83 -16.80 6.72
CA LEU A 19 14.89 -16.79 7.73
C LEU A 19 14.99 -18.14 8.41
N LEU A 20 16.14 -18.79 8.27
CA LEU A 20 16.37 -20.09 8.88
C LEU A 20 16.66 -19.95 10.37
N GLY A 21 15.87 -20.64 11.19
CA GLY A 21 16.05 -20.59 12.63
C GLY A 21 15.15 -21.56 13.37
N PRO A 22 15.49 -21.84 14.63
CA PRO A 22 14.72 -22.76 15.47
C PRO A 22 13.37 -22.19 15.87
N SER A 23 13.05 -21.01 15.36
CA SER A 23 11.79 -20.35 15.65
C SER A 23 11.44 -19.31 14.59
N SER A 24 10.16 -19.01 14.46
CA SER A 24 9.69 -18.04 13.48
C SER A 24 9.08 -16.83 14.16
N GLU A 25 9.92 -15.85 14.47
CA GLU A 25 9.46 -14.62 15.12
C GLU A 25 9.44 -13.45 14.15
N ARG A 26 8.54 -12.51 14.37
CA ARG A 26 8.41 -11.34 13.51
C ARG A 26 8.97 -10.10 14.21
N ALA A 27 9.88 -9.40 13.53
CA ALA A 27 10.49 -8.20 14.07
C ALA A 27 10.01 -6.96 13.33
N THR A 28 8.87 -6.42 13.76
CA THR A 28 8.29 -5.24 13.14
C THR A 28 8.04 -4.14 14.16
N PRO A 29 9.05 -3.26 14.35
CA PRO A 29 8.95 -2.15 15.31
C PRO A 29 7.97 -1.08 14.86
N ALA A 30 8.10 -0.65 13.62
CA ALA A 30 7.22 0.38 13.06
C ALA A 30 7.49 0.58 11.58
N PHE A 31 6.41 0.61 10.79
CA PHE A 31 6.54 0.79 9.34
C PHE A 31 6.43 2.28 8.98
N HIS A 32 7.33 2.73 8.11
CA HIS A 32 7.34 4.12 7.68
C HIS A 32 6.78 4.26 6.27
N PRO A 33 5.48 4.60 6.17
CA PRO A 33 4.80 4.77 4.88
C PRO A 33 5.29 6.01 4.13
N VAL A 34 5.00 6.05 2.84
CA VAL A 34 5.41 7.18 2.00
C VAL A 34 4.55 8.40 2.28
N CYS A 35 3.24 8.19 2.39
CA CYS A 35 2.30 9.27 2.66
C CYS A 35 0.89 8.74 2.86
N GLN A 36 0.04 9.55 3.48
CA GLN A 36 -1.34 9.15 3.74
C GLN A 36 -2.29 9.80 2.75
N VAL A 37 -3.01 8.99 1.98
CA VAL A 37 -3.96 9.50 1.01
C VAL A 37 -5.39 9.18 1.41
N ILE A 38 -6.34 9.72 0.65
CA ILE A 38 -7.75 9.50 0.93
C ILE A 38 -8.47 8.94 -0.29
N ALA A 39 -9.27 7.90 -0.07
CA ALA A 39 -10.02 7.27 -1.15
C ALA A 39 -11.04 8.25 -1.75
N MET A 40 -10.95 8.46 -3.06
CA MET A 40 -11.86 9.36 -3.75
C MET A 40 -13.22 8.69 -3.99
N TYR A 41 -13.18 7.38 -4.26
CA TYR A 41 -14.40 6.63 -4.52
C TYR A 41 -14.34 5.25 -3.84
N ASP A 42 -15.50 4.74 -3.45
CA ASP A 42 -15.58 3.45 -2.79
C ASP A 42 -14.95 2.36 -3.67
N TYR A 43 -14.05 1.59 -3.08
CA TYR A 43 -13.36 0.52 -3.80
C TYR A 43 -13.76 -0.84 -3.24
N ALA A 44 -14.00 -1.80 -4.14
CA ALA A 44 -14.37 -3.15 -3.74
C ALA A 44 -13.53 -4.19 -4.46
N ALA A 45 -12.59 -4.79 -3.72
CA ALA A 45 -11.71 -5.80 -4.29
C ALA A 45 -12.52 -6.98 -4.84
N ASN A 46 -12.32 -7.26 -6.12
CA ASN A 46 -13.03 -8.36 -6.78
C ASN A 46 -12.28 -9.69 -6.57
N ASN A 47 -11.06 -9.60 -6.08
CA ASN A 47 -10.25 -10.77 -5.83
C ASN A 47 -9.56 -10.70 -4.47
N GLU A 48 -8.82 -11.75 -4.13
CA GLU A 48 -8.11 -11.80 -2.85
C GLU A 48 -6.73 -11.17 -2.97
N ASP A 49 -6.58 -10.26 -3.93
CA ASP A 49 -5.31 -9.58 -4.15
C ASP A 49 -5.49 -8.07 -4.07
N GLU A 50 -6.73 -7.60 -4.18
CA GLU A 50 -7.03 -6.18 -4.12
C GLU A 50 -7.48 -5.78 -2.72
N LEU A 51 -7.57 -4.47 -2.49
CA LEU A 51 -7.99 -3.95 -1.19
C LEU A 51 -9.40 -3.36 -1.28
N SER A 52 -10.29 -3.84 -0.40
CA SER A 52 -11.66 -3.37 -0.38
C SER A 52 -11.84 -2.27 0.68
N PHE A 53 -12.15 -1.07 0.22
CA PHE A 53 -12.35 0.07 1.12
C PHE A 53 -13.46 0.98 0.60
N SER A 54 -13.86 1.93 1.45
CA SER A 54 -14.92 2.86 1.08
C SER A 54 -14.37 4.28 0.95
N LYS A 55 -15.15 5.15 0.32
CA LYS A 55 -14.74 6.54 0.12
C LYS A 55 -14.33 7.18 1.45
N GLY A 56 -13.12 7.71 1.50
CA GLY A 56 -12.63 8.35 2.70
C GLY A 56 -12.05 7.35 3.69
N GLN A 57 -11.47 6.28 3.16
CA GLN A 57 -10.87 5.24 3.99
C GLN A 57 -9.42 5.58 4.33
N LEU A 58 -8.94 5.08 5.46
CA LEU A 58 -7.58 5.33 5.89
C LEU A 58 -6.59 4.48 5.10
N ILE A 59 -5.87 5.12 4.18
CA ILE A 59 -4.89 4.43 3.36
C ILE A 59 -3.55 5.17 3.36
N ASN A 60 -2.46 4.42 3.55
CA ASN A 60 -1.13 5.00 3.57
C ASN A 60 -0.25 4.37 2.50
N VAL A 61 0.08 5.14 1.47
CA VAL A 61 0.93 4.66 0.39
C VAL A 61 2.31 4.27 0.90
N MET A 62 2.66 3.01 0.73
CA MET A 62 3.97 2.51 1.17
C MET A 62 4.86 2.19 -0.03
N ASN A 63 4.24 1.74 -1.11
CA ASN A 63 4.99 1.39 -2.32
C ASN A 63 4.25 1.88 -3.57
N LYS A 64 4.78 2.94 -4.17
CA LYS A 64 4.18 3.52 -5.37
C LYS A 64 5.15 3.46 -6.54
N ASP A 65 5.89 2.36 -6.64
CA ASP A 65 6.86 2.17 -7.72
C ASP A 65 6.23 2.51 -9.06
N ASP A 66 4.99 2.06 -9.27
CA ASP A 66 4.28 2.31 -10.52
C ASP A 66 3.31 3.47 -10.36
N PRO A 67 3.42 4.45 -11.28
CA PRO A 67 2.56 5.64 -11.27
C PRO A 67 1.12 5.31 -11.64
N ASP A 68 0.85 4.03 -11.87
CA ASP A 68 -0.50 3.60 -12.22
C ASP A 68 -1.24 3.06 -11.01
N TRP A 69 -0.59 2.19 -10.25
CA TRP A 69 -1.19 1.61 -9.06
C TRP A 69 -0.32 1.85 -7.83
N TRP A 70 -0.96 2.04 -6.69
CA TRP A 70 -0.23 2.29 -5.44
C TRP A 70 -0.61 1.26 -4.38
N GLN A 71 0.26 1.08 -3.39
CA GLN A 71 0.02 0.13 -2.32
C GLN A 71 -0.20 0.85 -1.00
N GLY A 72 -1.35 0.61 -0.38
CA GLY A 72 -1.67 1.24 0.89
C GLY A 72 -2.09 0.25 1.94
N GLU A 73 -2.42 0.75 3.12
CA GLU A 73 -2.85 -0.11 4.23
C GLU A 73 -4.13 0.40 4.86
N ILE A 74 -4.93 -0.52 5.39
CA ILE A 74 -6.19 -0.16 6.02
C ILE A 74 -6.52 -1.11 7.17
N ASN A 75 -6.36 -0.63 8.40
CA ASN A 75 -6.64 -1.43 9.58
C ASN A 75 -5.70 -2.62 9.67
N GLY A 76 -4.40 -2.36 9.53
CA GLY A 76 -3.41 -3.42 9.59
C GLY A 76 -3.48 -4.35 8.38
N VAL A 77 -4.27 -3.95 7.39
CA VAL A 77 -4.42 -4.75 6.17
C VAL A 77 -3.70 -4.11 4.99
N THR A 78 -3.23 -4.93 4.07
CA THR A 78 -2.51 -4.44 2.90
C THR A 78 -3.04 -5.10 1.62
N GLY A 79 -3.15 -4.31 0.56
CA GLY A 79 -3.64 -4.84 -0.70
C GLY A 79 -3.09 -4.08 -1.90
N LEU A 80 -3.92 -3.93 -2.93
CA LEU A 80 -3.51 -3.22 -4.13
C LEU A 80 -4.66 -2.36 -4.67
N PHE A 81 -4.34 -1.13 -5.05
CA PHE A 81 -5.33 -0.20 -5.58
C PHE A 81 -4.69 0.81 -6.53
N PRO A 82 -5.49 1.35 -7.46
CA PRO A 82 -5.02 2.33 -8.44
C PRO A 82 -4.71 3.68 -7.79
N SER A 83 -3.70 4.36 -8.33
CA SER A 83 -3.30 5.66 -7.81
C SER A 83 -4.27 6.74 -8.25
N ASN A 84 -5.35 6.34 -8.91
CA ASN A 84 -6.36 7.27 -9.39
C ASN A 84 -7.58 7.27 -8.49
N TYR A 85 -7.62 6.33 -7.54
CA TYR A 85 -8.73 6.21 -6.61
C TYR A 85 -8.38 6.85 -5.26
N VAL A 86 -7.31 7.63 -5.24
CA VAL A 86 -6.87 8.29 -4.02
C VAL A 86 -6.24 9.64 -4.33
N LYS A 87 -6.29 10.56 -3.37
CA LYS A 87 -5.72 11.89 -3.53
C LYS A 87 -4.93 12.30 -2.29
N MET A 88 -3.68 12.70 -2.49
CA MET A 88 -2.83 13.13 -1.39
C MET A 88 -3.56 14.12 -0.49
N THR A 89 -3.74 13.74 0.77
CA THR A 89 -4.42 14.60 1.74
C THR A 89 -3.71 15.94 1.88
N THR A 90 -2.39 15.90 1.88
CA THR A 90 -1.59 17.12 2.01
C THR A 90 -1.97 17.90 3.26
N ASP A 91 -2.32 17.17 4.33
CA ASP A 91 -2.70 17.80 5.59
C ASP A 91 -1.47 18.18 6.40
N SER A 92 -1.25 19.50 6.54
CA SER A 92 -0.11 19.99 7.30
C SER A 92 -0.30 19.78 8.79
N SER A 93 0.81 19.73 9.52
CA SER A 93 0.76 19.52 10.97
C SER A 93 1.11 20.80 11.71
N GLY A 94 0.60 21.92 11.22
CA GLY A 94 0.86 23.20 11.85
C GLY A 94 -0.01 24.32 11.28
N PRO A 95 -0.41 25.26 12.15
CA PRO A 95 -1.24 26.39 11.76
C PRO A 95 -0.49 27.39 10.88
N SER A 96 -1.23 28.13 10.08
CA SER A 96 -0.64 29.13 9.18
C SER A 96 -1.01 30.54 9.62
N SER A 97 -0.03 31.26 10.16
CA SER A 97 -0.24 32.63 10.61
C SER A 97 0.56 33.62 9.77
N GLY A 98 -0.14 34.62 9.24
CA GLY A 98 0.51 35.62 8.42
C GLY A 98 0.39 35.33 6.93
N GLY A 1 21.02 -2.03 -17.22
CA GLY A 1 19.81 -2.68 -17.68
C GLY A 1 20.00 -3.40 -19.00
N SER A 2 18.95 -4.07 -19.46
CA SER A 2 19.00 -4.81 -20.72
C SER A 2 17.85 -4.41 -21.62
N SER A 3 16.64 -4.44 -21.08
CA SER A 3 15.45 -4.07 -21.84
C SER A 3 15.74 -2.93 -22.81
N GLY A 4 16.27 -1.84 -22.28
CA GLY A 4 16.59 -0.69 -23.11
C GLY A 4 15.97 0.59 -22.60
N SER A 5 14.66 0.70 -22.72
CA SER A 5 13.95 1.90 -22.26
C SER A 5 13.02 1.56 -21.10
N SER A 6 13.45 1.90 -19.90
CA SER A 6 12.66 1.63 -18.70
C SER A 6 11.39 2.48 -18.68
N GLY A 7 10.26 1.86 -18.99
CA GLY A 7 9.00 2.56 -19.01
C GLY A 7 7.88 1.78 -18.34
N GLN A 8 7.86 0.47 -18.58
CA GLN A 8 6.83 -0.39 -18.00
C GLN A 8 7.29 -0.95 -16.67
N LYS A 9 6.41 -0.88 -15.67
CA LYS A 9 6.72 -1.38 -14.33
C LYS A 9 5.49 -1.99 -13.69
N GLY A 10 5.71 -2.86 -12.70
CA GLY A 10 4.60 -3.50 -12.01
C GLY A 10 5.07 -4.48 -10.96
N TRP A 11 5.66 -3.95 -9.88
CA TRP A 11 6.15 -4.79 -8.80
C TRP A 11 5.02 -5.59 -8.18
N PHE A 12 5.33 -6.32 -7.11
CA PHE A 12 4.34 -7.13 -6.41
C PHE A 12 4.36 -6.86 -4.91
N PRO A 13 3.17 -6.85 -4.29
CA PRO A 13 3.03 -6.61 -2.85
C PRO A 13 3.57 -7.76 -2.01
N ALA A 14 3.75 -7.51 -0.72
CA ALA A 14 4.27 -8.52 0.19
C ALA A 14 3.34 -9.73 0.25
N SER A 15 3.78 -10.83 -0.37
CA SER A 15 2.99 -12.06 -0.39
C SER A 15 3.27 -12.92 0.84
N HIS A 16 2.22 -13.53 1.37
CA HIS A 16 2.35 -14.38 2.55
C HIS A 16 3.10 -15.66 2.21
N VAL A 17 4.30 -15.82 2.79
CA VAL A 17 5.12 -17.00 2.55
C VAL A 17 5.01 -17.99 3.71
N LYS A 18 4.61 -19.21 3.40
CA LYS A 18 4.48 -20.26 4.42
C LYS A 18 5.81 -20.94 4.68
N LEU A 19 6.88 -20.15 4.75
CA LEU A 19 8.21 -20.68 4.99
C LEU A 19 8.68 -20.33 6.40
N LEU A 20 9.06 -21.36 7.16
CA LEU A 20 9.55 -21.15 8.52
C LEU A 20 10.94 -21.72 8.70
N GLY A 21 11.56 -21.43 9.84
CA GLY A 21 12.91 -21.91 10.10
C GLY A 21 13.41 -21.51 11.48
N PRO A 22 14.71 -21.72 11.72
CA PRO A 22 15.34 -21.38 13.00
C PRO A 22 15.44 -19.87 13.21
N SER A 23 14.90 -19.11 12.28
CA SER A 23 14.92 -17.65 12.36
C SER A 23 13.93 -17.15 13.39
N SER A 24 14.37 -16.21 14.23
CA SER A 24 13.53 -15.65 15.28
C SER A 24 12.16 -15.25 14.71
N GLU A 25 11.17 -15.15 15.58
CA GLU A 25 9.83 -14.78 15.17
C GLU A 25 9.51 -13.33 15.58
N ARG A 26 9.35 -12.48 14.58
CA ARG A 26 9.05 -11.06 14.83
C ARG A 26 7.71 -10.68 14.22
N ALA A 27 6.92 -9.92 14.98
CA ALA A 27 5.61 -9.48 14.50
C ALA A 27 5.53 -7.96 14.45
N THR A 28 6.67 -7.32 14.19
CA THR A 28 6.73 -5.87 14.10
C THR A 28 6.75 -5.41 12.65
N PRO A 29 6.12 -4.24 12.40
CA PRO A 29 6.05 -3.66 11.06
C PRO A 29 7.40 -3.15 10.57
N ALA A 30 8.05 -2.34 11.40
CA ALA A 30 9.36 -1.78 11.05
C ALA A 30 9.37 -1.26 9.62
N PHE A 31 8.23 -0.76 9.17
CA PHE A 31 8.11 -0.23 7.81
C PHE A 31 7.90 1.29 7.84
N HIS A 32 8.21 1.94 6.74
CA HIS A 32 8.05 3.39 6.64
C HIS A 32 7.38 3.77 5.31
N PRO A 33 6.11 4.19 5.40
CA PRO A 33 5.33 4.58 4.22
C PRO A 33 5.82 5.89 3.62
N VAL A 34 5.26 6.25 2.47
CA VAL A 34 5.64 7.48 1.78
C VAL A 34 4.75 8.65 2.20
N CYS A 35 3.46 8.38 2.35
CA CYS A 35 2.51 9.41 2.75
C CYS A 35 1.14 8.80 3.01
N GLN A 36 0.16 9.66 3.30
CA GLN A 36 -1.20 9.21 3.57
C GLN A 36 -2.18 9.79 2.56
N VAL A 37 -2.94 8.92 1.91
CA VAL A 37 -3.92 9.35 0.91
C VAL A 37 -5.33 8.94 1.32
N ILE A 38 -6.33 9.51 0.63
CA ILE A 38 -7.71 9.20 0.91
C ILE A 38 -8.43 8.66 -0.33
N ALA A 39 -9.28 7.66 -0.12
CA ALA A 39 -10.02 7.06 -1.23
C ALA A 39 -11.06 8.04 -1.78
N MET A 40 -10.94 8.33 -3.08
CA MET A 40 -11.85 9.25 -3.74
C MET A 40 -13.21 8.60 -3.96
N TYR A 41 -13.20 7.29 -4.25
CA TYR A 41 -14.42 6.55 -4.48
C TYR A 41 -14.39 5.20 -3.77
N ASP A 42 -15.58 4.67 -3.47
CA ASP A 42 -15.68 3.38 -2.79
C ASP A 42 -15.10 2.26 -3.64
N TYR A 43 -13.85 1.90 -3.34
CA TYR A 43 -13.17 0.84 -4.08
C TYR A 43 -13.52 -0.53 -3.52
N ALA A 44 -13.97 -1.43 -4.38
CA ALA A 44 -14.33 -2.78 -3.97
C ALA A 44 -13.44 -3.82 -4.64
N ALA A 45 -12.42 -4.28 -3.92
CA ALA A 45 -11.50 -5.28 -4.45
C ALA A 45 -12.26 -6.43 -5.12
N ASN A 46 -11.92 -6.71 -6.37
CA ASN A 46 -12.56 -7.79 -7.11
C ASN A 46 -12.17 -9.15 -6.55
N ASN A 47 -11.18 -9.15 -5.67
CA ASN A 47 -10.70 -10.39 -5.06
C ASN A 47 -9.84 -10.10 -3.84
N GLU A 48 -9.61 -11.12 -3.02
CA GLU A 48 -8.79 -10.97 -1.81
C GLU A 48 -7.45 -10.35 -2.15
N ASP A 49 -6.98 -10.57 -3.38
CA ASP A 49 -5.71 -10.02 -3.82
C ASP A 49 -5.71 -8.50 -3.76
N GLU A 50 -6.82 -7.90 -4.18
CA GLU A 50 -6.95 -6.45 -4.19
C GLU A 50 -7.40 -5.95 -2.81
N LEU A 51 -7.43 -4.62 -2.66
CA LEU A 51 -7.84 -4.02 -1.40
C LEU A 51 -9.23 -3.39 -1.52
N SER A 52 -10.12 -3.75 -0.61
CA SER A 52 -11.47 -3.23 -0.62
C SER A 52 -11.65 -2.17 0.46
N PHE A 53 -12.06 -0.96 0.05
CA PHE A 53 -12.26 0.14 0.98
C PHE A 53 -13.43 1.01 0.53
N SER A 54 -13.80 1.97 1.38
CA SER A 54 -14.91 2.86 1.08
C SER A 54 -14.44 4.31 1.03
N LYS A 55 -14.98 5.08 0.09
CA LYS A 55 -14.62 6.48 -0.06
C LYS A 55 -14.30 7.11 1.29
N GLY A 56 -13.08 7.64 1.42
CA GLY A 56 -12.69 8.26 2.67
C GLY A 56 -12.10 7.27 3.66
N GLN A 57 -11.46 6.23 3.14
CA GLN A 57 -10.85 5.21 3.99
C GLN A 57 -9.41 5.56 4.32
N LEU A 58 -8.90 5.00 5.41
CA LEU A 58 -7.52 5.25 5.83
C LEU A 58 -6.54 4.42 5.01
N ILE A 59 -5.86 5.07 4.08
CA ILE A 59 -4.89 4.38 3.23
C ILE A 59 -3.54 5.11 3.25
N ASN A 60 -2.49 4.38 3.60
CA ASN A 60 -1.14 4.96 3.65
C ASN A 60 -0.24 4.32 2.60
N VAL A 61 0.05 5.05 1.53
CA VAL A 61 0.90 4.54 0.46
C VAL A 61 2.31 4.26 0.97
N MET A 62 2.81 3.07 0.68
CA MET A 62 4.15 2.68 1.11
C MET A 62 5.02 2.32 -0.08
N ASN A 63 4.41 1.72 -1.10
CA ASN A 63 5.13 1.32 -2.30
C ASN A 63 4.40 1.82 -3.55
N LYS A 64 4.80 3.00 -4.02
CA LYS A 64 4.19 3.58 -5.22
C LYS A 64 5.20 3.62 -6.37
N ASP A 65 6.00 2.56 -6.48
CA ASP A 65 7.00 2.48 -7.54
C ASP A 65 6.37 2.77 -8.91
N ASP A 66 5.08 2.50 -9.02
CA ASP A 66 4.36 2.74 -10.27
C ASP A 66 3.30 3.81 -10.08
N PRO A 67 3.34 4.85 -10.95
CA PRO A 67 2.38 5.96 -10.90
C PRO A 67 0.98 5.53 -11.33
N ASP A 68 0.81 4.24 -11.61
CA ASP A 68 -0.48 3.72 -12.03
C ASP A 68 -1.20 3.04 -10.86
N TRP A 69 -0.45 2.26 -10.08
CA TRP A 69 -1.02 1.57 -8.94
C TRP A 69 -0.15 1.77 -7.69
N TRP A 70 -0.79 1.99 -6.56
CA TRP A 70 -0.08 2.20 -5.30
C TRP A 70 -0.47 1.16 -4.26
N GLN A 71 0.34 1.02 -3.22
CA GLN A 71 0.07 0.05 -2.17
C GLN A 71 -0.07 0.75 -0.81
N GLY A 72 -1.19 0.50 -0.15
CA GLY A 72 -1.43 1.10 1.16
C GLY A 72 -1.99 0.12 2.16
N GLU A 73 -2.16 0.58 3.40
CA GLU A 73 -2.68 -0.28 4.46
C GLU A 73 -3.96 0.32 5.06
N ILE A 74 -4.90 -0.54 5.40
CA ILE A 74 -6.16 -0.11 5.98
C ILE A 74 -6.55 -0.97 7.19
N ASN A 75 -6.29 -0.45 8.38
CA ASN A 75 -6.60 -1.16 9.61
C ASN A 75 -5.78 -2.43 9.72
N GLY A 76 -4.47 -2.32 9.52
CA GLY A 76 -3.59 -3.46 9.60
C GLY A 76 -3.71 -4.37 8.40
N VAL A 77 -4.53 -3.97 7.43
CA VAL A 77 -4.74 -4.76 6.22
C VAL A 77 -3.96 -4.17 5.04
N THR A 78 -3.54 -5.03 4.13
CA THR A 78 -2.78 -4.61 2.97
C THR A 78 -3.38 -5.17 1.68
N GLY A 79 -3.25 -4.42 0.59
CA GLY A 79 -3.79 -4.86 -0.68
C GLY A 79 -3.22 -4.08 -1.85
N LEU A 80 -3.96 -4.04 -2.95
CA LEU A 80 -3.52 -3.33 -4.15
C LEU A 80 -4.64 -2.46 -4.70
N PHE A 81 -4.29 -1.25 -5.13
CA PHE A 81 -5.27 -0.32 -5.68
C PHE A 81 -4.59 0.70 -6.60
N PRO A 82 -5.36 1.25 -7.55
CA PRO A 82 -4.86 2.24 -8.50
C PRO A 82 -4.56 3.58 -7.83
N SER A 83 -3.52 4.26 -8.30
CA SER A 83 -3.12 5.55 -7.74
C SER A 83 -4.05 6.66 -8.25
N ASN A 84 -5.12 6.26 -8.93
CA ASN A 84 -6.09 7.22 -9.46
C ASN A 84 -7.36 7.25 -8.62
N TYR A 85 -7.46 6.28 -7.71
CA TYR A 85 -8.63 6.19 -6.84
C TYR A 85 -8.34 6.80 -5.47
N VAL A 86 -7.16 7.41 -5.34
CA VAL A 86 -6.76 8.03 -4.08
C VAL A 86 -6.28 9.46 -4.32
N LYS A 87 -6.66 10.36 -3.41
CA LYS A 87 -6.27 11.77 -3.51
C LYS A 87 -5.47 12.19 -2.30
N MET A 88 -4.29 12.75 -2.53
CA MET A 88 -3.42 13.21 -1.45
C MET A 88 -4.22 13.94 -0.39
N THR A 89 -4.27 13.37 0.81
CA THR A 89 -5.01 13.96 1.92
C THR A 89 -4.63 15.43 2.11
N THR A 90 -3.34 15.72 1.99
CA THR A 90 -2.84 17.08 2.14
C THR A 90 -3.21 17.65 3.51
N ASP A 91 -3.12 16.81 4.53
CA ASP A 91 -3.44 17.24 5.89
C ASP A 91 -2.18 17.59 6.67
N SER A 92 -2.34 18.39 7.71
CA SER A 92 -1.21 18.82 8.54
C SER A 92 -0.79 17.71 9.50
N SER A 93 0.35 17.09 9.21
CA SER A 93 0.86 16.01 10.05
C SER A 93 2.37 15.90 9.95
N GLY A 94 3.00 15.35 10.97
CA GLY A 94 4.44 15.21 10.98
C GLY A 94 4.95 14.46 12.20
N PRO A 95 4.97 13.12 12.11
CA PRO A 95 5.44 12.26 13.21
C PRO A 95 6.94 12.37 13.43
N SER A 96 7.34 12.30 14.70
CA SER A 96 8.76 12.41 15.06
C SER A 96 9.21 11.19 15.84
N SER A 97 8.83 10.01 15.35
CA SER A 97 9.19 8.75 16.00
C SER A 97 10.16 7.95 15.14
N GLY A 98 11.34 7.68 15.69
CA GLY A 98 12.34 6.91 14.96
C GLY A 98 13.75 7.33 15.30
N GLY A 1 26.60 -7.92 -6.43
CA GLY A 1 27.22 -7.45 -5.20
C GLY A 1 26.19 -6.94 -4.21
N SER A 2 26.57 -5.91 -3.46
CA SER A 2 25.67 -5.33 -2.46
C SER A 2 25.54 -3.82 -2.65
N SER A 3 24.31 -3.34 -2.70
CA SER A 3 24.05 -1.92 -2.88
C SER A 3 22.78 -1.50 -2.15
N GLY A 4 22.88 -0.45 -1.35
CA GLY A 4 21.72 0.04 -0.61
C GLY A 4 21.01 1.17 -1.33
N SER A 5 20.45 0.87 -2.50
CA SER A 5 19.75 1.87 -3.29
C SER A 5 18.32 1.42 -3.60
N SER A 6 17.37 2.32 -3.42
CA SER A 6 15.97 2.01 -3.67
C SER A 6 15.82 1.10 -4.88
N GLY A 7 15.46 -0.16 -4.64
CA GLY A 7 15.28 -1.10 -5.72
C GLY A 7 14.58 -2.37 -5.28
N GLN A 8 13.49 -2.21 -4.53
CA GLN A 8 12.73 -3.35 -4.05
C GLN A 8 11.93 -4.00 -5.18
N LYS A 9 11.79 -5.32 -5.12
CA LYS A 9 11.06 -6.05 -6.14
C LYS A 9 10.05 -7.00 -5.50
N GLY A 10 9.58 -6.64 -4.31
CA GLY A 10 8.61 -7.46 -3.61
C GLY A 10 7.24 -7.40 -4.23
N TRP A 11 6.51 -6.31 -3.95
CA TRP A 11 5.17 -6.13 -4.48
C TRP A 11 5.20 -6.06 -6.01
N PHE A 12 4.05 -6.30 -6.63
CA PHE A 12 3.94 -6.26 -8.08
C PHE A 12 3.12 -5.06 -8.54
N PRO A 13 3.81 -3.99 -8.95
CA PRO A 13 3.16 -2.75 -9.41
C PRO A 13 2.46 -2.94 -10.75
N ALA A 14 1.33 -2.26 -10.92
CA ALA A 14 0.57 -2.35 -12.15
C ALA A 14 0.58 -3.77 -12.71
N SER A 15 0.56 -4.75 -11.82
CA SER A 15 0.58 -6.15 -12.22
C SER A 15 -0.76 -6.82 -11.93
N HIS A 16 -1.20 -7.67 -12.85
CA HIS A 16 -2.47 -8.37 -12.70
C HIS A 16 -2.25 -9.88 -12.57
N VAL A 17 -3.07 -10.53 -11.76
CA VAL A 17 -2.95 -11.96 -11.54
C VAL A 17 -4.04 -12.71 -12.30
N LYS A 18 -3.64 -13.74 -13.05
CA LYS A 18 -4.56 -14.54 -13.82
C LYS A 18 -5.05 -15.74 -13.02
N LEU A 19 -4.42 -15.97 -11.87
CA LEU A 19 -4.79 -17.09 -11.01
C LEU A 19 -5.27 -16.59 -9.65
N LEU A 20 -6.39 -17.14 -9.18
CA LEU A 20 -6.94 -16.76 -7.89
C LEU A 20 -6.70 -17.83 -6.84
N GLY A 21 -6.46 -17.40 -5.61
CA GLY A 21 -6.20 -18.34 -4.53
C GLY A 21 -5.93 -17.65 -3.21
N PRO A 22 -6.39 -18.27 -2.11
CA PRO A 22 -6.21 -17.72 -0.76
C PRO A 22 -4.76 -17.79 -0.31
N SER A 23 -4.18 -16.62 -0.01
CA SER A 23 -2.79 -16.54 0.44
C SER A 23 -2.70 -16.00 1.86
N SER A 24 -1.54 -16.16 2.48
CA SER A 24 -1.33 -15.69 3.84
C SER A 24 -0.67 -14.31 3.84
N GLU A 25 -1.36 -13.34 4.45
CA GLU A 25 -0.84 -11.98 4.53
C GLU A 25 -0.63 -11.56 5.98
N ARG A 26 0.63 -11.32 6.34
CA ARG A 26 0.97 -10.91 7.69
C ARG A 26 1.34 -9.43 7.74
N ALA A 27 0.45 -8.62 8.27
CA ALA A 27 0.68 -7.18 8.37
C ALA A 27 1.75 -6.87 9.42
N THR A 28 2.42 -5.74 9.25
CA THR A 28 3.47 -5.33 10.18
C THR A 28 2.94 -4.29 11.17
N PRO A 29 3.31 -4.46 12.45
CA PRO A 29 2.90 -3.56 13.52
C PRO A 29 3.56 -2.19 13.42
N ALA A 30 4.88 -2.19 13.23
CA ALA A 30 5.63 -0.95 13.10
C ALA A 30 6.11 -0.73 11.67
N PHE A 31 5.29 -0.09 10.86
CA PHE A 31 5.64 0.17 9.47
C PHE A 31 5.78 1.67 9.22
N HIS A 32 6.68 2.02 8.29
CA HIS A 32 6.92 3.42 7.95
C HIS A 32 6.54 3.69 6.51
N PRO A 33 5.32 4.21 6.30
CA PRO A 33 4.81 4.53 4.97
C PRO A 33 5.52 5.73 4.35
N VAL A 34 5.28 5.97 3.07
CA VAL A 34 5.90 7.09 2.36
C VAL A 34 4.97 8.29 2.31
N CYS A 35 3.67 8.03 2.17
CA CYS A 35 2.68 9.09 2.11
C CYS A 35 1.30 8.56 2.46
N GLN A 36 0.42 9.46 2.92
CA GLN A 36 -0.93 9.08 3.30
C GLN A 36 -1.95 9.70 2.36
N VAL A 37 -2.80 8.86 1.76
CA VAL A 37 -3.82 9.35 0.83
C VAL A 37 -5.21 8.96 1.31
N ILE A 38 -6.24 9.42 0.59
CA ILE A 38 -7.62 9.13 0.95
C ILE A 38 -8.40 8.63 -0.26
N ALA A 39 -9.26 7.64 -0.03
CA ALA A 39 -10.07 7.07 -1.10
C ALA A 39 -11.10 8.08 -1.60
N MET A 40 -11.12 8.29 -2.91
CA MET A 40 -12.06 9.23 -3.52
C MET A 40 -13.40 8.57 -3.77
N TYR A 41 -13.37 7.31 -4.17
CA TYR A 41 -14.60 6.55 -4.44
C TYR A 41 -14.57 5.20 -3.75
N ASP A 42 -15.76 4.67 -3.47
CA ASP A 42 -15.87 3.36 -2.82
C ASP A 42 -15.25 2.26 -3.67
N TYR A 43 -14.02 1.88 -3.32
CA TYR A 43 -13.32 0.84 -4.06
C TYR A 43 -13.68 -0.55 -3.52
N ALA A 44 -13.78 -1.51 -4.44
CA ALA A 44 -14.12 -2.87 -4.05
C ALA A 44 -13.12 -3.87 -4.63
N ALA A 45 -12.39 -4.56 -3.75
CA ALA A 45 -11.40 -5.54 -4.18
C ALA A 45 -12.07 -6.79 -4.75
N ASN A 46 -11.90 -7.01 -6.05
CA ASN A 46 -12.49 -8.16 -6.71
C ASN A 46 -12.06 -9.45 -6.02
N ASN A 47 -11.00 -9.37 -5.23
CA ASN A 47 -10.49 -10.54 -4.52
C ASN A 47 -9.61 -10.12 -3.35
N GLU A 48 -9.03 -11.10 -2.66
CA GLU A 48 -8.16 -10.83 -1.52
C GLU A 48 -6.86 -10.15 -1.98
N ASP A 49 -6.55 -10.29 -3.26
CA ASP A 49 -5.35 -9.69 -3.83
C ASP A 49 -5.44 -8.17 -3.83
N GLU A 50 -6.63 -7.66 -4.15
CA GLU A 50 -6.85 -6.22 -4.19
C GLU A 50 -7.31 -5.70 -2.83
N LEU A 51 -7.26 -4.39 -2.65
CA LEU A 51 -7.67 -3.76 -1.39
C LEU A 51 -9.06 -3.16 -1.51
N SER A 52 -9.96 -3.58 -0.62
CA SER A 52 -11.33 -3.09 -0.63
C SER A 52 -11.52 -2.03 0.45
N PHE A 53 -11.96 -0.85 0.04
CA PHE A 53 -12.19 0.25 0.97
C PHE A 53 -13.39 1.08 0.54
N SER A 54 -13.79 2.02 1.39
CA SER A 54 -14.93 2.89 1.11
C SER A 54 -14.50 4.35 1.04
N LYS A 55 -15.14 5.11 0.15
CA LYS A 55 -14.83 6.52 -0.02
C LYS A 55 -14.49 7.17 1.32
N GLY A 56 -13.25 7.64 1.45
CA GLY A 56 -12.83 8.26 2.67
C GLY A 56 -12.17 7.29 3.63
N GLN A 57 -11.67 6.18 3.09
CA GLN A 57 -11.02 5.16 3.91
C GLN A 57 -9.59 5.57 4.26
N LEU A 58 -9.04 4.96 5.30
CA LEU A 58 -7.69 5.26 5.75
C LEU A 58 -6.66 4.43 4.97
N ILE A 59 -5.96 5.08 4.05
CA ILE A 59 -4.95 4.41 3.24
C ILE A 59 -3.60 5.13 3.33
N ASN A 60 -2.54 4.35 3.52
CA ASN A 60 -1.20 4.91 3.61
C ASN A 60 -0.28 4.32 2.55
N VAL A 61 0.01 5.10 1.52
CA VAL A 61 0.87 4.66 0.44
C VAL A 61 2.24 4.23 0.96
N MET A 62 2.61 2.98 0.70
CA MET A 62 3.89 2.44 1.15
C MET A 62 4.85 2.29 -0.03
N ASN A 63 4.32 1.89 -1.17
CA ASN A 63 5.14 1.70 -2.36
C ASN A 63 4.38 2.12 -3.62
N LYS A 64 4.77 3.24 -4.20
CA LYS A 64 4.13 3.75 -5.41
C LYS A 64 5.09 3.72 -6.60
N ASP A 65 5.83 2.62 -6.72
CA ASP A 65 6.78 2.46 -7.81
C ASP A 65 6.17 2.92 -9.14
N ASP A 66 5.00 2.40 -9.47
CA ASP A 66 4.32 2.76 -10.70
C ASP A 66 3.24 3.80 -10.44
N PRO A 67 3.23 4.87 -11.25
CA PRO A 67 2.26 5.96 -11.13
C PRO A 67 0.85 5.53 -11.52
N ASP A 68 0.72 4.26 -11.92
CA ASP A 68 -0.58 3.73 -12.31
C ASP A 68 -1.30 3.10 -11.12
N TRP A 69 -0.56 2.34 -10.32
CA TRP A 69 -1.13 1.68 -9.15
C TRP A 69 -0.25 1.90 -7.92
N TRP A 70 -0.88 2.10 -6.78
CA TRP A 70 -0.15 2.32 -5.54
C TRP A 70 -0.56 1.30 -4.47
N GLN A 71 0.31 1.10 -3.49
CA GLN A 71 0.04 0.14 -2.42
C GLN A 71 -0.21 0.87 -1.10
N GLY A 72 -1.34 0.56 -0.47
CA GLY A 72 -1.68 1.19 0.80
C GLY A 72 -2.08 0.19 1.86
N GLU A 73 -2.53 0.68 3.00
CA GLU A 73 -2.94 -0.19 4.10
C GLU A 73 -4.20 0.35 4.77
N ILE A 74 -4.94 -0.54 5.42
CA ILE A 74 -6.17 -0.16 6.11
C ILE A 74 -6.51 -1.14 7.23
N ASN A 75 -6.54 -0.64 8.46
CA ASN A 75 -6.85 -1.49 9.61
C ASN A 75 -5.93 -2.70 9.66
N GLY A 76 -4.64 -2.47 9.48
CA GLY A 76 -3.67 -3.55 9.51
C GLY A 76 -3.77 -4.45 8.30
N VAL A 77 -4.48 -3.98 7.27
CA VAL A 77 -4.65 -4.76 6.05
C VAL A 77 -3.86 -4.14 4.89
N THR A 78 -3.42 -4.98 3.97
CA THR A 78 -2.65 -4.52 2.82
C THR A 78 -3.16 -5.17 1.53
N GLY A 79 -3.06 -4.45 0.43
CA GLY A 79 -3.51 -4.97 -0.85
C GLY A 79 -2.95 -4.18 -2.02
N LEU A 80 -3.80 -3.96 -3.03
CA LEU A 80 -3.39 -3.21 -4.22
C LEU A 80 -4.54 -2.37 -4.76
N PHE A 81 -4.23 -1.15 -5.16
CA PHE A 81 -5.24 -0.24 -5.69
C PHE A 81 -4.61 0.79 -6.63
N PRO A 82 -5.41 1.32 -7.55
CA PRO A 82 -4.96 2.31 -8.53
C PRO A 82 -4.67 3.67 -7.88
N SER A 83 -3.66 4.36 -8.39
CA SER A 83 -3.28 5.67 -7.86
C SER A 83 -4.26 6.74 -8.31
N ASN A 84 -5.33 6.32 -8.96
CA ASN A 84 -6.35 7.26 -9.45
C ASN A 84 -7.58 7.23 -8.57
N TYR A 85 -7.61 6.30 -7.62
CA TYR A 85 -8.74 6.17 -6.70
C TYR A 85 -8.39 6.73 -5.33
N VAL A 86 -7.33 7.52 -5.27
CA VAL A 86 -6.89 8.12 -4.01
C VAL A 86 -6.37 9.54 -4.23
N LYS A 87 -6.70 10.43 -3.31
CA LYS A 87 -6.26 11.81 -3.39
C LYS A 87 -5.32 12.16 -2.24
N MET A 88 -4.10 12.57 -2.58
CA MET A 88 -3.12 12.95 -1.58
C MET A 88 -3.73 13.83 -0.50
N THR A 89 -3.73 13.35 0.74
CA THR A 89 -4.29 14.09 1.85
C THR A 89 -3.63 15.46 1.99
N THR A 90 -2.31 15.47 2.03
CA THR A 90 -1.55 16.72 2.14
C THR A 90 -2.04 17.52 3.34
N ASP A 91 -2.45 16.83 4.39
CA ASP A 91 -2.93 17.49 5.60
C ASP A 91 -1.76 17.96 6.48
N SER A 92 -1.93 19.10 7.12
CA SER A 92 -0.89 19.65 7.98
C SER A 92 -0.63 18.73 9.17
N SER A 93 0.52 18.06 9.15
CA SER A 93 0.89 17.15 10.23
C SER A 93 2.24 17.55 10.83
N GLY A 94 2.41 18.85 11.09
CA GLY A 94 3.64 19.33 11.67
C GLY A 94 3.47 20.66 12.36
N PRO A 95 3.74 21.75 11.65
CA PRO A 95 3.62 23.11 12.19
C PRO A 95 2.16 23.52 12.42
N SER A 96 1.94 24.32 13.46
CA SER A 96 0.60 24.77 13.80
C SER A 96 0.21 25.98 12.96
N SER A 97 -0.71 25.77 12.02
CA SER A 97 -1.17 26.85 11.14
C SER A 97 -1.76 27.99 11.96
N GLY A 98 -1.41 29.22 11.57
CA GLY A 98 -1.92 30.38 12.27
C GLY A 98 -2.45 31.44 11.33
N GLY A 1 -7.15 -24.38 14.91
CA GLY A 1 -6.07 -23.44 14.60
C GLY A 1 -6.56 -22.27 13.76
N SER A 2 -6.37 -21.06 14.27
CA SER A 2 -6.80 -19.85 13.57
C SER A 2 -6.32 -19.89 12.12
N SER A 3 -6.95 -19.05 11.29
CA SER A 3 -6.61 -18.98 9.87
C SER A 3 -5.11 -18.77 9.69
N GLY A 4 -4.54 -19.44 8.69
CA GLY A 4 -3.12 -19.31 8.43
C GLY A 4 -2.78 -18.03 7.69
N SER A 5 -2.49 -16.98 8.43
CA SER A 5 -2.15 -15.68 7.85
C SER A 5 -0.64 -15.45 7.86
N SER A 6 -0.16 -14.63 6.94
CA SER A 6 1.26 -14.31 6.86
C SER A 6 1.50 -13.17 5.88
N GLY A 7 2.65 -12.50 6.04
CA GLY A 7 2.99 -11.39 5.17
C GLY A 7 3.28 -11.84 3.74
N GLN A 8 2.23 -12.23 3.03
CA GLN A 8 2.38 -12.70 1.65
C GLN A 8 2.54 -11.50 0.70
N LYS A 9 3.58 -11.55 -0.11
CA LYS A 9 3.86 -10.48 -1.07
C LYS A 9 2.89 -10.55 -2.25
N GLY A 10 2.79 -9.46 -2.99
CA GLY A 10 1.90 -9.42 -4.14
C GLY A 10 2.03 -8.13 -4.93
N TRP A 11 3.27 -7.72 -5.19
CA TRP A 11 3.52 -6.50 -5.95
C TRP A 11 4.34 -6.79 -7.21
N PHE A 12 3.80 -6.38 -8.35
CA PHE A 12 4.48 -6.60 -9.62
C PHE A 12 4.84 -5.27 -10.28
N PRO A 13 6.12 -4.86 -10.12
CA PRO A 13 6.62 -3.61 -10.70
C PRO A 13 6.72 -3.67 -12.22
N ALA A 14 7.07 -2.54 -12.83
CA ALA A 14 7.21 -2.46 -14.27
C ALA A 14 8.67 -2.28 -14.68
N SER A 15 9.56 -2.89 -13.91
CA SER A 15 11.00 -2.80 -14.19
C SER A 15 11.55 -4.15 -14.61
N HIS A 16 12.70 -4.12 -15.29
CA HIS A 16 13.34 -5.36 -15.75
C HIS A 16 14.68 -5.57 -15.04
N VAL A 17 14.80 -6.69 -14.35
CA VAL A 17 16.03 -7.02 -13.62
C VAL A 17 16.59 -8.36 -14.08
N LYS A 18 17.92 -8.47 -14.05
CA LYS A 18 18.58 -9.71 -14.46
C LYS A 18 19.62 -10.13 -13.42
N LEU A 19 19.31 -9.91 -12.15
CA LEU A 19 20.23 -10.27 -11.07
C LEU A 19 19.60 -11.32 -10.15
N LEU A 20 20.43 -12.24 -9.68
CA LEU A 20 19.96 -13.30 -8.79
C LEU A 20 20.88 -13.44 -7.58
N GLY A 21 21.51 -12.34 -7.20
CA GLY A 21 22.41 -12.35 -6.05
C GLY A 21 21.66 -12.34 -4.74
N PRO A 22 22.19 -13.10 -3.75
CA PRO A 22 21.57 -13.19 -2.42
C PRO A 22 21.71 -11.89 -1.63
N SER A 23 20.59 -11.39 -1.12
CA SER A 23 20.58 -10.15 -0.35
C SER A 23 20.94 -10.42 1.10
N SER A 24 20.25 -11.38 1.72
CA SER A 24 20.49 -11.73 3.11
C SER A 24 20.43 -10.49 4.00
N GLU A 25 19.44 -9.64 3.76
CA GLU A 25 19.28 -8.42 4.53
C GLU A 25 18.28 -8.63 5.67
N ARG A 26 18.46 -7.88 6.76
CA ARG A 26 17.58 -7.99 7.91
C ARG A 26 16.24 -7.30 7.65
N ALA A 27 15.15 -8.02 7.88
CA ALA A 27 13.81 -7.49 7.65
C ALA A 27 13.15 -7.12 8.99
N THR A 28 12.79 -5.85 9.12
CA THR A 28 12.14 -5.37 10.34
C THR A 28 10.63 -5.46 10.24
N PRO A 29 9.97 -5.81 11.35
CA PRO A 29 8.52 -5.93 11.41
C PRO A 29 7.82 -4.58 11.30
N ALA A 30 8.56 -3.51 11.53
CA ALA A 30 8.01 -2.16 11.45
C ALA A 30 7.86 -1.71 10.00
N PHE A 31 6.85 -0.90 9.75
CA PHE A 31 6.60 -0.39 8.40
C PHE A 31 6.63 1.13 8.37
N HIS A 32 7.18 1.69 7.31
CA HIS A 32 7.27 3.14 7.15
C HIS A 32 6.74 3.58 5.79
N PRO A 33 5.52 4.12 5.78
CA PRO A 33 4.88 4.60 4.54
C PRO A 33 5.56 5.85 3.98
N VAL A 34 5.18 6.21 2.75
CA VAL A 34 5.76 7.38 2.11
C VAL A 34 4.86 8.60 2.29
N CYS A 35 3.55 8.37 2.34
CA CYS A 35 2.59 9.46 2.52
C CYS A 35 1.22 8.91 2.87
N GLN A 36 0.23 9.80 2.98
CA GLN A 36 -1.13 9.40 3.32
C GLN A 36 -2.12 9.93 2.28
N VAL A 37 -2.90 9.02 1.71
CA VAL A 37 -3.89 9.40 0.70
C VAL A 37 -5.29 9.02 1.16
N ILE A 38 -6.29 9.56 0.47
CA ILE A 38 -7.69 9.28 0.80
C ILE A 38 -8.42 8.66 -0.38
N ALA A 39 -9.34 7.75 -0.09
CA ALA A 39 -10.11 7.08 -1.13
C ALA A 39 -11.15 8.02 -1.72
N MET A 40 -11.12 8.18 -3.04
CA MET A 40 -12.06 9.06 -3.73
C MET A 40 -13.42 8.36 -3.91
N TYR A 41 -13.37 7.07 -4.21
CA TYR A 41 -14.60 6.29 -4.41
C TYR A 41 -14.53 4.97 -3.65
N ASP A 42 -15.68 4.41 -3.35
CA ASP A 42 -15.76 3.14 -2.63
C ASP A 42 -15.14 2.02 -3.45
N TYR A 43 -13.91 1.64 -3.10
CA TYR A 43 -13.21 0.57 -3.80
C TYR A 43 -13.46 -0.78 -3.14
N ALA A 44 -13.77 -1.78 -3.96
CA ALA A 44 -14.03 -3.12 -3.46
C ALA A 44 -13.17 -4.16 -4.19
N ALA A 45 -12.07 -4.55 -3.55
CA ALA A 45 -11.17 -5.54 -4.14
C ALA A 45 -11.95 -6.63 -4.88
N ASN A 46 -11.88 -6.60 -6.20
CA ASN A 46 -12.58 -7.58 -7.03
C ASN A 46 -12.13 -8.99 -6.69
N ASN A 47 -11.00 -9.10 -6.00
CA ASN A 47 -10.45 -10.40 -5.61
C ASN A 47 -9.80 -10.32 -4.23
N GLU A 48 -9.23 -11.45 -3.79
CA GLU A 48 -8.58 -11.51 -2.50
C GLU A 48 -7.14 -11.00 -2.58
N ASP A 49 -6.83 -10.29 -3.66
CA ASP A 49 -5.50 -9.75 -3.87
C ASP A 49 -5.52 -8.22 -3.77
N GLU A 50 -6.60 -7.61 -4.23
CA GLU A 50 -6.75 -6.17 -4.18
C GLU A 50 -7.24 -5.70 -2.81
N LEU A 51 -7.24 -4.39 -2.59
CA LEU A 51 -7.68 -3.82 -1.33
C LEU A 51 -9.09 -3.26 -1.45
N SER A 52 -9.93 -3.58 -0.46
CA SER A 52 -11.32 -3.12 -0.46
C SER A 52 -11.52 -2.04 0.59
N PHE A 53 -11.87 -0.83 0.15
CA PHE A 53 -12.09 0.28 1.05
C PHE A 53 -13.25 1.14 0.57
N SER A 54 -13.76 2.00 1.46
CA SER A 54 -14.87 2.87 1.13
C SER A 54 -14.41 4.32 1.01
N LYS A 55 -15.11 5.10 0.19
CA LYS A 55 -14.77 6.51 0.00
C LYS A 55 -14.41 7.17 1.33
N GLY A 56 -13.17 7.63 1.44
CA GLY A 56 -12.72 8.28 2.66
C GLY A 56 -12.11 7.31 3.64
N GLN A 57 -11.49 6.26 3.12
CA GLN A 57 -10.86 5.24 3.96
C GLN A 57 -9.42 5.64 4.29
N LEU A 58 -8.92 5.15 5.42
CA LEU A 58 -7.56 5.45 5.84
C LEU A 58 -6.55 4.62 5.06
N ILE A 59 -5.92 5.24 4.06
CA ILE A 59 -4.93 4.56 3.24
C ILE A 59 -3.57 5.23 3.34
N ASN A 60 -2.53 4.43 3.56
CA ASN A 60 -1.17 4.94 3.68
C ASN A 60 -0.26 4.31 2.64
N VAL A 61 0.00 5.04 1.57
CA VAL A 61 0.87 4.55 0.50
C VAL A 61 2.25 4.19 1.03
N MET A 62 2.65 2.94 0.83
CA MET A 62 3.96 2.48 1.29
C MET A 62 4.91 2.29 0.11
N ASN A 63 4.38 1.82 -1.01
CA ASN A 63 5.19 1.60 -2.21
C ASN A 63 4.45 2.06 -3.46
N LYS A 64 4.88 3.19 -4.01
CA LYS A 64 4.26 3.74 -5.21
C LYS A 64 5.26 3.83 -6.35
N ASP A 65 6.05 2.78 -6.53
CA ASP A 65 7.05 2.74 -7.59
C ASP A 65 6.40 2.93 -8.96
N ASP A 66 5.15 2.52 -9.08
CA ASP A 66 4.41 2.64 -10.33
C ASP A 66 3.31 3.69 -10.22
N PRO A 67 3.35 4.68 -11.13
CA PRO A 67 2.38 5.77 -11.15
C PRO A 67 1.00 5.29 -11.60
N ASP A 68 0.87 3.98 -11.83
CA ASP A 68 -0.39 3.41 -12.27
C ASP A 68 -1.17 2.84 -11.08
N TRP A 69 -0.47 2.09 -10.23
CA TRP A 69 -1.09 1.49 -9.05
C TRP A 69 -0.26 1.75 -7.80
N TRP A 70 -0.93 2.01 -6.69
CA TRP A 70 -0.25 2.27 -5.42
C TRP A 70 -0.63 1.24 -4.37
N GLN A 71 0.22 1.07 -3.37
CA GLN A 71 -0.03 0.10 -2.30
C GLN A 71 -0.18 0.81 -0.96
N GLY A 72 -1.29 0.55 -0.28
CA GLY A 72 -1.53 1.17 1.02
C GLY A 72 -2.06 0.18 2.03
N GLU A 73 -2.29 0.66 3.25
CA GLU A 73 -2.80 -0.18 4.32
C GLU A 73 -4.07 0.41 4.93
N ILE A 74 -4.83 -0.43 5.62
CA ILE A 74 -6.07 0.02 6.26
C ILE A 74 -6.43 -0.86 7.45
N ASN A 75 -6.21 -0.34 8.65
CA ASN A 75 -6.50 -1.07 9.87
C ASN A 75 -5.76 -2.41 9.90
N GLY A 76 -4.48 -2.37 9.55
CA GLY A 76 -3.68 -3.58 9.54
C GLY A 76 -3.93 -4.43 8.32
N VAL A 77 -4.67 -3.88 7.36
CA VAL A 77 -4.99 -4.60 6.14
C VAL A 77 -4.21 -4.04 4.95
N THR A 78 -3.73 -4.92 4.08
CA THR A 78 -2.96 -4.51 2.91
C THR A 78 -3.59 -5.07 1.64
N GLY A 79 -3.41 -4.34 0.54
CA GLY A 79 -3.95 -4.77 -0.74
C GLY A 79 -3.38 -4.01 -1.91
N LEU A 80 -4.17 -3.87 -2.97
CA LEU A 80 -3.73 -3.15 -4.16
C LEU A 80 -4.84 -2.25 -4.69
N PHE A 81 -4.45 -1.11 -5.23
CA PHE A 81 -5.42 -0.15 -5.77
C PHE A 81 -4.73 0.86 -6.68
N PRO A 82 -5.49 1.41 -7.65
CA PRO A 82 -4.97 2.39 -8.61
C PRO A 82 -4.67 3.73 -7.94
N SER A 83 -3.68 4.44 -8.48
CA SER A 83 -3.30 5.74 -7.94
C SER A 83 -4.31 6.81 -8.34
N ASN A 84 -5.38 6.39 -9.00
CA ASN A 84 -6.42 7.32 -9.44
C ASN A 84 -7.62 7.27 -8.50
N TYR A 85 -7.71 6.21 -7.71
CA TYR A 85 -8.81 6.04 -6.76
C TYR A 85 -8.47 6.68 -5.42
N VAL A 86 -7.32 7.34 -5.36
CA VAL A 86 -6.88 7.98 -4.13
C VAL A 86 -6.38 9.40 -4.41
N LYS A 87 -6.44 10.25 -3.39
CA LYS A 87 -5.98 11.63 -3.53
C LYS A 87 -5.19 12.07 -2.29
N MET A 88 -3.90 12.35 -2.49
CA MET A 88 -3.04 12.78 -1.40
C MET A 88 -3.79 13.69 -0.44
N THR A 89 -3.86 13.28 0.82
CA THR A 89 -4.56 14.06 1.85
C THR A 89 -3.94 15.45 1.98
N THR A 90 -2.61 15.51 2.00
CA THR A 90 -1.90 16.78 2.12
C THR A 90 -2.16 17.42 3.48
N ASP A 91 -2.24 16.59 4.52
CA ASP A 91 -2.49 17.07 5.87
C ASP A 91 -1.17 17.29 6.62
N SER A 92 -1.05 18.42 7.29
CA SER A 92 0.15 18.75 8.04
C SER A 92 0.31 17.82 9.23
N SER A 93 1.47 17.18 9.33
CA SER A 93 1.75 16.27 10.43
C SER A 93 3.19 16.39 10.90
N GLY A 94 3.37 16.69 12.18
CA GLY A 94 4.72 16.84 12.73
C GLY A 94 5.30 18.21 12.46
N PRO A 95 6.63 18.33 12.61
CA PRO A 95 7.34 19.59 12.39
C PRO A 95 7.36 20.00 10.93
N SER A 96 7.18 21.30 10.67
CA SER A 96 7.18 21.81 9.31
C SER A 96 8.38 22.72 9.06
N SER A 97 9.54 22.31 9.59
CA SER A 97 10.76 23.10 9.44
C SER A 97 11.58 22.60 8.25
N GLY A 98 11.91 23.52 7.35
CA GLY A 98 12.68 23.16 6.18
C GLY A 98 12.59 24.21 5.08
N GLY A 1 10.94 -25.87 -0.50
CA GLY A 1 11.59 -24.67 -0.02
C GLY A 1 10.62 -23.71 0.64
N SER A 2 10.11 -22.77 -0.15
CA SER A 2 9.16 -21.78 0.37
C SER A 2 7.73 -22.12 -0.05
N SER A 3 7.57 -22.51 -1.32
CA SER A 3 6.26 -22.86 -1.86
C SER A 3 5.31 -21.66 -1.79
N GLY A 4 5.84 -20.49 -2.16
CA GLY A 4 5.02 -19.28 -2.14
C GLY A 4 3.87 -19.35 -3.14
N SER A 5 3.28 -18.19 -3.42
CA SER A 5 2.17 -18.12 -4.36
C SER A 5 2.52 -17.25 -5.56
N SER A 6 2.91 -17.91 -6.65
CA SER A 6 3.29 -17.20 -7.87
C SER A 6 2.05 -16.85 -8.69
N GLY A 7 1.45 -15.72 -8.37
CA GLY A 7 0.27 -15.28 -9.10
C GLY A 7 0.32 -13.82 -9.48
N GLN A 8 0.76 -12.98 -8.56
CA GLN A 8 0.86 -11.55 -8.80
C GLN A 8 2.03 -11.24 -9.73
N LYS A 9 1.72 -10.88 -10.97
CA LYS A 9 2.75 -10.55 -11.95
C LYS A 9 2.61 -9.11 -12.43
N GLY A 10 3.70 -8.35 -12.33
CA GLY A 10 3.68 -6.97 -12.75
C GLY A 10 4.24 -6.03 -11.71
N TRP A 11 3.80 -6.21 -10.46
CA TRP A 11 4.27 -5.38 -9.36
C TRP A 11 5.62 -5.85 -8.84
N PHE A 12 6.51 -4.90 -8.57
CA PHE A 12 7.84 -5.23 -8.07
C PHE A 12 8.14 -4.45 -6.80
N PRO A 13 7.98 -5.12 -5.65
CA PRO A 13 8.23 -4.51 -4.33
C PRO A 13 9.71 -4.25 -4.09
N ALA A 14 10.02 -3.73 -2.90
CA ALA A 14 11.41 -3.43 -2.55
C ALA A 14 12.20 -4.72 -2.31
N SER A 15 12.87 -5.20 -3.36
CA SER A 15 13.65 -6.43 -3.26
C SER A 15 14.81 -6.25 -2.29
N HIS A 16 14.80 -7.03 -1.21
CA HIS A 16 15.85 -6.96 -0.20
C HIS A 16 17.04 -7.82 -0.60
N VAL A 17 18.24 -7.40 -0.20
CA VAL A 17 19.45 -8.14 -0.52
C VAL A 17 19.94 -8.93 0.69
N LYS A 18 19.99 -10.25 0.55
CA LYS A 18 20.45 -11.12 1.62
C LYS A 18 21.97 -11.05 1.78
N LEU A 19 22.42 -10.20 2.71
CA LEU A 19 23.84 -10.04 2.96
C LEU A 19 24.38 -11.20 3.80
N LEU A 20 25.53 -11.73 3.39
CA LEU A 20 26.15 -12.84 4.10
C LEU A 20 26.64 -12.40 5.48
N GLY A 21 26.96 -13.38 6.32
CA GLY A 21 27.43 -13.07 7.66
C GLY A 21 26.84 -13.99 8.71
N PRO A 22 25.78 -13.53 9.38
CA PRO A 22 25.10 -14.29 10.42
C PRO A 22 24.33 -15.49 9.85
N SER A 23 24.45 -15.70 8.54
CA SER A 23 23.76 -16.79 7.88
C SER A 23 22.30 -16.86 8.29
N SER A 24 21.68 -15.69 8.44
CA SER A 24 20.28 -15.62 8.84
C SER A 24 19.72 -14.22 8.57
N GLU A 25 18.48 -14.17 8.09
CA GLU A 25 17.83 -12.90 7.80
C GLU A 25 17.17 -12.33 9.06
N ARG A 26 17.01 -11.00 9.07
CA ARG A 26 16.40 -10.33 10.22
C ARG A 26 14.95 -9.97 9.92
N ALA A 27 14.12 -10.00 10.96
CA ALA A 27 12.70 -9.68 10.81
C ALA A 27 12.38 -8.32 11.43
N THR A 28 12.17 -7.32 10.58
CA THR A 28 11.86 -5.97 11.03
C THR A 28 10.45 -5.57 10.61
N PRO A 29 9.48 -5.81 11.49
CA PRO A 29 8.07 -5.48 11.24
C PRO A 29 7.83 -3.97 11.25
N ALA A 30 8.89 -3.20 11.49
CA ALA A 30 8.79 -1.75 11.52
C ALA A 30 8.87 -1.17 10.12
N PHE A 31 7.72 -1.06 9.46
CA PHE A 31 7.68 -0.52 8.10
C PHE A 31 7.42 0.99 8.13
N HIS A 32 7.81 1.66 7.05
CA HIS A 32 7.63 3.11 6.95
C HIS A 32 7.05 3.49 5.60
N PRO A 33 5.82 4.03 5.61
CA PRO A 33 5.13 4.44 4.38
C PRO A 33 5.77 5.67 3.75
N VAL A 34 5.30 6.04 2.57
CA VAL A 34 5.82 7.21 1.85
C VAL A 34 4.91 8.41 2.06
N CYS A 35 3.63 8.16 2.25
CA CYS A 35 2.66 9.25 2.46
C CYS A 35 1.30 8.68 2.86
N GLN A 36 0.34 9.57 3.08
CA GLN A 36 -1.01 9.16 3.46
C GLN A 36 -2.05 9.74 2.51
N VAL A 37 -2.81 8.85 1.87
CA VAL A 37 -3.84 9.28 0.93
C VAL A 37 -5.22 8.83 1.40
N ILE A 38 -6.25 9.27 0.67
CA ILE A 38 -7.62 8.91 1.01
C ILE A 38 -8.38 8.42 -0.22
N ALA A 39 -9.28 7.46 -0.02
CA ALA A 39 -10.07 6.91 -1.11
C ALA A 39 -11.05 7.94 -1.65
N MET A 40 -11.07 8.11 -2.97
CA MET A 40 -11.97 9.06 -3.60
C MET A 40 -13.31 8.42 -3.92
N TYR A 41 -13.30 7.12 -4.20
CA TYR A 41 -14.51 6.39 -4.51
C TYR A 41 -14.53 5.04 -3.82
N ASP A 42 -15.73 4.53 -3.54
CA ASP A 42 -15.89 3.24 -2.87
C ASP A 42 -15.27 2.13 -3.70
N TYR A 43 -14.05 1.74 -3.36
CA TYR A 43 -13.35 0.69 -4.07
C TYR A 43 -13.68 -0.69 -3.49
N ALA A 44 -13.90 -1.66 -4.37
CA ALA A 44 -14.23 -3.01 -3.94
C ALA A 44 -13.29 -4.03 -4.59
N ALA A 45 -12.39 -4.61 -3.79
CA ALA A 45 -11.45 -5.59 -4.29
C ALA A 45 -12.16 -6.88 -4.69
N ASN A 46 -12.17 -7.18 -5.99
CA ASN A 46 -12.82 -8.38 -6.50
C ASN A 46 -12.26 -9.62 -5.81
N ASN A 47 -11.09 -9.49 -5.21
CA ASN A 47 -10.45 -10.60 -4.52
C ASN A 47 -9.46 -10.10 -3.47
N GLU A 48 -8.81 -11.04 -2.79
CA GLU A 48 -7.83 -10.69 -1.76
C GLU A 48 -6.67 -9.90 -2.35
N ASP A 49 -6.38 -10.15 -3.62
CA ASP A 49 -5.29 -9.46 -4.31
C ASP A 49 -5.47 -7.95 -4.24
N GLU A 50 -6.71 -7.50 -4.41
CA GLU A 50 -7.01 -6.07 -4.37
C GLU A 50 -7.42 -5.64 -2.96
N LEU A 51 -7.59 -4.34 -2.77
CA LEU A 51 -7.99 -3.81 -1.47
C LEU A 51 -9.40 -3.24 -1.52
N SER A 52 -10.25 -3.71 -0.60
CA SER A 52 -11.63 -3.26 -0.53
C SER A 52 -11.79 -2.16 0.50
N PHE A 53 -12.14 -0.96 0.04
CA PHE A 53 -12.33 0.19 0.93
C PHE A 53 -13.47 1.08 0.44
N SER A 54 -13.90 1.99 1.30
CA SER A 54 -14.98 2.91 0.95
C SER A 54 -14.49 4.35 0.93
N LYS A 55 -15.15 5.18 0.13
CA LYS A 55 -14.79 6.59 0.02
C LYS A 55 -14.48 7.18 1.38
N GLY A 56 -13.29 7.77 1.51
CA GLY A 56 -12.89 8.36 2.77
C GLY A 56 -12.29 7.35 3.74
N GLN A 57 -11.61 6.35 3.19
CA GLN A 57 -10.98 5.32 4.00
C GLN A 57 -9.56 5.71 4.38
N LEU A 58 -8.99 4.99 5.35
CA LEU A 58 -7.64 5.27 5.80
C LEU A 58 -6.62 4.47 4.99
N ILE A 59 -5.95 5.13 4.05
CA ILE A 59 -4.96 4.49 3.22
C ILE A 59 -3.62 5.21 3.29
N ASN A 60 -2.54 4.46 3.50
CA ASN A 60 -1.21 5.04 3.59
C ASN A 60 -0.29 4.42 2.53
N VAL A 61 -0.02 5.18 1.47
CA VAL A 61 0.85 4.71 0.40
C VAL A 61 2.24 4.37 0.94
N MET A 62 2.66 3.13 0.72
CA MET A 62 3.96 2.68 1.18
C MET A 62 4.89 2.41 0.00
N ASN A 63 4.33 1.87 -1.07
CA ASN A 63 5.11 1.57 -2.27
C ASN A 63 4.39 2.07 -3.53
N LYS A 64 4.89 3.16 -4.09
CA LYS A 64 4.31 3.75 -5.29
C LYS A 64 5.28 3.68 -6.46
N ASP A 65 6.04 2.59 -6.53
CA ASP A 65 7.01 2.40 -7.60
C ASP A 65 6.38 2.70 -8.96
N ASP A 66 5.14 2.27 -9.15
CA ASP A 66 4.43 2.50 -10.40
C ASP A 66 3.43 3.64 -10.26
N PRO A 67 3.53 4.63 -11.15
CA PRO A 67 2.64 5.79 -11.15
C PRO A 67 1.21 5.44 -11.55
N ASP A 68 0.97 4.16 -11.78
CA ASP A 68 -0.35 3.67 -12.18
C ASP A 68 -1.10 3.11 -10.98
N TRP A 69 -0.44 2.22 -10.23
CA TRP A 69 -1.06 1.61 -9.07
C TRP A 69 -0.19 1.82 -7.83
N TRP A 70 -0.84 1.99 -6.68
CA TRP A 70 -0.13 2.22 -5.42
C TRP A 70 -0.53 1.17 -4.39
N GLN A 71 0.20 1.14 -3.27
CA GLN A 71 -0.07 0.20 -2.21
C GLN A 71 -0.22 0.90 -0.87
N GLY A 72 -1.33 0.63 -0.18
CA GLY A 72 -1.58 1.25 1.11
C GLY A 72 -2.12 0.27 2.13
N GLU A 73 -2.25 0.72 3.37
CA GLU A 73 -2.76 -0.12 4.45
C GLU A 73 -4.05 0.46 5.03
N ILE A 74 -5.00 -0.41 5.33
CA ILE A 74 -6.28 0.00 5.89
C ILE A 74 -6.68 -0.88 7.07
N ASN A 75 -6.43 -0.39 8.28
CA ASN A 75 -6.77 -1.13 9.49
C ASN A 75 -5.95 -2.42 9.59
N GLY A 76 -4.64 -2.30 9.41
CA GLY A 76 -3.77 -3.45 9.47
C GLY A 76 -3.92 -4.36 8.27
N VAL A 77 -4.65 -3.89 7.26
CA VAL A 77 -4.87 -4.67 6.05
C VAL A 77 -4.09 -4.08 4.87
N THR A 78 -3.53 -4.95 4.05
CA THR A 78 -2.76 -4.52 2.89
C THR A 78 -3.33 -5.10 1.60
N GLY A 79 -3.29 -4.31 0.54
CA GLY A 79 -3.82 -4.76 -0.74
C GLY A 79 -3.25 -3.98 -1.91
N LEU A 80 -3.96 -3.98 -3.03
CA LEU A 80 -3.52 -3.27 -4.22
C LEU A 80 -4.65 -2.41 -4.79
N PHE A 81 -4.31 -1.18 -5.17
CA PHE A 81 -5.30 -0.26 -5.72
C PHE A 81 -4.62 0.76 -6.63
N PRO A 82 -5.39 1.32 -7.57
CA PRO A 82 -4.90 2.31 -8.52
C PRO A 82 -4.61 3.66 -7.85
N SER A 83 -3.58 4.35 -8.34
CA SER A 83 -3.19 5.64 -7.79
C SER A 83 -4.16 6.73 -8.24
N ASN A 84 -5.23 6.33 -8.92
CA ASN A 84 -6.22 7.28 -9.41
C ASN A 84 -7.46 7.27 -8.53
N TYR A 85 -7.56 6.28 -7.65
CA TYR A 85 -8.69 6.16 -6.75
C TYR A 85 -8.35 6.70 -5.36
N VAL A 86 -7.38 7.61 -5.32
CA VAL A 86 -6.96 8.21 -4.05
C VAL A 86 -6.43 9.62 -4.27
N LYS A 87 -6.63 10.48 -3.27
CA LYS A 87 -6.17 11.86 -3.35
C LYS A 87 -5.28 12.21 -2.15
N MET A 88 -4.12 12.78 -2.44
CA MET A 88 -3.18 13.16 -1.39
C MET A 88 -3.86 14.02 -0.34
N THR A 89 -4.09 13.45 0.84
CA THR A 89 -4.74 14.16 1.93
C THR A 89 -4.06 15.51 2.18
N THR A 90 -2.75 15.50 2.24
CA THR A 90 -1.98 16.72 2.47
C THR A 90 -2.34 17.35 3.81
N ASP A 91 -2.53 16.50 4.82
CA ASP A 91 -2.88 16.96 6.16
C ASP A 91 -1.69 16.83 7.10
N SER A 92 -0.99 17.93 7.34
CA SER A 92 0.18 17.94 8.22
C SER A 92 -0.25 17.88 9.69
N SER A 93 -0.16 16.70 10.28
CA SER A 93 -0.54 16.51 11.67
C SER A 93 -0.06 17.68 12.52
N GLY A 94 -0.95 18.19 13.37
CA GLY A 94 -0.60 19.31 14.23
C GLY A 94 0.62 19.03 15.08
N PRO A 95 0.45 18.19 16.11
CA PRO A 95 1.54 17.82 17.03
C PRO A 95 2.58 16.93 16.35
N SER A 96 3.78 16.92 16.91
CA SER A 96 4.86 16.11 16.36
C SER A 96 4.93 14.75 17.04
N SER A 97 4.13 13.81 16.55
CA SER A 97 4.09 12.46 17.12
C SER A 97 4.98 11.51 16.33
N GLY A 98 5.55 10.53 17.03
CA GLY A 98 6.43 9.57 16.38
C GLY A 98 5.69 8.70 15.38
N GLY A 1 24.18 -16.20 -8.32
CA GLY A 1 24.21 -15.83 -9.73
C GLY A 1 23.65 -14.46 -9.99
N SER A 2 22.33 -14.38 -10.12
CA SER A 2 21.66 -13.10 -10.37
C SER A 2 21.92 -12.12 -9.23
N SER A 3 21.73 -12.58 -8.00
CA SER A 3 21.94 -11.73 -6.83
C SER A 3 20.90 -10.63 -6.77
N GLY A 4 19.65 -10.97 -7.07
CA GLY A 4 18.58 -9.99 -7.05
C GLY A 4 18.03 -9.77 -5.65
N SER A 5 16.93 -9.01 -5.56
CA SER A 5 16.31 -8.73 -4.28
C SER A 5 15.08 -9.59 -4.07
N SER A 6 15.23 -10.65 -3.26
CA SER A 6 14.13 -11.56 -2.98
C SER A 6 13.84 -11.62 -1.49
N GLY A 7 12.61 -11.29 -1.12
CA GLY A 7 12.23 -11.32 0.28
C GLY A 7 10.72 -11.32 0.48
N GLN A 8 10.14 -10.14 0.54
CA GLN A 8 8.70 -10.00 0.72
C GLN A 8 8.01 -9.64 -0.59
N LYS A 9 7.33 -10.62 -1.18
CA LYS A 9 6.62 -10.40 -2.44
C LYS A 9 5.24 -9.81 -2.19
N GLY A 10 5.15 -8.49 -2.31
CA GLY A 10 3.87 -7.81 -2.09
C GLY A 10 3.69 -6.64 -3.02
N TRP A 11 4.04 -6.82 -4.29
CA TRP A 11 3.90 -5.75 -5.27
C TRP A 11 3.92 -6.31 -6.69
N PHE A 12 2.91 -5.96 -7.48
CA PHE A 12 2.82 -6.43 -8.86
C PHE A 12 2.82 -5.27 -9.84
N PRO A 13 3.71 -5.34 -10.83
CA PRO A 13 3.83 -4.28 -11.86
C PRO A 13 2.64 -4.25 -12.80
N ALA A 14 2.61 -3.26 -13.68
CA ALA A 14 1.52 -3.12 -14.64
C ALA A 14 1.72 -4.04 -15.84
N SER A 15 2.16 -5.27 -15.58
CA SER A 15 2.40 -6.24 -16.64
C SER A 15 1.40 -7.39 -16.56
N HIS A 16 0.78 -7.71 -17.69
CA HIS A 16 -0.20 -8.79 -17.74
C HIS A 16 0.47 -10.14 -17.49
N VAL A 17 0.07 -10.80 -16.41
CA VAL A 17 0.63 -12.10 -16.07
C VAL A 17 -0.40 -13.21 -16.26
N LYS A 18 0.07 -14.37 -16.71
CA LYS A 18 -0.81 -15.51 -16.93
C LYS A 18 -1.23 -16.15 -15.61
N LEU A 19 -0.34 -16.07 -14.61
CA LEU A 19 -0.61 -16.64 -13.31
C LEU A 19 -0.60 -15.56 -12.23
N LEU A 20 -1.36 -15.78 -11.16
CA LEU A 20 -1.44 -14.82 -10.06
C LEU A 20 -1.76 -15.53 -8.75
N GLY A 21 -1.66 -14.80 -7.65
CA GLY A 21 -1.95 -15.37 -6.35
C GLY A 21 -1.29 -14.60 -5.22
N PRO A 22 -1.94 -14.59 -4.05
CA PRO A 22 -1.43 -13.89 -2.86
C PRO A 22 -0.18 -14.54 -2.29
N SER A 23 0.52 -13.81 -1.43
CA SER A 23 1.74 -14.33 -0.81
C SER A 23 1.69 -14.16 0.71
N SER A 24 2.43 -15.02 1.41
CA SER A 24 2.47 -14.97 2.87
C SER A 24 2.69 -13.54 3.36
N GLU A 25 2.04 -13.20 4.47
CA GLU A 25 2.17 -11.86 5.04
C GLU A 25 2.72 -11.93 6.46
N ARG A 26 3.97 -11.51 6.62
CA ARG A 26 4.62 -11.52 7.93
C ARG A 26 4.44 -10.18 8.64
N ALA A 27 4.18 -10.24 9.93
CA ALA A 27 3.99 -9.02 10.73
C ALA A 27 5.30 -8.27 10.89
N THR A 28 5.22 -6.94 10.88
CA THR A 28 6.40 -6.09 11.03
C THR A 28 6.35 -5.32 12.33
N PRO A 29 7.54 -5.09 12.92
CA PRO A 29 7.66 -4.35 14.19
C PRO A 29 7.36 -2.86 14.02
N ALA A 30 7.62 -2.34 12.83
CA ALA A 30 7.36 -0.93 12.54
C ALA A 30 7.36 -0.68 11.04
N PHE A 31 6.35 0.05 10.57
CA PHE A 31 6.23 0.37 9.15
C PHE A 31 6.26 1.88 8.93
N HIS A 32 6.94 2.30 7.86
CA HIS A 32 7.05 3.71 7.53
C HIS A 32 6.65 3.98 6.08
N PRO A 33 5.39 4.40 5.88
CA PRO A 33 4.86 4.69 4.53
C PRO A 33 5.49 5.93 3.92
N VAL A 34 5.37 6.06 2.60
CA VAL A 34 5.92 7.21 1.90
C VAL A 34 5.03 8.44 2.05
N CYS A 35 3.73 8.20 2.14
CA CYS A 35 2.76 9.28 2.30
C CYS A 35 1.40 8.75 2.70
N GLN A 36 0.46 9.65 2.98
CA GLN A 36 -0.88 9.28 3.38
C GLN A 36 -1.92 9.85 2.43
N VAL A 37 -2.75 8.98 1.85
CA VAL A 37 -3.78 9.41 0.93
C VAL A 37 -5.16 8.95 1.39
N ILE A 38 -6.19 9.34 0.65
CA ILE A 38 -7.56 8.97 0.98
C ILE A 38 -8.30 8.44 -0.24
N ALA A 39 -9.27 7.57 -0.01
CA ALA A 39 -10.06 6.99 -1.09
C ALA A 39 -11.06 8.02 -1.64
N MET A 40 -11.06 8.18 -2.95
CA MET A 40 -11.96 9.13 -3.61
C MET A 40 -13.30 8.47 -3.93
N TYR A 41 -13.26 7.18 -4.22
CA TYR A 41 -14.48 6.43 -4.54
C TYR A 41 -14.49 5.08 -3.83
N ASP A 42 -15.69 4.56 -3.60
CA ASP A 42 -15.84 3.28 -2.93
C ASP A 42 -15.24 2.15 -3.76
N TYR A 43 -14.03 1.73 -3.38
CA TYR A 43 -13.33 0.66 -4.09
C TYR A 43 -13.70 -0.69 -3.51
N ALA A 44 -14.07 -1.62 -4.39
CA ALA A 44 -14.43 -2.97 -3.95
C ALA A 44 -13.51 -4.01 -4.57
N ALA A 45 -12.59 -4.54 -3.77
CA ALA A 45 -11.65 -5.54 -4.23
C ALA A 45 -12.37 -6.81 -4.66
N ASN A 46 -12.36 -7.10 -5.96
CA ASN A 46 -13.01 -8.29 -6.48
C ASN A 46 -12.51 -9.55 -5.77
N ASN A 47 -11.30 -9.48 -5.25
CA ASN A 47 -10.70 -10.61 -4.54
C ASN A 47 -9.72 -10.13 -3.48
N GLU A 48 -9.10 -11.08 -2.78
CA GLU A 48 -8.14 -10.76 -1.74
C GLU A 48 -6.96 -9.98 -2.31
N ASP A 49 -6.57 -10.31 -3.53
CA ASP A 49 -5.46 -9.64 -4.19
C ASP A 49 -5.62 -8.12 -4.14
N GLU A 50 -6.85 -7.65 -4.36
CA GLU A 50 -7.13 -6.23 -4.33
C GLU A 50 -7.56 -5.78 -2.94
N LEU A 51 -7.59 -4.47 -2.71
CA LEU A 51 -7.99 -3.92 -1.42
C LEU A 51 -9.39 -3.33 -1.48
N SER A 52 -10.25 -3.80 -0.58
CA SER A 52 -11.63 -3.32 -0.53
C SER A 52 -11.79 -2.20 0.50
N PHE A 53 -12.10 -1.00 0.02
CA PHE A 53 -12.28 0.14 0.89
C PHE A 53 -13.41 1.04 0.40
N SER A 54 -13.82 1.98 1.24
CA SER A 54 -14.90 2.90 0.89
C SER A 54 -14.40 4.34 0.90
N LYS A 55 -14.99 5.16 0.03
CA LYS A 55 -14.61 6.57 -0.07
C LYS A 55 -14.32 7.16 1.32
N GLY A 56 -13.11 7.65 1.51
CA GLY A 56 -12.73 8.23 2.78
C GLY A 56 -12.12 7.22 3.72
N GLN A 57 -11.46 6.22 3.15
CA GLN A 57 -10.81 5.18 3.95
C GLN A 57 -9.38 5.56 4.29
N LEU A 58 -8.85 4.97 5.35
CA LEU A 58 -7.48 5.25 5.78
C LEU A 58 -6.48 4.43 4.97
N ILE A 59 -5.81 5.08 4.03
CA ILE A 59 -4.82 4.42 3.19
C ILE A 59 -3.46 5.10 3.29
N ASN A 60 -2.42 4.29 3.51
CA ASN A 60 -1.06 4.82 3.62
C ASN A 60 -0.16 4.22 2.56
N VAL A 61 0.11 4.99 1.51
CA VAL A 61 0.96 4.54 0.42
C VAL A 61 2.35 4.17 0.93
N MET A 62 2.79 2.95 0.63
CA MET A 62 4.11 2.49 1.05
C MET A 62 5.07 2.41 -0.12
N ASN A 63 4.54 2.04 -1.29
CA ASN A 63 5.36 1.93 -2.50
C ASN A 63 4.59 2.45 -3.71
N LYS A 64 4.99 3.63 -4.19
CA LYS A 64 4.35 4.23 -5.35
C LYS A 64 5.28 4.23 -6.56
N ASP A 65 6.11 3.20 -6.64
CA ASP A 65 7.06 3.06 -7.75
C ASP A 65 6.36 3.25 -9.09
N ASP A 66 5.17 2.66 -9.22
CA ASP A 66 4.40 2.77 -10.45
C ASP A 66 3.29 3.81 -10.30
N PRO A 67 3.30 4.81 -11.19
CA PRO A 67 2.31 5.89 -11.18
C PRO A 67 0.92 5.40 -11.61
N ASP A 68 0.81 4.11 -11.85
CA ASP A 68 -0.46 3.51 -12.26
C ASP A 68 -1.19 2.91 -11.06
N TRP A 69 -0.47 2.16 -10.24
CA TRP A 69 -1.05 1.52 -9.07
C TRP A 69 -0.18 1.75 -7.84
N TRP A 70 -0.83 1.92 -6.69
CA TRP A 70 -0.10 2.15 -5.43
C TRP A 70 -0.50 1.12 -4.38
N GLN A 71 0.34 0.98 -3.36
CA GLN A 71 0.08 0.02 -2.30
C GLN A 71 -0.07 0.73 -0.95
N GLY A 72 -1.17 0.44 -0.26
CA GLY A 72 -1.42 1.07 1.03
C GLY A 72 -2.02 0.10 2.03
N GLU A 73 -2.15 0.55 3.28
CA GLU A 73 -2.71 -0.29 4.34
C GLU A 73 -3.98 0.35 4.90
N ILE A 74 -4.96 -0.49 5.22
CA ILE A 74 -6.22 -0.02 5.78
C ILE A 74 -6.65 -0.88 6.97
N ASN A 75 -6.47 -0.35 8.18
CA ASN A 75 -6.84 -1.07 9.38
C ASN A 75 -6.02 -2.35 9.54
N GLY A 76 -4.70 -2.22 9.43
CA GLY A 76 -3.82 -3.36 9.55
C GLY A 76 -3.92 -4.30 8.37
N VAL A 77 -4.68 -3.89 7.36
CA VAL A 77 -4.85 -4.71 6.16
C VAL A 77 -4.06 -4.14 4.99
N THR A 78 -3.61 -5.02 4.10
CA THR A 78 -2.85 -4.61 2.93
C THR A 78 -3.44 -5.18 1.65
N GLY A 79 -3.31 -4.43 0.56
CA GLY A 79 -3.84 -4.87 -0.71
C GLY A 79 -3.27 -4.10 -1.88
N LEU A 80 -4.00 -4.06 -2.99
CA LEU A 80 -3.56 -3.36 -4.19
C LEU A 80 -4.67 -2.47 -4.73
N PHE A 81 -4.33 -1.25 -5.12
CA PHE A 81 -5.30 -0.31 -5.66
C PHE A 81 -4.62 0.70 -6.58
N PRO A 82 -5.40 1.24 -7.53
CA PRO A 82 -4.90 2.23 -8.49
C PRO A 82 -4.58 3.57 -7.83
N SER A 83 -3.56 4.26 -8.35
CA SER A 83 -3.14 5.54 -7.81
C SER A 83 -4.07 6.65 -8.30
N ASN A 84 -5.18 6.26 -8.93
CA ASN A 84 -6.15 7.22 -9.44
C ASN A 84 -7.41 7.23 -8.59
N TYR A 85 -7.51 6.27 -7.67
CA TYR A 85 -8.67 6.16 -6.80
C TYR A 85 -8.37 6.77 -5.43
N VAL A 86 -7.21 7.41 -5.31
CA VAL A 86 -6.80 8.02 -4.05
C VAL A 86 -6.33 9.45 -4.27
N LYS A 87 -6.46 10.28 -3.25
CA LYS A 87 -6.04 11.68 -3.32
C LYS A 87 -5.21 12.06 -2.10
N MET A 88 -4.03 12.64 -2.35
CA MET A 88 -3.14 13.06 -1.28
C MET A 88 -3.89 13.92 -0.26
N THR A 89 -4.04 13.40 0.95
CA THR A 89 -4.73 14.12 2.01
C THR A 89 -4.07 15.46 2.30
N THR A 90 -2.74 15.45 2.35
CA THR A 90 -1.98 16.67 2.61
C THR A 90 -2.26 17.20 4.02
N ASP A 91 -2.36 16.29 4.98
CA ASP A 91 -2.62 16.66 6.36
C ASP A 91 -1.52 16.16 7.28
N SER A 92 -0.43 16.92 7.37
CA SER A 92 0.70 16.55 8.21
C SER A 92 0.47 16.98 9.66
N SER A 93 0.28 15.99 10.53
CA SER A 93 0.05 16.27 11.94
C SER A 93 1.37 16.41 12.69
N GLY A 94 1.49 17.49 13.46
CA GLY A 94 2.71 17.73 14.22
C GLY A 94 2.52 17.50 15.71
N PRO A 95 2.16 18.57 16.43
CA PRO A 95 1.93 18.51 17.88
C PRO A 95 0.68 17.72 18.24
N SER A 96 0.86 16.66 19.02
CA SER A 96 -0.25 15.81 19.44
C SER A 96 -1.11 16.52 20.47
N SER A 97 -2.28 15.94 20.77
CA SER A 97 -3.19 16.52 21.75
C SER A 97 -2.57 16.52 23.15
N GLY A 98 -2.62 17.67 23.81
CA GLY A 98 -2.04 17.79 25.13
C GLY A 98 -0.54 17.99 25.11
N GLY A 1 -7.79 -20.01 17.67
CA GLY A 1 -7.12 -21.13 17.03
C GLY A 1 -5.75 -20.77 16.50
N SER A 2 -5.35 -21.39 15.40
CA SER A 2 -4.05 -21.12 14.80
C SER A 2 -3.79 -19.63 14.69
N SER A 3 -2.52 -19.25 14.76
CA SER A 3 -2.14 -17.84 14.67
C SER A 3 -1.38 -17.56 13.36
N GLY A 4 -2.14 -17.30 12.30
CA GLY A 4 -1.53 -17.02 11.02
C GLY A 4 -2.51 -17.15 9.87
N SER A 5 -2.85 -16.03 9.25
CA SER A 5 -3.78 -16.02 8.13
C SER A 5 -3.12 -15.46 6.86
N SER A 6 -3.42 -16.08 5.72
CA SER A 6 -2.86 -15.64 4.46
C SER A 6 -2.86 -14.12 4.35
N GLY A 7 -1.77 -13.57 3.82
CA GLY A 7 -1.68 -12.12 3.67
C GLY A 7 -0.32 -11.69 3.17
N GLN A 8 -0.14 -11.73 1.85
CA GLN A 8 1.13 -11.34 1.24
C GLN A 8 0.96 -10.10 0.38
N LYS A 9 1.93 -9.19 0.46
CA LYS A 9 1.88 -7.95 -0.31
C LYS A 9 1.28 -8.20 -1.69
N GLY A 10 1.84 -9.13 -2.43
CA GLY A 10 1.34 -9.44 -3.76
C GLY A 10 1.68 -8.38 -4.76
N TRP A 11 2.86 -7.77 -4.63
CA TRP A 11 3.29 -6.73 -5.54
C TRP A 11 4.49 -7.18 -6.36
N PHE A 12 4.50 -6.82 -7.63
CA PHE A 12 5.58 -7.19 -8.53
C PHE A 12 6.22 -5.96 -9.17
N PRO A 13 7.36 -5.52 -8.62
CA PRO A 13 8.09 -4.35 -9.11
C PRO A 13 8.72 -4.60 -10.48
N ALA A 14 9.50 -3.62 -10.95
CA ALA A 14 10.16 -3.74 -12.24
C ALA A 14 11.62 -4.16 -12.08
N SER A 15 11.87 -5.03 -11.10
CA SER A 15 13.22 -5.50 -10.84
C SER A 15 13.32 -7.01 -11.04
N HIS A 16 14.53 -7.50 -11.26
CA HIS A 16 14.76 -8.93 -11.47
C HIS A 16 15.02 -9.64 -10.15
N VAL A 17 14.08 -10.45 -9.71
CA VAL A 17 14.22 -11.19 -8.47
C VAL A 17 14.59 -12.65 -8.73
N LYS A 18 15.48 -13.19 -7.90
CA LYS A 18 15.91 -14.58 -8.04
C LYS A 18 15.41 -15.41 -6.87
N LEU A 19 14.18 -15.18 -6.45
CA LEU A 19 13.59 -15.92 -5.35
C LEU A 19 13.36 -17.38 -5.73
N LEU A 20 14.10 -18.27 -5.07
CA LEU A 20 13.97 -19.70 -5.34
C LEU A 20 13.67 -20.48 -4.06
N GLY A 21 12.97 -19.81 -3.13
CA GLY A 21 12.63 -20.45 -1.88
C GLY A 21 13.79 -20.51 -0.91
N PRO A 22 14.24 -19.34 -0.43
CA PRO A 22 15.35 -19.25 0.50
C PRO A 22 15.00 -19.79 1.88
N SER A 23 16.00 -19.85 2.77
CA SER A 23 15.79 -20.35 4.12
C SER A 23 16.30 -19.35 5.15
N SER A 24 15.50 -18.34 5.44
CA SER A 24 15.86 -17.31 6.41
C SER A 24 14.67 -16.44 6.76
N GLU A 25 14.42 -16.28 8.06
CA GLU A 25 13.29 -15.47 8.53
C GLU A 25 13.65 -13.98 8.49
N ARG A 26 12.68 -13.16 8.10
CA ARG A 26 12.90 -11.72 8.02
C ARG A 26 12.30 -11.02 9.24
N ALA A 27 13.07 -10.11 9.83
CA ALA A 27 12.63 -9.38 11.00
C ALA A 27 12.63 -7.88 10.73
N THR A 28 11.48 -7.24 10.99
CA THR A 28 11.35 -5.80 10.78
C THR A 28 10.95 -5.09 12.06
N PRO A 29 11.57 -3.92 12.30
CA PRO A 29 11.30 -3.11 13.50
C PRO A 29 9.91 -2.48 13.47
N ALA A 30 9.58 -1.85 12.35
CA ALA A 30 8.28 -1.21 12.20
C ALA A 30 7.99 -0.89 10.75
N PHE A 31 6.82 -0.32 10.48
CA PHE A 31 6.42 0.05 9.13
C PHE A 31 6.65 1.52 8.86
N HIS A 32 7.26 1.84 7.73
CA HIS A 32 7.54 3.22 7.36
C HIS A 32 7.03 3.51 5.94
N PRO A 33 5.82 4.10 5.86
CA PRO A 33 5.20 4.45 4.58
C PRO A 33 5.90 5.60 3.89
N VAL A 34 5.40 5.98 2.72
CA VAL A 34 5.98 7.09 1.96
C VAL A 34 5.09 8.31 1.99
N CYS A 35 3.78 8.09 2.06
CA CYS A 35 2.81 9.18 2.09
C CYS A 35 1.44 8.67 2.50
N GLN A 36 0.52 9.61 2.77
CA GLN A 36 -0.83 9.25 3.18
C GLN A 36 -1.85 9.80 2.18
N VAL A 37 -2.80 8.95 1.78
CA VAL A 37 -3.83 9.35 0.84
C VAL A 37 -5.22 8.91 1.32
N ILE A 38 -6.25 9.39 0.63
CA ILE A 38 -7.62 9.05 0.99
C ILE A 38 -8.38 8.49 -0.21
N ALA A 39 -9.32 7.59 0.06
CA ALA A 39 -10.12 6.98 -1.00
C ALA A 39 -11.12 7.98 -1.58
N MET A 40 -11.12 8.10 -2.90
CA MET A 40 -12.03 9.03 -3.57
C MET A 40 -13.39 8.38 -3.80
N TYR A 41 -13.38 7.12 -4.18
CA TYR A 41 -14.61 6.38 -4.43
C TYR A 41 -14.59 5.01 -3.76
N ASP A 42 -15.77 4.50 -3.42
CA ASP A 42 -15.88 3.20 -2.78
C ASP A 42 -15.29 2.11 -3.65
N TYR A 43 -14.05 1.72 -3.34
CA TYR A 43 -13.37 0.68 -4.10
C TYR A 43 -13.70 -0.70 -3.56
N ALA A 44 -14.03 -1.62 -4.46
CA ALA A 44 -14.38 -2.98 -4.08
C ALA A 44 -13.42 -3.99 -4.70
N ALA A 45 -12.49 -4.50 -3.89
CA ALA A 45 -11.51 -5.48 -4.36
C ALA A 45 -12.20 -6.75 -4.83
N ASN A 46 -12.12 -7.02 -6.13
CA ASN A 46 -12.73 -8.20 -6.71
C ASN A 46 -12.20 -9.47 -6.04
N ASN A 47 -11.00 -9.37 -5.49
CA ASN A 47 -10.37 -10.51 -4.81
C ASN A 47 -9.40 -10.03 -3.74
N GLU A 48 -8.77 -10.99 -3.07
CA GLU A 48 -7.81 -10.67 -2.01
C GLU A 48 -6.65 -9.83 -2.56
N ASP A 49 -6.26 -10.12 -3.80
CA ASP A 49 -5.18 -9.38 -4.43
C ASP A 49 -5.37 -7.88 -4.31
N GLU A 50 -6.62 -7.44 -4.49
CA GLU A 50 -6.94 -6.02 -4.39
C GLU A 50 -7.37 -5.65 -2.97
N LEU A 51 -7.57 -4.36 -2.75
CA LEU A 51 -7.99 -3.88 -1.43
C LEU A 51 -9.42 -3.33 -1.48
N SER A 52 -10.28 -3.84 -0.61
CA SER A 52 -11.67 -3.41 -0.56
C SER A 52 -11.85 -2.32 0.50
N PHE A 53 -12.20 -1.12 0.04
CA PHE A 53 -12.41 0.01 0.95
C PHE A 53 -13.53 0.89 0.45
N SER A 54 -13.94 1.85 1.28
CA SER A 54 -15.03 2.76 0.94
C SER A 54 -14.50 4.19 0.82
N LYS A 55 -15.32 5.07 0.23
CA LYS A 55 -14.95 6.46 0.05
C LYS A 55 -14.59 7.11 1.39
N GLY A 56 -13.37 7.63 1.47
CA GLY A 56 -12.92 8.28 2.69
C GLY A 56 -12.28 7.29 3.66
N GLN A 57 -11.61 6.29 3.12
CA GLN A 57 -10.95 5.28 3.93
C GLN A 57 -9.51 5.68 4.22
N LEU A 58 -8.94 5.11 5.29
CA LEU A 58 -7.57 5.40 5.68
C LEU A 58 -6.58 4.57 4.87
N ILE A 59 -5.87 5.22 3.95
CA ILE A 59 -4.90 4.54 3.11
C ILE A 59 -3.54 5.21 3.20
N ASN A 60 -2.53 4.45 3.60
CA ASN A 60 -1.17 4.97 3.73
C ASN A 60 -0.25 4.35 2.69
N VAL A 61 0.04 5.11 1.63
CA VAL A 61 0.91 4.63 0.57
C VAL A 61 2.28 4.22 1.12
N MET A 62 2.61 2.95 0.94
CA MET A 62 3.90 2.43 1.41
C MET A 62 4.89 2.32 0.26
N ASN A 63 4.40 1.97 -0.92
CA ASN A 63 5.25 1.82 -2.09
C ASN A 63 4.50 2.23 -3.36
N LYS A 64 4.83 3.41 -3.88
CA LYS A 64 4.19 3.91 -5.09
C LYS A 64 5.14 3.82 -6.29
N ASP A 65 5.81 2.69 -6.41
CA ASP A 65 6.75 2.48 -7.51
C ASP A 65 6.04 2.56 -8.85
N ASP A 66 4.75 2.21 -8.86
CA ASP A 66 3.95 2.25 -10.09
C ASP A 66 3.13 3.52 -10.16
N PRO A 67 3.37 4.32 -11.21
CA PRO A 67 2.65 5.58 -11.42
C PRO A 67 1.19 5.38 -11.79
N ASP A 68 0.76 4.12 -11.80
CA ASP A 68 -0.62 3.78 -12.13
C ASP A 68 -1.32 3.15 -10.93
N TRP A 69 -0.60 2.32 -10.19
CA TRP A 69 -1.15 1.65 -9.02
C TRP A 69 -0.26 1.87 -7.79
N TRP A 70 -0.90 2.08 -6.65
CA TRP A 70 -0.17 2.31 -5.40
C TRP A 70 -0.57 1.28 -4.35
N GLN A 71 0.29 1.12 -3.33
CA GLN A 71 0.01 0.17 -2.26
C GLN A 71 -0.19 0.89 -0.94
N GLY A 72 -1.32 0.63 -0.29
CA GLY A 72 -1.61 1.27 0.98
C GLY A 72 -2.13 0.30 2.01
N GLU A 73 -2.27 0.76 3.25
CA GLU A 73 -2.76 -0.09 4.33
C GLU A 73 -4.03 0.49 4.94
N ILE A 74 -4.97 -0.39 5.29
CA ILE A 74 -6.22 0.03 5.89
C ILE A 74 -6.59 -0.83 7.09
N ASN A 75 -6.36 -0.31 8.29
CA ASN A 75 -6.65 -1.04 9.51
C ASN A 75 -5.78 -2.30 9.63
N GLY A 76 -4.48 -2.12 9.44
CA GLY A 76 -3.57 -3.24 9.53
C GLY A 76 -3.69 -4.18 8.36
N VAL A 77 -4.49 -3.79 7.37
CA VAL A 77 -4.69 -4.61 6.18
C VAL A 77 -3.96 -4.02 4.98
N THR A 78 -3.45 -4.90 4.11
CA THR A 78 -2.73 -4.47 2.93
C THR A 78 -3.34 -5.05 1.66
N GLY A 79 -3.23 -4.32 0.56
CA GLY A 79 -3.78 -4.78 -0.70
C GLY A 79 -3.21 -4.04 -1.90
N LEU A 80 -4.01 -3.90 -2.94
CA LEU A 80 -3.58 -3.20 -4.15
C LEU A 80 -4.71 -2.34 -4.71
N PHE A 81 -4.37 -1.10 -5.05
CA PHE A 81 -5.36 -0.17 -5.60
C PHE A 81 -4.68 0.83 -6.54
N PRO A 82 -5.47 1.37 -7.48
CA PRO A 82 -4.98 2.36 -8.46
C PRO A 82 -4.66 3.70 -7.82
N SER A 83 -3.67 4.39 -8.37
CA SER A 83 -3.26 5.69 -7.86
C SER A 83 -4.24 6.78 -8.29
N ASN A 84 -5.35 6.37 -8.89
CA ASN A 84 -6.36 7.31 -9.36
C ASN A 84 -7.57 7.31 -8.43
N TYR A 85 -7.70 6.26 -7.62
CA TYR A 85 -8.81 6.15 -6.69
C TYR A 85 -8.46 6.76 -5.34
N VAL A 86 -7.27 7.34 -5.25
CA VAL A 86 -6.81 7.97 -4.02
C VAL A 86 -6.25 9.37 -4.28
N LYS A 87 -6.35 10.24 -3.29
CA LYS A 87 -5.86 11.60 -3.41
C LYS A 87 -5.03 11.99 -2.19
N MET A 88 -3.83 12.50 -2.44
CA MET A 88 -2.95 12.91 -1.36
C MET A 88 -3.69 13.77 -0.34
N THR A 89 -3.81 13.26 0.88
CA THR A 89 -4.51 13.98 1.94
C THR A 89 -3.97 15.39 2.10
N THR A 90 -2.64 15.52 2.08
CA THR A 90 -1.99 16.82 2.21
C THR A 90 -2.48 17.55 3.46
N ASP A 91 -2.77 16.79 4.50
CA ASP A 91 -3.25 17.36 5.77
C ASP A 91 -3.21 16.33 6.89
N SER A 92 -3.17 16.80 8.12
CA SER A 92 -3.13 15.92 9.28
C SER A 92 -4.45 15.98 10.06
N SER A 93 -5.19 14.86 10.04
CA SER A 93 -6.46 14.79 10.75
C SER A 93 -6.35 15.40 12.14
N GLY A 94 -7.47 15.90 12.65
CA GLY A 94 -7.48 16.50 13.98
C GLY A 94 -6.26 17.37 14.22
N PRO A 95 -5.45 17.00 15.23
CA PRO A 95 -4.25 17.74 15.58
C PRO A 95 -3.15 17.62 14.53
N SER A 96 -2.52 18.75 14.20
CA SER A 96 -1.46 18.76 13.20
C SER A 96 -0.27 17.92 13.65
N SER A 97 0.27 17.14 12.72
CA SER A 97 1.40 16.28 13.03
C SER A 97 2.61 17.10 13.48
N GLY A 98 3.24 16.66 14.57
CA GLY A 98 4.40 17.36 15.09
C GLY A 98 5.11 16.59 16.18
N GLY A 1 7.19 -26.56 -11.63
CA GLY A 1 5.75 -26.57 -11.86
C GLY A 1 4.97 -26.35 -10.58
N SER A 2 4.81 -25.09 -10.19
CA SER A 2 4.08 -24.75 -8.97
C SER A 2 2.60 -24.56 -9.26
N SER A 3 1.76 -25.32 -8.57
CA SER A 3 0.32 -25.24 -8.76
C SER A 3 -0.39 -24.99 -7.43
N GLY A 4 -1.41 -24.15 -7.46
CA GLY A 4 -2.16 -23.85 -6.24
C GLY A 4 -1.75 -22.53 -5.62
N SER A 5 -1.55 -21.51 -6.46
CA SER A 5 -1.15 -20.19 -6.00
C SER A 5 -2.35 -19.27 -5.90
N SER A 6 -2.79 -19.00 -4.67
CA SER A 6 -3.93 -18.12 -4.44
C SER A 6 -3.59 -16.67 -4.77
N GLY A 7 -2.61 -16.12 -4.05
CA GLY A 7 -2.21 -14.75 -4.29
C GLY A 7 -1.43 -14.17 -3.12
N GLN A 8 -0.18 -13.82 -3.36
CA GLN A 8 0.67 -13.26 -2.31
C GLN A 8 1.08 -11.83 -2.66
N LYS A 9 1.05 -10.96 -1.65
CA LYS A 9 1.41 -9.56 -1.85
C LYS A 9 2.90 -9.41 -2.16
N GLY A 10 3.25 -9.61 -3.43
CA GLY A 10 4.65 -9.50 -3.84
C GLY A 10 4.89 -8.32 -4.76
N TRP A 11 4.90 -7.12 -4.18
CA TRP A 11 5.13 -5.91 -4.96
C TRP A 11 6.50 -5.93 -5.61
N PHE A 12 6.57 -5.46 -6.85
CA PHE A 12 7.83 -5.42 -7.59
C PHE A 12 8.16 -4.00 -8.02
N PRO A 13 9.34 -3.51 -7.58
CA PRO A 13 9.80 -2.15 -7.91
C PRO A 13 10.18 -2.01 -9.37
N ALA A 14 10.66 -0.83 -9.74
CA ALA A 14 11.07 -0.57 -11.12
C ALA A 14 12.59 -0.49 -11.24
N SER A 15 13.28 -1.35 -10.50
CA SER A 15 14.74 -1.37 -10.52
C SER A 15 15.26 -2.67 -11.14
N HIS A 16 16.22 -2.53 -12.04
CA HIS A 16 16.80 -3.70 -12.72
C HIS A 16 17.97 -4.25 -11.91
N VAL A 17 17.85 -5.50 -11.47
CA VAL A 17 18.90 -6.15 -10.70
C VAL A 17 19.35 -7.44 -11.37
N LYS A 18 20.65 -7.72 -11.27
CA LYS A 18 21.22 -8.93 -11.87
C LYS A 18 21.95 -9.75 -10.81
N LEU A 19 21.65 -9.49 -9.55
CA LEU A 19 22.29 -10.20 -8.45
C LEU A 19 21.41 -11.36 -7.98
N LEU A 20 22.05 -12.47 -7.59
CA LEU A 20 21.33 -13.64 -7.12
C LEU A 20 20.99 -13.51 -5.64
N GLY A 21 20.06 -14.34 -5.18
CA GLY A 21 19.67 -14.30 -3.77
C GLY A 21 18.16 -14.27 -3.61
N PRO A 22 17.56 -15.45 -3.39
CA PRO A 22 16.10 -15.57 -3.21
C PRO A 22 15.64 -14.97 -1.88
N SER A 23 14.67 -14.07 -1.95
CA SER A 23 14.13 -13.43 -0.77
C SER A 23 15.25 -12.99 0.17
N SER A 24 16.33 -12.47 -0.41
CA SER A 24 17.48 -12.02 0.36
C SER A 24 17.04 -11.07 1.48
N GLU A 25 16.21 -10.10 1.12
CA GLU A 25 15.72 -9.12 2.08
C GLU A 25 14.91 -9.80 3.19
N ARG A 26 14.87 -9.17 4.35
CA ARG A 26 14.14 -9.71 5.49
C ARG A 26 13.08 -8.73 5.98
N ALA A 27 11.97 -9.26 6.49
CA ALA A 27 10.89 -8.43 6.99
C ALA A 27 11.34 -7.60 8.19
N THR A 28 10.83 -6.37 8.28
CA THR A 28 11.18 -5.48 9.37
C THR A 28 9.96 -5.17 10.24
N PRO A 29 10.16 -5.16 11.57
CA PRO A 29 9.10 -4.87 12.53
C PRO A 29 8.67 -3.42 12.50
N ALA A 30 9.32 -2.63 11.65
CA ALA A 30 9.00 -1.21 11.52
C ALA A 30 8.73 -0.84 10.07
N PHE A 31 7.47 -0.54 9.76
CA PHE A 31 7.08 -0.17 8.40
C PHE A 31 6.92 1.34 8.28
N HIS A 32 7.67 1.93 7.35
CA HIS A 32 7.60 3.37 7.13
C HIS A 32 7.03 3.69 5.75
N PRO A 33 5.80 4.24 5.73
CA PRO A 33 5.11 4.59 4.49
C PRO A 33 5.75 5.78 3.79
N VAL A 34 5.29 6.08 2.58
CA VAL A 34 5.83 7.19 1.80
C VAL A 34 4.95 8.43 1.96
N CYS A 35 3.65 8.22 2.06
CA CYS A 35 2.70 9.33 2.21
C CYS A 35 1.31 8.81 2.59
N GLN A 36 0.40 9.73 2.83
CA GLN A 36 -0.97 9.37 3.21
C GLN A 36 -1.98 9.94 2.21
N VAL A 37 -2.85 9.07 1.70
CA VAL A 37 -3.86 9.49 0.75
C VAL A 37 -5.26 9.05 1.18
N ILE A 38 -6.28 9.57 0.53
CA ILE A 38 -7.66 9.24 0.84
C ILE A 38 -8.40 8.70 -0.37
N ALA A 39 -9.29 7.74 -0.13
CA ALA A 39 -10.07 7.14 -1.22
C ALA A 39 -11.08 8.13 -1.79
N MET A 40 -11.12 8.23 -3.12
CA MET A 40 -12.05 9.14 -3.78
C MET A 40 -13.38 8.46 -4.04
N TYR A 41 -13.35 7.15 -4.25
CA TYR A 41 -14.56 6.38 -4.51
C TYR A 41 -14.48 5.00 -3.85
N ASP A 42 -15.59 4.58 -3.26
CA ASP A 42 -15.65 3.28 -2.60
C ASP A 42 -15.10 2.19 -3.49
N TYR A 43 -13.92 1.67 -3.14
CA TYR A 43 -13.28 0.62 -3.92
C TYR A 43 -13.63 -0.75 -3.37
N ALA A 44 -14.02 -1.65 -4.26
CA ALA A 44 -14.39 -3.02 -3.87
C ALA A 44 -13.48 -4.04 -4.54
N ALA A 45 -12.56 -4.61 -3.76
CA ALA A 45 -11.64 -5.61 -4.27
C ALA A 45 -12.38 -6.81 -4.85
N ASN A 46 -12.18 -7.06 -6.14
CA ASN A 46 -12.84 -8.17 -6.82
C ASN A 46 -11.98 -9.44 -6.72
N ASN A 47 -10.90 -9.36 -5.96
CA ASN A 47 -10.01 -10.50 -5.78
C ASN A 47 -9.24 -10.39 -4.47
N GLU A 48 -8.52 -11.46 -4.12
CA GLU A 48 -7.75 -11.48 -2.89
C GLU A 48 -6.44 -10.71 -3.05
N ASP A 49 -6.32 -9.99 -4.17
CA ASP A 49 -5.13 -9.20 -4.45
C ASP A 49 -5.40 -7.72 -4.27
N GLU A 50 -6.66 -7.32 -4.47
CA GLU A 50 -7.05 -5.92 -4.33
C GLU A 50 -7.44 -5.60 -2.90
N LEU A 51 -7.67 -4.32 -2.63
CA LEU A 51 -8.05 -3.88 -1.28
C LEU A 51 -9.48 -3.35 -1.27
N SER A 52 -10.31 -3.91 -0.40
CA SER A 52 -11.70 -3.49 -0.29
C SER A 52 -11.85 -2.36 0.72
N PHE A 53 -12.15 -1.16 0.24
CA PHE A 53 -12.32 -0.01 1.11
C PHE A 53 -13.43 0.91 0.57
N SER A 54 -13.84 1.86 1.40
CA SER A 54 -14.89 2.80 1.02
C SER A 54 -14.33 4.21 0.85
N LYS A 55 -15.17 5.13 0.42
CA LYS A 55 -14.76 6.51 0.20
C LYS A 55 -14.34 7.16 1.53
N GLY A 56 -13.13 7.70 1.55
CA GLY A 56 -12.64 8.36 2.76
C GLY A 56 -12.02 7.37 3.73
N GLN A 57 -11.43 6.30 3.20
CA GLN A 57 -10.80 5.29 4.03
C GLN A 57 -9.35 5.65 4.35
N LEU A 58 -8.82 5.07 5.42
CA LEU A 58 -7.45 5.34 5.84
C LEU A 58 -6.47 4.50 5.03
N ILE A 59 -5.84 5.14 4.04
CA ILE A 59 -4.87 4.46 3.19
C ILE A 59 -3.49 5.10 3.30
N ASN A 60 -2.50 4.30 3.66
CA ASN A 60 -1.14 4.79 3.80
C ASN A 60 -0.23 4.19 2.73
N VAL A 61 0.01 4.95 1.67
CA VAL A 61 0.87 4.50 0.57
C VAL A 61 2.27 4.18 1.07
N MET A 62 2.71 2.95 0.81
CA MET A 62 4.04 2.51 1.23
C MET A 62 4.94 2.28 0.02
N ASN A 63 4.37 1.76 -1.05
CA ASN A 63 5.12 1.49 -2.27
C ASN A 63 4.42 2.09 -3.49
N LYS A 64 4.91 3.24 -3.94
CA LYS A 64 4.34 3.91 -5.10
C LYS A 64 5.29 3.85 -6.29
N ASP A 65 5.98 2.72 -6.43
CA ASP A 65 6.92 2.53 -7.53
C ASP A 65 6.24 2.80 -8.87
N ASP A 66 5.02 2.28 -9.03
CA ASP A 66 4.27 2.47 -10.26
C ASP A 66 3.26 3.60 -10.12
N PRO A 67 3.35 4.60 -11.01
CA PRO A 67 2.45 5.76 -11.00
C PRO A 67 1.03 5.39 -11.41
N ASP A 68 0.80 4.11 -11.65
CA ASP A 68 -0.52 3.63 -12.05
C ASP A 68 -1.26 3.03 -10.85
N TRP A 69 -0.57 2.18 -10.09
CA TRP A 69 -1.15 1.54 -8.93
C TRP A 69 -0.29 1.76 -7.69
N TRP A 70 -0.95 1.91 -6.54
CA TRP A 70 -0.24 2.13 -5.28
C TRP A 70 -0.64 1.08 -4.24
N GLN A 71 0.14 0.99 -3.17
CA GLN A 71 -0.13 0.04 -2.11
C GLN A 71 -0.26 0.75 -0.76
N GLY A 72 -1.39 0.52 -0.09
CA GLY A 72 -1.62 1.15 1.20
C GLY A 72 -2.19 0.17 2.22
N GLU A 73 -2.25 0.61 3.47
CA GLU A 73 -2.79 -0.23 4.54
C GLU A 73 -4.04 0.40 5.16
N ILE A 74 -4.99 -0.45 5.54
CA ILE A 74 -6.23 0.03 6.14
C ILE A 74 -6.60 -0.81 7.35
N ASN A 75 -6.25 -0.32 8.53
CA ASN A 75 -6.55 -1.01 9.78
C ASN A 75 -5.79 -2.34 9.85
N GLY A 76 -4.48 -2.26 9.66
CA GLY A 76 -3.65 -3.45 9.71
C GLY A 76 -3.83 -4.34 8.50
N VAL A 77 -4.67 -3.89 7.56
CA VAL A 77 -4.93 -4.65 6.35
C VAL A 77 -4.15 -4.08 5.16
N THR A 78 -3.78 -4.95 4.23
CA THR A 78 -3.03 -4.53 3.05
C THR A 78 -3.69 -5.04 1.78
N GLY A 79 -3.49 -4.31 0.68
CA GLY A 79 -4.08 -4.70 -0.58
C GLY A 79 -3.51 -3.92 -1.76
N LEU A 80 -4.13 -4.06 -2.92
CA LEU A 80 -3.68 -3.35 -4.11
C LEU A 80 -4.79 -2.47 -4.69
N PHE A 81 -4.46 -1.23 -5.01
CA PHE A 81 -5.43 -0.29 -5.56
C PHE A 81 -4.74 0.72 -6.48
N PRO A 82 -5.51 1.27 -7.43
CA PRO A 82 -5.00 2.25 -8.38
C PRO A 82 -4.68 3.59 -7.73
N SER A 83 -3.66 4.27 -8.24
CA SER A 83 -3.24 5.56 -7.70
C SER A 83 -4.17 6.67 -8.18
N ASN A 84 -5.26 6.28 -8.86
CA ASN A 84 -6.22 7.24 -9.37
C ASN A 84 -7.46 7.31 -8.47
N TYR A 85 -7.66 6.27 -7.67
CA TYR A 85 -8.80 6.21 -6.77
C TYR A 85 -8.47 6.86 -5.43
N VAL A 86 -7.34 7.57 -5.39
CA VAL A 86 -6.91 8.24 -4.17
C VAL A 86 -6.38 9.63 -4.46
N LYS A 87 -6.52 10.53 -3.49
CA LYS A 87 -6.05 11.90 -3.64
C LYS A 87 -5.21 12.34 -2.44
N MET A 88 -3.98 12.75 -2.70
CA MET A 88 -3.08 13.20 -1.65
C MET A 88 -3.81 14.07 -0.64
N THR A 89 -3.99 13.55 0.57
CA THR A 89 -4.68 14.30 1.62
C THR A 89 -4.01 15.64 1.87
N THR A 90 -2.68 15.64 1.92
CA THR A 90 -1.92 16.86 2.16
C THR A 90 -2.23 17.44 3.54
N ASP A 91 -2.38 16.57 4.52
CA ASP A 91 -2.66 17.00 5.89
C ASP A 91 -1.42 17.55 6.57
N SER A 92 -0.70 18.42 5.88
CA SER A 92 0.51 19.02 6.41
C SER A 92 0.28 20.47 6.83
N SER A 93 0.41 20.73 8.12
CA SER A 93 0.21 22.08 8.66
C SER A 93 1.26 22.41 9.70
N GLY A 94 1.81 23.63 9.61
CA GLY A 94 2.82 24.06 10.55
C GLY A 94 2.28 25.00 11.60
N PRO A 95 3.02 25.15 12.71
CA PRO A 95 2.64 26.03 13.82
C PRO A 95 2.73 27.51 13.44
N SER A 96 1.63 28.23 13.62
CA SER A 96 1.60 29.65 13.29
C SER A 96 2.34 30.46 14.34
N SER A 97 2.96 31.56 13.90
CA SER A 97 3.71 32.42 14.80
C SER A 97 2.92 33.69 15.13
N GLY A 98 3.07 34.17 16.37
CA GLY A 98 2.37 35.38 16.78
C GLY A 98 2.24 35.48 18.28
N GLY A 1 2.27 -29.63 -10.16
CA GLY A 1 1.88 -30.39 -11.32
C GLY A 1 2.85 -30.23 -12.48
N SER A 2 2.35 -30.39 -13.70
CA SER A 2 3.18 -30.26 -14.89
C SER A 2 3.82 -28.87 -14.97
N SER A 3 2.99 -27.84 -14.80
CA SER A 3 3.47 -26.46 -14.85
C SER A 3 3.95 -26.01 -13.47
N GLY A 4 5.24 -25.68 -13.38
CA GLY A 4 5.81 -25.23 -12.12
C GLY A 4 5.44 -23.80 -11.80
N SER A 5 5.64 -22.90 -12.76
CA SER A 5 5.34 -21.50 -12.57
C SER A 5 3.83 -21.25 -12.65
N SER A 6 3.29 -20.57 -11.64
CA SER A 6 1.87 -20.28 -11.61
C SER A 6 1.57 -18.92 -12.23
N GLY A 7 2.37 -17.92 -11.88
CA GLY A 7 2.19 -16.58 -12.42
C GLY A 7 3.19 -15.59 -11.87
N GLN A 8 3.67 -14.70 -12.74
CA GLN A 8 4.65 -13.69 -12.33
C GLN A 8 3.95 -12.38 -11.96
N LYS A 9 4.02 -12.03 -10.68
CA LYS A 9 3.40 -10.80 -10.19
C LYS A 9 4.30 -9.59 -10.46
N GLY A 10 4.10 -8.97 -11.62
CA GLY A 10 4.89 -7.81 -11.98
C GLY A 10 5.13 -6.88 -10.80
N TRP A 11 4.07 -6.58 -10.06
CA TRP A 11 4.17 -5.70 -8.90
C TRP A 11 5.14 -6.27 -7.88
N PHE A 12 5.90 -5.39 -7.22
CA PHE A 12 6.86 -5.80 -6.21
C PHE A 12 6.37 -5.43 -4.82
N PRO A 13 5.79 -6.41 -4.10
CA PRO A 13 5.28 -6.21 -2.75
C PRO A 13 6.40 -6.00 -1.73
N ALA A 14 6.03 -5.55 -0.53
CA ALA A 14 6.99 -5.31 0.52
C ALA A 14 7.31 -6.60 1.28
N SER A 15 8.21 -7.40 0.72
CA SER A 15 8.60 -8.67 1.35
C SER A 15 9.74 -8.46 2.32
N HIS A 16 9.44 -8.59 3.62
CA HIS A 16 10.45 -8.42 4.66
C HIS A 16 11.07 -9.77 5.04
N VAL A 17 12.32 -9.73 5.47
CA VAL A 17 13.02 -10.95 5.87
C VAL A 17 13.16 -11.03 7.38
N LYS A 18 12.64 -12.11 7.97
CA LYS A 18 12.71 -12.31 9.41
C LYS A 18 13.67 -13.44 9.76
N LEU A 19 14.81 -13.46 9.08
CA LEU A 19 15.82 -14.48 9.32
C LEU A 19 16.66 -14.15 10.55
N LEU A 20 16.96 -15.17 11.35
CA LEU A 20 17.75 -14.98 12.56
C LEU A 20 19.23 -15.24 12.29
N GLY A 21 20.10 -14.48 12.94
CA GLY A 21 21.52 -14.64 12.76
C GLY A 21 22.20 -15.26 13.98
N PRO A 22 23.51 -15.00 14.12
CA PRO A 22 24.28 -15.53 15.24
C PRO A 22 23.91 -14.88 16.58
N SER A 23 22.91 -14.01 16.53
CA SER A 23 22.45 -13.31 17.73
C SER A 23 20.94 -13.13 17.71
N SER A 24 20.27 -13.77 18.67
CA SER A 24 18.81 -13.68 18.76
C SER A 24 18.36 -12.22 18.76
N GLU A 25 17.85 -11.77 17.62
CA GLU A 25 17.38 -10.39 17.48
C GLU A 25 15.87 -10.35 17.34
N ARG A 26 15.27 -9.25 17.76
CA ARG A 26 13.82 -9.08 17.67
C ARG A 26 13.45 -8.03 16.64
N ALA A 27 12.36 -8.27 15.91
CA ALA A 27 11.91 -7.35 14.88
C ALA A 27 10.84 -6.41 15.43
N THR A 28 11.15 -5.11 15.44
CA THR A 28 10.22 -4.10 15.93
C THR A 28 9.31 -3.59 14.82
N PRO A 29 8.01 -3.46 15.13
CA PRO A 29 7.02 -2.97 14.16
C PRO A 29 7.21 -1.50 13.84
N ALA A 30 8.03 -1.21 12.84
CA ALA A 30 8.28 0.16 12.42
C ALA A 30 8.06 0.33 10.93
N PHE A 31 6.84 0.72 10.56
CA PHE A 31 6.49 0.91 9.15
C PHE A 31 6.42 2.40 8.82
N HIS A 32 7.23 2.81 7.84
CA HIS A 32 7.27 4.21 7.42
C HIS A 32 6.61 4.38 6.05
N PRO A 33 5.31 4.72 6.05
CA PRO A 33 4.54 4.92 4.81
C PRO A 33 4.96 6.18 4.07
N VAL A 34 4.86 6.14 2.74
CA VAL A 34 5.23 7.28 1.91
C VAL A 34 4.37 8.49 2.23
N CYS A 35 3.07 8.27 2.38
CA CYS A 35 2.14 9.35 2.69
C CYS A 35 0.73 8.80 2.93
N GLN A 36 -0.22 9.70 3.18
CA GLN A 36 -1.60 9.30 3.43
C GLN A 36 -2.53 9.85 2.37
N VAL A 37 -3.29 8.97 1.74
CA VAL A 37 -4.22 9.37 0.69
C VAL A 37 -5.67 9.13 1.11
N ILE A 38 -6.61 9.67 0.35
CA ILE A 38 -8.02 9.50 0.64
C ILE A 38 -8.75 8.80 -0.50
N ALA A 39 -9.54 7.79 -0.15
CA ALA A 39 -10.30 7.03 -1.14
C ALA A 39 -11.38 7.89 -1.78
N MET A 40 -11.14 8.31 -3.03
CA MET A 40 -12.09 9.13 -3.74
C MET A 40 -13.40 8.39 -3.96
N TYR A 41 -13.30 7.09 -4.23
CA TYR A 41 -14.48 6.27 -4.47
C TYR A 41 -14.38 4.95 -3.69
N ASP A 42 -15.54 4.41 -3.31
CA ASP A 42 -15.58 3.16 -2.57
C ASP A 42 -15.02 2.01 -3.40
N TYR A 43 -13.80 1.61 -3.08
CA TYR A 43 -13.15 0.51 -3.81
C TYR A 43 -13.52 -0.84 -3.21
N ALA A 44 -13.87 -1.78 -4.08
CA ALA A 44 -14.25 -3.12 -3.64
C ALA A 44 -13.42 -4.18 -4.36
N ALA A 45 -12.53 -4.82 -3.60
CA ALA A 45 -11.67 -5.87 -4.15
C ALA A 45 -12.49 -6.97 -4.78
N ASN A 46 -12.48 -7.05 -6.11
CA ASN A 46 -13.24 -8.07 -6.83
C ASN A 46 -12.64 -9.45 -6.59
N ASN A 47 -11.41 -9.48 -6.10
CA ASN A 47 -10.72 -10.74 -5.83
C ASN A 47 -10.05 -10.71 -4.46
N GLU A 48 -9.35 -11.78 -4.13
CA GLU A 48 -8.66 -11.88 -2.84
C GLU A 48 -7.23 -11.34 -2.96
N ASP A 49 -7.03 -10.37 -3.84
CA ASP A 49 -5.73 -9.77 -4.05
C ASP A 49 -5.79 -8.25 -3.93
N GLU A 50 -6.94 -7.70 -4.30
CA GLU A 50 -7.14 -6.25 -4.23
C GLU A 50 -7.56 -5.81 -2.84
N LEU A 51 -7.53 -4.51 -2.59
CA LEU A 51 -7.91 -3.97 -1.29
C LEU A 51 -9.32 -3.37 -1.35
N SER A 52 -10.20 -3.84 -0.47
CA SER A 52 -11.57 -3.35 -0.42
C SER A 52 -11.72 -2.25 0.63
N PHE A 53 -12.04 -1.05 0.18
CA PHE A 53 -12.21 0.08 1.07
C PHE A 53 -13.36 0.97 0.61
N SER A 54 -13.72 1.95 1.44
CA SER A 54 -14.81 2.87 1.12
C SER A 54 -14.30 4.30 1.00
N LYS A 55 -15.02 5.11 0.25
CA LYS A 55 -14.65 6.51 0.04
C LYS A 55 -14.26 7.16 1.37
N GLY A 56 -13.07 7.75 1.41
CA GLY A 56 -12.60 8.40 2.61
C GLY A 56 -12.04 7.42 3.62
N GLN A 57 -11.40 6.37 3.13
CA GLN A 57 -10.81 5.36 4.00
C GLN A 57 -9.37 5.73 4.39
N LEU A 58 -8.84 5.03 5.38
CA LEU A 58 -7.48 5.29 5.85
C LEU A 58 -6.47 4.49 5.05
N ILE A 59 -5.88 5.12 4.04
CA ILE A 59 -4.89 4.47 3.19
C ILE A 59 -3.54 5.16 3.28
N ASN A 60 -2.48 4.39 3.50
CA ASN A 60 -1.13 4.94 3.61
C ASN A 60 -0.23 4.35 2.54
N VAL A 61 0.02 5.12 1.48
CA VAL A 61 0.88 4.68 0.39
C VAL A 61 2.28 4.33 0.90
N MET A 62 2.61 3.04 0.83
CA MET A 62 3.93 2.58 1.29
C MET A 62 4.90 2.49 0.12
N ASN A 63 4.41 1.97 -1.01
CA ASN A 63 5.24 1.82 -2.20
C ASN A 63 4.49 2.28 -3.44
N LYS A 64 4.80 3.49 -3.89
CA LYS A 64 4.16 4.07 -5.07
C LYS A 64 5.16 4.18 -6.23
N ASP A 65 5.95 3.14 -6.43
CA ASP A 65 6.94 3.12 -7.50
C ASP A 65 6.28 3.36 -8.85
N ASP A 66 5.10 2.77 -9.04
CA ASP A 66 4.37 2.92 -10.29
C ASP A 66 3.26 3.96 -10.15
N PRO A 67 3.29 4.97 -11.04
CA PRO A 67 2.29 6.05 -11.03
C PRO A 67 0.91 5.56 -11.47
N ASP A 68 0.79 4.27 -11.73
CA ASP A 68 -0.47 3.68 -12.16
C ASP A 68 -1.20 3.05 -10.98
N TRP A 69 -0.48 2.26 -10.20
CA TRP A 69 -1.07 1.59 -9.04
C TRP A 69 -0.19 1.79 -7.80
N TRP A 70 -0.83 2.02 -6.67
CA TRP A 70 -0.11 2.22 -5.41
C TRP A 70 -0.51 1.17 -4.38
N GLN A 71 0.28 1.06 -3.31
CA GLN A 71 0.01 0.09 -2.26
C GLN A 71 -0.15 0.79 -0.91
N GLY A 72 -1.30 0.58 -0.28
CA GLY A 72 -1.58 1.20 1.00
C GLY A 72 -2.07 0.20 2.03
N GLU A 73 -2.26 0.66 3.26
CA GLU A 73 -2.74 -0.20 4.34
C GLU A 73 -4.00 0.38 4.97
N ILE A 74 -4.82 -0.50 5.55
CA ILE A 74 -6.05 -0.07 6.19
C ILE A 74 -6.40 -0.99 7.36
N ASN A 75 -6.19 -0.50 8.58
CA ASN A 75 -6.49 -1.26 9.78
C ASN A 75 -5.63 -2.54 9.83
N GLY A 76 -4.34 -2.38 9.57
CA GLY A 76 -3.43 -3.52 9.60
C GLY A 76 -3.57 -4.39 8.37
N VAL A 77 -4.39 -3.96 7.42
CA VAL A 77 -4.61 -4.71 6.20
C VAL A 77 -3.85 -4.10 5.03
N THR A 78 -3.45 -4.95 4.08
CA THR A 78 -2.71 -4.48 2.91
C THR A 78 -3.27 -5.09 1.63
N GLY A 79 -3.23 -4.32 0.55
CA GLY A 79 -3.74 -4.81 -0.72
C GLY A 79 -3.19 -4.02 -1.90
N LEU A 80 -3.94 -4.01 -3.00
CA LEU A 80 -3.52 -3.29 -4.20
C LEU A 80 -4.66 -2.41 -4.72
N PHE A 81 -4.30 -1.21 -5.18
CA PHE A 81 -5.28 -0.27 -5.72
C PHE A 81 -4.61 0.76 -6.62
N PRO A 82 -5.39 1.32 -7.55
CA PRO A 82 -4.90 2.33 -8.49
C PRO A 82 -4.59 3.66 -7.81
N SER A 83 -3.58 4.36 -8.32
CA SER A 83 -3.19 5.64 -7.76
C SER A 83 -4.13 6.76 -8.21
N ASN A 84 -5.25 6.36 -8.81
CA ASN A 84 -6.24 7.32 -9.29
C ASN A 84 -7.46 7.34 -8.39
N TYR A 85 -7.67 6.25 -7.66
CA TYR A 85 -8.81 6.13 -6.76
C TYR A 85 -8.49 6.75 -5.40
N VAL A 86 -7.32 7.37 -5.29
CA VAL A 86 -6.91 8.01 -4.05
C VAL A 86 -6.19 9.33 -4.33
N LYS A 87 -6.14 10.18 -3.32
CA LYS A 87 -5.49 11.48 -3.45
C LYS A 87 -4.59 11.77 -2.25
N MET A 88 -3.37 12.21 -2.51
CA MET A 88 -2.42 12.52 -1.45
C MET A 88 -2.87 13.75 -0.66
N THR A 89 -3.49 13.50 0.50
CA THR A 89 -3.97 14.59 1.34
C THR A 89 -2.90 15.66 1.53
N THR A 90 -1.66 15.22 1.76
CA THR A 90 -0.55 16.14 1.95
C THR A 90 -0.80 17.06 3.15
N ASP A 91 -1.37 16.48 4.21
CA ASP A 91 -1.66 17.25 5.41
C ASP A 91 -0.38 17.56 6.18
N SER A 92 0.31 18.61 5.76
CA SER A 92 1.56 19.01 6.41
C SER A 92 1.38 20.31 7.20
N SER A 93 1.71 20.26 8.48
CA SER A 93 1.58 21.42 9.35
C SER A 93 2.95 22.00 9.69
N GLY A 94 3.07 23.32 9.60
CA GLY A 94 4.32 23.98 9.91
C GLY A 94 5.29 23.94 8.74
N PRO A 95 5.17 24.91 7.84
CA PRO A 95 6.04 25.01 6.66
C PRO A 95 7.47 25.39 7.02
N SER A 96 8.43 24.94 6.20
CA SER A 96 9.83 25.23 6.43
C SER A 96 10.33 26.31 5.48
N SER A 97 10.18 26.06 4.18
CA SER A 97 10.62 27.00 3.16
C SER A 97 9.68 28.20 3.09
N GLY A 98 9.99 29.23 3.87
CA GLY A 98 9.18 30.42 3.90
C GLY A 98 9.55 31.40 2.80
N GLY A 1 -3.52 -23.12 -6.90
CA GLY A 1 -2.53 -22.08 -6.73
C GLY A 1 -1.23 -22.38 -7.46
N SER A 2 -0.63 -21.36 -8.06
CA SER A 2 0.61 -21.53 -8.80
C SER A 2 1.42 -20.23 -8.81
N SER A 3 2.73 -20.36 -9.00
CA SER A 3 3.60 -19.20 -9.03
C SER A 3 4.03 -18.86 -10.46
N GLY A 4 4.45 -17.63 -10.68
CA GLY A 4 4.87 -17.21 -12.00
C GLY A 4 4.25 -15.89 -12.43
N SER A 5 4.88 -14.79 -12.04
CA SER A 5 4.37 -13.46 -12.38
C SER A 5 5.37 -12.71 -13.26
N SER A 6 5.00 -12.51 -14.52
CA SER A 6 5.88 -11.80 -15.46
C SER A 6 5.30 -10.42 -15.79
N GLY A 7 4.05 -10.40 -16.23
CA GLY A 7 3.41 -9.15 -16.59
C GLY A 7 2.23 -8.84 -15.70
N GLN A 8 1.19 -9.66 -15.77
CA GLN A 8 -0.01 -9.47 -14.96
C GLN A 8 0.28 -9.71 -13.49
N LYS A 9 -0.21 -8.81 -12.64
CA LYS A 9 -0.01 -8.93 -11.20
C LYS A 9 1.48 -8.96 -10.86
N GLY A 10 2.25 -8.12 -11.54
CA GLY A 10 3.68 -8.06 -11.29
C GLY A 10 4.08 -6.88 -10.44
N TRP A 11 3.60 -6.87 -9.19
CA TRP A 11 3.91 -5.78 -8.27
C TRP A 11 5.19 -6.08 -7.49
N PHE A 12 6.23 -5.30 -7.77
CA PHE A 12 7.51 -5.48 -7.10
C PHE A 12 7.94 -4.20 -6.38
N PRO A 13 8.14 -4.30 -5.06
CA PRO A 13 8.54 -3.17 -4.23
C PRO A 13 9.97 -2.73 -4.51
N ALA A 14 10.39 -1.62 -3.90
CA ALA A 14 11.73 -1.09 -4.08
C ALA A 14 12.70 -1.70 -3.08
N SER A 15 12.53 -2.99 -2.82
CA SER A 15 13.40 -3.69 -1.88
C SER A 15 14.19 -4.80 -2.58
N HIS A 16 15.51 -4.67 -2.56
CA HIS A 16 16.38 -5.65 -3.20
C HIS A 16 17.07 -6.52 -2.16
N VAL A 17 16.67 -7.78 -2.09
CA VAL A 17 17.26 -8.72 -1.13
C VAL A 17 18.02 -9.82 -1.84
N LYS A 18 19.24 -10.07 -1.39
CA LYS A 18 20.07 -11.12 -1.98
C LYS A 18 19.63 -12.50 -1.51
N LEU A 19 18.70 -13.10 -2.24
CA LEU A 19 18.19 -14.42 -1.90
C LEU A 19 19.20 -15.50 -2.26
N LEU A 20 19.43 -16.42 -1.33
CA LEU A 20 20.37 -17.52 -1.56
C LEU A 20 19.75 -18.87 -1.22
N GLY A 21 18.73 -19.25 -1.99
CA GLY A 21 18.06 -20.51 -1.75
C GLY A 21 16.63 -20.33 -1.27
N PRO A 22 16.00 -21.44 -0.84
CA PRO A 22 14.62 -21.41 -0.35
C PRO A 22 14.50 -20.71 1.00
N SER A 23 15.61 -20.16 1.47
CA SER A 23 15.62 -19.45 2.75
C SER A 23 15.17 -18.01 2.58
N SER A 24 14.76 -17.39 3.68
CA SER A 24 14.30 -16.01 3.65
C SER A 24 14.04 -15.49 5.06
N GLU A 25 14.75 -14.42 5.43
CA GLU A 25 14.59 -13.83 6.76
C GLU A 25 13.79 -12.54 6.68
N ARG A 26 13.35 -12.05 7.84
CA ARG A 26 12.57 -10.82 7.91
C ARG A 26 13.29 -9.77 8.75
N ALA A 27 13.85 -8.77 8.08
CA ALA A 27 14.56 -7.70 8.77
C ALA A 27 13.72 -6.43 8.83
N THR A 28 12.40 -6.59 8.86
CA THR A 28 11.49 -5.46 8.91
C THR A 28 10.76 -5.40 10.25
N PRO A 29 11.33 -4.64 11.20
CA PRO A 29 10.75 -4.49 12.53
C PRO A 29 9.46 -3.68 12.52
N ALA A 30 9.44 -2.62 11.72
CA ALA A 30 8.27 -1.77 11.61
C ALA A 30 8.10 -1.24 10.19
N PHE A 31 6.85 -1.08 9.76
CA PHE A 31 6.55 -0.59 8.43
C PHE A 31 6.45 0.93 8.41
N HIS A 32 7.14 1.56 7.46
CA HIS A 32 7.12 3.01 7.34
C HIS A 32 6.62 3.43 5.96
N PRO A 33 5.40 3.99 5.93
CA PRO A 33 4.78 4.46 4.68
C PRO A 33 5.47 5.68 4.11
N VAL A 34 5.20 5.98 2.84
CA VAL A 34 5.79 7.13 2.17
C VAL A 34 4.91 8.37 2.31
N CYS A 35 3.60 8.15 2.27
CA CYS A 35 2.64 9.25 2.38
C CYS A 35 1.25 8.73 2.75
N GLN A 36 0.33 9.64 3.01
CA GLN A 36 -1.03 9.27 3.38
C GLN A 36 -2.04 9.83 2.38
N VAL A 37 -2.88 8.96 1.83
CA VAL A 37 -3.89 9.36 0.85
C VAL A 37 -5.29 8.98 1.33
N ILE A 38 -6.30 9.42 0.58
CA ILE A 38 -7.68 9.13 0.92
C ILE A 38 -8.43 8.57 -0.29
N ALA A 39 -9.34 7.64 -0.03
CA ALA A 39 -10.13 7.03 -1.09
C ALA A 39 -11.13 8.03 -1.67
N MET A 40 -11.16 8.13 -2.99
CA MET A 40 -12.06 9.05 -3.68
C MET A 40 -13.40 8.38 -3.95
N TYR A 41 -13.36 7.06 -4.20
CA TYR A 41 -14.58 6.31 -4.49
C TYR A 41 -14.55 4.96 -3.78
N ASP A 42 -15.73 4.46 -3.43
CA ASP A 42 -15.84 3.18 -2.74
C ASP A 42 -15.24 2.06 -3.58
N TYR A 43 -14.00 1.70 -3.26
CA TYR A 43 -13.30 0.65 -3.99
C TYR A 43 -13.63 -0.73 -3.40
N ALA A 44 -13.97 -1.67 -4.29
CA ALA A 44 -14.30 -3.02 -3.85
C ALA A 44 -13.38 -4.04 -4.51
N ALA A 45 -12.51 -4.64 -3.71
CA ALA A 45 -11.57 -5.64 -4.21
C ALA A 45 -12.29 -6.94 -4.57
N ASN A 46 -12.27 -7.29 -5.84
CA ASN A 46 -12.92 -8.51 -6.31
C ASN A 46 -12.34 -9.74 -5.61
N ASN A 47 -11.11 -9.62 -5.15
CA ASN A 47 -10.44 -10.72 -4.46
C ASN A 47 -9.44 -10.19 -3.43
N GLU A 48 -8.79 -11.12 -2.72
CA GLU A 48 -7.82 -10.74 -1.70
C GLU A 48 -6.67 -9.95 -2.32
N ASP A 49 -6.32 -10.28 -3.55
CA ASP A 49 -5.24 -9.60 -4.25
C ASP A 49 -5.44 -8.08 -4.22
N GLU A 50 -6.70 -7.65 -4.33
CA GLU A 50 -7.02 -6.23 -4.31
C GLU A 50 -7.44 -5.79 -2.92
N LEU A 51 -7.61 -4.48 -2.75
CA LEU A 51 -8.02 -3.93 -1.47
C LEU A 51 -9.42 -3.35 -1.53
N SER A 52 -10.29 -3.79 -0.62
CA SER A 52 -11.67 -3.31 -0.59
C SER A 52 -11.85 -2.24 0.48
N PHE A 53 -12.20 -1.03 0.05
CA PHE A 53 -12.40 0.09 0.97
C PHE A 53 -13.54 0.98 0.50
N SER A 54 -13.91 1.94 1.33
CA SER A 54 -14.99 2.86 1.01
C SER A 54 -14.47 4.29 0.86
N LYS A 55 -15.26 5.15 0.24
CA LYS A 55 -14.89 6.54 0.04
C LYS A 55 -14.53 7.20 1.37
N GLY A 56 -13.27 7.55 1.53
CA GLY A 56 -12.83 8.20 2.75
C GLY A 56 -12.18 7.22 3.72
N GLN A 57 -11.67 6.11 3.19
CA GLN A 57 -11.02 5.09 4.02
C GLN A 57 -9.61 5.51 4.38
N LEU A 58 -9.07 4.89 5.42
CA LEU A 58 -7.72 5.20 5.88
C LEU A 58 -6.68 4.39 5.10
N ILE A 59 -5.95 5.05 4.21
CA ILE A 59 -4.93 4.39 3.41
C ILE A 59 -3.61 5.14 3.49
N ASN A 60 -2.52 4.39 3.70
CA ASN A 60 -1.19 4.98 3.79
C ASN A 60 -0.25 4.37 2.76
N VAL A 61 -0.03 5.09 1.66
CA VAL A 61 0.84 4.62 0.60
C VAL A 61 2.25 4.33 1.14
N MET A 62 2.73 3.12 0.87
CA MET A 62 4.05 2.71 1.32
C MET A 62 5.01 2.54 0.14
N ASN A 63 4.47 2.07 -0.98
CA ASN A 63 5.27 1.86 -2.18
C ASN A 63 4.51 2.33 -3.43
N LYS A 64 4.96 3.44 -4.00
CA LYS A 64 4.33 3.99 -5.19
C LYS A 64 5.23 3.80 -6.42
N ASP A 65 5.94 2.68 -6.46
CA ASP A 65 6.84 2.39 -7.57
C ASP A 65 6.11 2.54 -8.90
N ASP A 66 4.85 2.10 -8.95
CA ASP A 66 4.05 2.20 -10.16
C ASP A 66 3.30 3.52 -10.21
N PRO A 67 3.55 4.30 -11.27
CA PRO A 67 2.91 5.60 -11.47
C PRO A 67 1.43 5.47 -11.82
N ASP A 68 0.95 4.23 -11.89
CA ASP A 68 -0.45 3.97 -12.20
C ASP A 68 -1.16 3.34 -11.01
N TRP A 69 -0.47 2.45 -10.32
CA TRP A 69 -1.04 1.77 -9.16
C TRP A 69 -0.18 2.01 -7.91
N TRP A 70 -0.83 2.14 -6.77
CA TRP A 70 -0.12 2.36 -5.51
C TRP A 70 -0.52 1.32 -4.47
N GLN A 71 0.30 1.19 -3.43
CA GLN A 71 0.04 0.22 -2.38
C GLN A 71 -0.16 0.92 -1.04
N GLY A 72 -1.30 0.66 -0.40
CA GLY A 72 -1.58 1.28 0.89
C GLY A 72 -2.08 0.28 1.91
N GLU A 73 -2.31 0.75 3.14
CA GLU A 73 -2.78 -0.10 4.20
C GLU A 73 -4.06 0.45 4.83
N ILE A 74 -4.97 -0.45 5.19
CA ILE A 74 -6.24 -0.04 5.79
C ILE A 74 -6.58 -0.91 6.99
N ASN A 75 -6.32 -0.39 8.19
CA ASN A 75 -6.60 -1.13 9.42
C ASN A 75 -5.72 -2.39 9.51
N GLY A 76 -4.42 -2.21 9.32
CA GLY A 76 -3.50 -3.33 9.39
C GLY A 76 -3.62 -4.25 8.19
N VAL A 77 -4.46 -3.86 7.23
CA VAL A 77 -4.66 -4.66 6.02
C VAL A 77 -3.93 -4.04 4.83
N THR A 78 -3.49 -4.90 3.91
CA THR A 78 -2.77 -4.45 2.72
C THR A 78 -3.39 -5.03 1.46
N GLY A 79 -3.28 -4.30 0.36
CA GLY A 79 -3.83 -4.76 -0.90
C GLY A 79 -3.23 -4.03 -2.09
N LEU A 80 -4.04 -3.85 -3.13
CA LEU A 80 -3.58 -3.16 -4.34
C LEU A 80 -4.69 -2.29 -4.93
N PHE A 81 -4.37 -1.03 -5.21
CA PHE A 81 -5.34 -0.10 -5.76
C PHE A 81 -4.65 0.92 -6.67
N PRO A 82 -5.41 1.47 -7.63
CA PRO A 82 -4.90 2.46 -8.57
C PRO A 82 -4.60 3.79 -7.91
N SER A 83 -3.59 4.50 -8.42
CA SER A 83 -3.20 5.79 -7.87
C SER A 83 -4.17 6.89 -8.33
N ASN A 84 -5.26 6.48 -8.96
CA ASN A 84 -6.25 7.43 -9.44
C ASN A 84 -7.50 7.41 -8.56
N TYR A 85 -7.60 6.40 -7.71
CA TYR A 85 -8.74 6.26 -6.81
C TYR A 85 -8.42 6.86 -5.45
N VAL A 86 -7.28 7.55 -5.35
CA VAL A 86 -6.87 8.17 -4.11
C VAL A 86 -6.34 9.58 -4.35
N LYS A 87 -6.56 10.46 -3.37
CA LYS A 87 -6.10 11.84 -3.48
C LYS A 87 -5.23 12.21 -2.29
N MET A 88 -4.00 12.62 -2.57
CA MET A 88 -3.06 13.02 -1.52
C MET A 88 -3.73 13.93 -0.50
N THR A 89 -3.77 13.48 0.75
CA THR A 89 -4.39 14.26 1.82
C THR A 89 -3.61 15.55 2.09
N THR A 90 -2.28 15.45 2.01
CA THR A 90 -1.41 16.59 2.25
C THR A 90 -1.58 17.12 3.68
N ASP A 91 -1.73 16.20 4.62
CA ASP A 91 -1.89 16.57 6.02
C ASP A 91 -0.88 15.84 6.90
N SER A 92 0.36 15.77 6.43
CA SER A 92 1.42 15.10 7.18
C SER A 92 2.38 16.11 7.79
N SER A 93 2.90 15.79 8.97
CA SER A 93 3.82 16.66 9.67
C SER A 93 5.27 16.25 9.41
N GLY A 94 6.21 17.03 9.92
CA GLY A 94 7.62 16.72 9.74
C GLY A 94 8.02 15.39 10.35
N PRO A 95 9.31 15.23 10.61
CA PRO A 95 9.85 13.99 11.21
C PRO A 95 9.43 13.81 12.66
N SER A 96 8.71 12.73 12.93
CA SER A 96 8.24 12.44 14.28
C SER A 96 9.36 11.87 15.14
N SER A 97 10.00 12.75 15.91
CA SER A 97 11.10 12.33 16.78
C SER A 97 10.58 11.59 18.00
N GLY A 98 10.98 10.33 18.14
CA GLY A 98 10.54 9.53 19.27
C GLY A 98 10.38 8.07 18.91
N GLY A 1 -0.07 -26.90 -4.34
CA GLY A 1 0.96 -25.88 -4.43
C GLY A 1 1.81 -26.03 -5.67
N SER A 2 1.16 -26.11 -6.83
CA SER A 2 1.87 -26.26 -8.10
C SER A 2 2.13 -24.89 -8.73
N SER A 3 3.41 -24.56 -8.89
CA SER A 3 3.80 -23.29 -9.47
C SER A 3 2.84 -22.88 -10.58
N GLY A 4 2.60 -21.57 -10.70
CA GLY A 4 1.70 -21.07 -11.72
C GLY A 4 1.77 -19.56 -11.87
N SER A 5 2.38 -19.11 -12.96
CA SER A 5 2.52 -17.68 -13.21
C SER A 5 1.21 -17.10 -13.74
N SER A 6 0.89 -15.88 -13.30
CA SER A 6 -0.33 -15.21 -13.72
C SER A 6 -0.12 -14.49 -15.05
N GLY A 7 0.45 -15.19 -16.02
CA GLY A 7 0.69 -14.60 -17.33
C GLY A 7 1.80 -13.57 -17.29
N GLN A 8 1.43 -12.29 -17.17
CA GLN A 8 2.39 -11.21 -17.13
C GLN A 8 2.29 -10.45 -15.81
N LYS A 9 3.43 -9.99 -15.32
CA LYS A 9 3.48 -9.23 -14.06
C LYS A 9 4.65 -8.26 -14.05
N GLY A 10 4.43 -7.07 -13.49
CA GLY A 10 5.47 -6.07 -13.43
C GLY A 10 5.39 -5.22 -12.18
N TRP A 11 5.24 -5.86 -11.03
CA TRP A 11 5.13 -5.16 -9.76
C TRP A 11 6.14 -5.70 -8.75
N PHE A 12 7.15 -4.90 -8.45
CA PHE A 12 8.19 -5.30 -7.50
C PHE A 12 8.15 -4.42 -6.26
N PRO A 13 7.98 -5.05 -5.09
CA PRO A 13 7.92 -4.35 -3.80
C PRO A 13 9.27 -3.76 -3.40
N ALA A 14 9.27 -2.97 -2.34
CA ALA A 14 10.50 -2.35 -1.85
C ALA A 14 10.92 -2.94 -0.50
N SER A 15 10.75 -4.25 -0.36
CA SER A 15 11.10 -4.94 0.87
C SER A 15 12.59 -5.33 0.87
N HIS A 16 13.24 -5.14 2.02
CA HIS A 16 14.64 -5.47 2.16
C HIS A 16 14.83 -6.93 2.56
N VAL A 17 16.03 -7.46 2.34
CA VAL A 17 16.34 -8.84 2.67
C VAL A 17 17.50 -8.92 3.66
N LYS A 18 17.17 -8.92 4.95
CA LYS A 18 18.19 -8.99 6.00
C LYS A 18 18.11 -10.33 6.72
N LEU A 19 18.05 -11.41 5.95
CA LEU A 19 17.98 -12.76 6.52
C LEU A 19 19.33 -13.47 6.41
N LEU A 20 19.58 -14.39 7.33
CA LEU A 20 20.84 -15.13 7.34
C LEU A 20 20.60 -16.59 6.95
N GLY A 21 19.68 -16.82 6.02
CA GLY A 21 19.37 -18.17 5.58
C GLY A 21 18.21 -18.21 4.61
N PRO A 22 17.84 -19.43 4.18
CA PRO A 22 16.74 -19.63 3.23
C PRO A 22 15.38 -19.33 3.85
N SER A 23 15.39 -18.88 5.10
CA SER A 23 14.15 -18.56 5.81
C SER A 23 14.12 -17.08 6.20
N SER A 24 12.93 -16.49 6.19
CA SER A 24 12.77 -15.09 6.55
C SER A 24 11.30 -14.75 6.77
N GLU A 25 10.94 -14.48 8.01
CA GLU A 25 9.56 -14.15 8.35
C GLU A 25 9.47 -12.73 8.92
N ARG A 26 8.78 -11.85 8.20
CA ARG A 26 8.63 -10.47 8.62
C ARG A 26 7.26 -10.26 9.28
N ALA A 27 7.27 -9.98 10.58
CA ALA A 27 6.04 -9.75 11.32
C ALA A 27 6.15 -8.53 12.23
N THR A 28 6.99 -7.58 11.82
CA THR A 28 7.19 -6.37 12.60
C THR A 28 6.46 -5.18 11.96
N PRO A 29 5.64 -4.49 12.76
CA PRO A 29 4.87 -3.33 12.30
C PRO A 29 5.77 -2.12 12.03
N ALA A 30 7.06 -2.29 12.21
CA ALA A 30 8.02 -1.22 11.98
C ALA A 30 8.10 -0.87 10.50
N PHE A 31 7.06 -0.22 9.99
CA PHE A 31 7.03 0.17 8.59
C PHE A 31 6.92 1.69 8.45
N HIS A 32 7.44 2.21 7.35
CA HIS A 32 7.41 3.65 7.09
C HIS A 32 6.91 3.93 5.68
N PRO A 33 5.65 4.39 5.58
CA PRO A 33 5.02 4.71 4.30
C PRO A 33 5.61 5.96 3.67
N VAL A 34 5.20 6.24 2.43
CA VAL A 34 5.69 7.41 1.71
C VAL A 34 4.81 8.62 1.96
N CYS A 35 3.51 8.38 2.13
CA CYS A 35 2.56 9.46 2.38
C CYS A 35 1.17 8.89 2.67
N GLN A 36 0.28 9.75 3.15
CA GLN A 36 -1.09 9.33 3.47
C GLN A 36 -2.07 9.89 2.45
N VAL A 37 -2.84 9.01 1.82
CA VAL A 37 -3.82 9.40 0.82
C VAL A 37 -5.23 9.05 1.26
N ILE A 38 -6.22 9.52 0.50
CA ILE A 38 -7.62 9.25 0.82
C ILE A 38 -8.35 8.67 -0.38
N ALA A 39 -9.23 7.71 -0.12
CA ALA A 39 -10.00 7.08 -1.18
C ALA A 39 -11.03 8.04 -1.76
N MET A 40 -10.97 8.25 -3.07
CA MET A 40 -11.90 9.15 -3.74
C MET A 40 -13.25 8.46 -3.98
N TYR A 41 -13.20 7.16 -4.20
CA TYR A 41 -14.41 6.38 -4.44
C TYR A 41 -14.37 5.05 -3.69
N ASP A 42 -15.56 4.50 -3.42
CA ASP A 42 -15.65 3.23 -2.72
C ASP A 42 -15.10 2.09 -3.56
N TYR A 43 -13.85 1.71 -3.29
CA TYR A 43 -13.21 0.63 -4.03
C TYR A 43 -13.56 -0.73 -3.44
N ALA A 44 -14.02 -1.63 -4.29
CA ALA A 44 -14.40 -2.97 -3.85
C ALA A 44 -13.51 -4.03 -4.51
N ALA A 45 -12.52 -4.51 -3.76
CA ALA A 45 -11.61 -5.54 -4.26
C ALA A 45 -12.35 -6.82 -4.61
N ASN A 46 -12.21 -7.26 -5.86
CA ASN A 46 -12.88 -8.48 -6.31
C ASN A 46 -12.22 -9.71 -5.68
N ASN A 47 -11.01 -9.54 -5.16
CA ASN A 47 -10.29 -10.64 -4.54
C ASN A 47 -9.27 -10.12 -3.53
N GLU A 48 -8.53 -11.02 -2.91
CA GLU A 48 -7.52 -10.66 -1.93
C GLU A 48 -6.41 -9.84 -2.57
N ASP A 49 -6.13 -10.12 -3.84
CA ASP A 49 -5.10 -9.40 -4.57
C ASP A 49 -5.31 -7.89 -4.50
N GLU A 50 -6.57 -7.49 -4.47
CA GLU A 50 -6.92 -6.07 -4.40
C GLU A 50 -7.33 -5.68 -2.98
N LEU A 51 -7.49 -4.38 -2.77
CA LEU A 51 -7.89 -3.87 -1.45
C LEU A 51 -9.30 -3.31 -1.49
N SER A 52 -10.16 -3.83 -0.60
CA SER A 52 -11.54 -3.39 -0.53
C SER A 52 -11.71 -2.29 0.52
N PHE A 53 -12.03 -1.09 0.06
CA PHE A 53 -12.22 0.05 0.97
C PHE A 53 -13.39 0.91 0.51
N SER A 54 -13.75 1.89 1.34
CA SER A 54 -14.87 2.78 1.02
C SER A 54 -14.37 4.21 0.80
N LYS A 55 -15.21 5.04 0.20
CA LYS A 55 -14.87 6.43 -0.06
C LYS A 55 -14.48 7.14 1.22
N GLY A 56 -13.23 7.59 1.30
CA GLY A 56 -12.76 8.29 2.48
C GLY A 56 -12.11 7.37 3.48
N GLN A 57 -11.70 6.19 3.02
CA GLN A 57 -11.06 5.21 3.89
C GLN A 57 -9.63 5.61 4.21
N LEU A 58 -9.09 5.05 5.29
CA LEU A 58 -7.72 5.36 5.71
C LEU A 58 -6.71 4.53 4.92
N ILE A 59 -6.03 5.18 3.99
CA ILE A 59 -5.02 4.51 3.17
C ILE A 59 -3.66 5.16 3.32
N ASN A 60 -2.63 4.34 3.53
CA ASN A 60 -1.27 4.84 3.69
C ASN A 60 -0.34 4.25 2.64
N VAL A 61 -0.06 5.01 1.59
CA VAL A 61 0.82 4.55 0.52
C VAL A 61 2.20 4.20 1.06
N MET A 62 2.64 2.98 0.76
CA MET A 62 3.95 2.52 1.22
C MET A 62 4.86 2.23 0.02
N ASN A 63 4.27 1.72 -1.06
CA ASN A 63 5.03 1.39 -2.25
C ASN A 63 4.31 1.90 -3.50
N LYS A 64 4.75 3.05 -4.02
CA LYS A 64 4.15 3.64 -5.21
C LYS A 64 5.14 3.64 -6.37
N ASP A 65 5.86 2.54 -6.52
CA ASP A 65 6.84 2.41 -7.60
C ASP A 65 6.21 2.74 -8.94
N ASP A 66 5.02 2.19 -9.18
CA ASP A 66 4.32 2.42 -10.44
C ASP A 66 3.27 3.52 -10.28
N PRO A 67 3.34 4.54 -11.15
CA PRO A 67 2.41 5.67 -11.12
C PRO A 67 0.99 5.27 -11.55
N ASP A 68 0.81 3.98 -11.83
CA ASP A 68 -0.49 3.47 -12.25
C ASP A 68 -1.21 2.81 -11.08
N TRP A 69 -0.48 2.07 -10.27
CA TRP A 69 -1.06 1.39 -9.12
C TRP A 69 -0.23 1.65 -7.85
N TRP A 70 -0.92 1.93 -6.76
CA TRP A 70 -0.24 2.21 -5.49
C TRP A 70 -0.61 1.15 -4.45
N GLN A 71 0.17 1.09 -3.38
CA GLN A 71 -0.07 0.13 -2.30
C GLN A 71 -0.22 0.83 -0.96
N GLY A 72 -1.33 0.59 -0.29
CA GLY A 72 -1.58 1.20 0.99
C GLY A 72 -2.14 0.23 2.02
N GLU A 73 -2.28 0.68 3.26
CA GLU A 73 -2.80 -0.16 4.32
C GLU A 73 -4.08 0.44 4.90
N ILE A 74 -4.94 -0.42 5.45
CA ILE A 74 -6.19 0.03 6.04
C ILE A 74 -6.60 -0.87 7.20
N ASN A 75 -6.43 -0.36 8.43
CA ASN A 75 -6.77 -1.12 9.62
C ASN A 75 -5.97 -2.42 9.70
N GLY A 76 -4.66 -2.30 9.55
CA GLY A 76 -3.80 -3.47 9.60
C GLY A 76 -3.95 -4.36 8.39
N VAL A 77 -4.67 -3.88 7.38
CA VAL A 77 -4.90 -4.64 6.17
C VAL A 77 -4.10 -4.06 5.00
N THR A 78 -3.72 -4.92 4.06
CA THR A 78 -2.94 -4.49 2.90
C THR A 78 -3.53 -5.06 1.61
N GLY A 79 -3.43 -4.30 0.53
CA GLY A 79 -3.95 -4.74 -0.74
C GLY A 79 -3.36 -3.99 -1.91
N LEU A 80 -4.18 -3.75 -2.93
CA LEU A 80 -3.73 -3.03 -4.12
C LEU A 80 -4.84 -2.13 -4.67
N PHE A 81 -4.45 -1.01 -5.25
CA PHE A 81 -5.41 -0.06 -5.82
C PHE A 81 -4.71 0.94 -6.73
N PRO A 82 -5.46 1.49 -7.70
CA PRO A 82 -4.94 2.46 -8.66
C PRO A 82 -4.64 3.81 -8.00
N SER A 83 -3.62 4.49 -8.51
CA SER A 83 -3.23 5.79 -7.97
C SER A 83 -4.23 6.87 -8.39
N ASN A 84 -5.29 6.46 -9.06
CA ASN A 84 -6.31 7.40 -9.52
C ASN A 84 -7.54 7.33 -8.61
N TYR A 85 -7.55 6.36 -7.70
CA TYR A 85 -8.66 6.20 -6.77
C TYR A 85 -8.31 6.77 -5.40
N VAL A 86 -7.18 7.44 -5.32
CA VAL A 86 -6.74 8.05 -4.06
C VAL A 86 -6.20 9.46 -4.30
N LYS A 87 -6.32 10.30 -3.27
CA LYS A 87 -5.85 11.68 -3.36
C LYS A 87 -5.08 12.07 -2.10
N MET A 88 -3.89 12.64 -2.30
CA MET A 88 -3.05 13.06 -1.18
C MET A 88 -3.88 13.80 -0.13
N THR A 89 -3.67 13.44 1.14
CA THR A 89 -4.41 14.07 2.23
C THR A 89 -3.71 15.35 2.69
N THR A 90 -2.38 15.33 2.69
CA THR A 90 -1.59 16.49 3.11
C THR A 90 -2.03 16.98 4.48
N ASP A 91 -2.35 16.05 5.38
CA ASP A 91 -2.78 16.40 6.73
C ASP A 91 -1.74 17.25 7.43
N SER A 92 -0.48 16.83 7.35
CA SER A 92 0.61 17.56 7.98
C SER A 92 0.71 18.98 7.42
N SER A 93 0.81 19.96 8.31
CA SER A 93 0.92 21.36 7.90
C SER A 93 2.21 21.60 7.12
N GLY A 94 3.34 21.39 7.78
CA GLY A 94 4.63 21.59 7.13
C GLY A 94 5.47 20.32 7.11
N PRO A 95 6.77 20.49 6.84
CA PRO A 95 7.71 19.36 6.78
C PRO A 95 7.95 18.73 8.15
N SER A 96 7.84 17.41 8.21
CA SER A 96 8.05 16.69 9.47
C SER A 96 7.57 17.52 10.65
N SER A 97 6.42 18.17 10.49
CA SER A 97 5.85 18.99 11.55
C SER A 97 5.48 18.14 12.76
N GLY A 98 5.81 18.65 13.95
CA GLY A 98 5.50 17.92 15.17
C GLY A 98 5.29 18.85 16.36
N GLY A 1 12.16 -16.07 -25.63
CA GLY A 1 10.76 -16.31 -25.29
C GLY A 1 9.96 -16.77 -26.49
N SER A 2 9.22 -17.86 -26.31
CA SER A 2 8.39 -18.41 -27.38
C SER A 2 6.93 -18.51 -26.95
N SER A 3 6.08 -18.91 -27.88
CA SER A 3 4.65 -19.05 -27.60
C SER A 3 4.14 -17.87 -26.79
N GLY A 4 4.57 -16.67 -27.17
CA GLY A 4 4.14 -15.48 -26.47
C GLY A 4 4.29 -15.60 -24.97
N SER A 5 5.52 -15.52 -24.48
CA SER A 5 5.78 -15.63 -23.05
C SER A 5 5.26 -14.42 -22.30
N SER A 6 5.01 -14.58 -21.01
CA SER A 6 4.50 -13.50 -20.18
C SER A 6 5.55 -12.40 -20.02
N GLY A 7 5.10 -11.14 -20.01
CA GLY A 7 6.00 -10.03 -19.86
C GLY A 7 6.58 -9.92 -18.46
N GLN A 8 6.34 -8.79 -17.81
CA GLN A 8 6.84 -8.58 -16.46
C GLN A 8 5.68 -8.35 -15.48
N LYS A 9 5.32 -9.40 -14.76
CA LYS A 9 4.23 -9.32 -13.79
C LYS A 9 4.72 -9.71 -12.39
N GLY A 10 5.28 -8.72 -11.68
CA GLY A 10 5.77 -8.98 -10.34
C GLY A 10 5.95 -7.71 -9.53
N TRP A 11 4.93 -7.36 -8.74
CA TRP A 11 4.99 -6.16 -7.92
C TRP A 11 5.93 -6.35 -6.74
N PHE A 12 7.10 -5.72 -6.81
CA PHE A 12 8.10 -5.82 -5.75
C PHE A 12 8.53 -4.43 -5.29
N PRO A 13 7.94 -3.97 -4.17
CA PRO A 13 8.25 -2.67 -3.59
C PRO A 13 9.65 -2.61 -2.99
N ALA A 14 10.15 -1.40 -2.77
CA ALA A 14 11.48 -1.21 -2.20
C ALA A 14 11.42 -0.34 -0.94
N SER A 15 11.19 -0.97 0.20
CA SER A 15 11.11 -0.25 1.46
C SER A 15 12.33 -0.54 2.34
N HIS A 16 13.27 0.40 2.35
CA HIS A 16 14.49 0.25 3.14
C HIS A 16 14.55 1.29 4.25
N VAL A 17 14.96 0.85 5.45
CA VAL A 17 15.06 1.75 6.60
C VAL A 17 16.49 1.82 7.11
N LYS A 18 17.22 2.84 6.68
CA LYS A 18 18.60 3.03 7.11
C LYS A 18 18.71 3.12 8.63
N LEU A 19 17.56 3.26 9.28
CA LEU A 19 17.51 3.36 10.73
C LEU A 19 17.28 2.00 11.36
N LEU A 20 18.15 1.62 12.29
CA LEU A 20 18.03 0.34 12.98
C LEU A 20 18.24 0.50 14.47
N GLY A 21 17.50 -0.28 15.26
CA GLY A 21 17.63 -0.21 16.71
C GLY A 21 16.44 0.48 17.36
N PRO A 22 16.07 0.02 18.56
CA PRO A 22 14.95 0.60 19.31
C PRO A 22 15.25 2.00 19.83
N SER A 23 14.26 2.62 20.45
CA SER A 23 14.41 3.97 20.99
C SER A 23 13.53 4.17 22.21
N SER A 24 13.70 5.31 22.88
CA SER A 24 12.93 5.63 24.07
C SER A 24 11.49 5.10 23.94
N GLU A 25 10.86 5.41 22.82
CA GLU A 25 9.49 4.97 22.56
C GLU A 25 9.48 3.66 21.79
N ARG A 26 8.58 2.75 22.19
CA ARG A 26 8.47 1.46 21.54
C ARG A 26 8.05 1.62 20.08
N ALA A 27 9.03 1.66 19.19
CA ALA A 27 8.76 1.81 17.76
C ALA A 27 9.80 1.05 16.92
N THR A 28 9.32 0.29 15.95
CA THR A 28 10.19 -0.48 15.08
C THR A 28 9.98 -0.11 13.62
N PRO A 29 11.09 -0.08 12.85
CA PRO A 29 11.05 0.26 11.43
C PRO A 29 10.38 -0.82 10.59
N ALA A 30 9.85 -1.84 11.26
CA ALA A 30 9.17 -2.94 10.57
C ALA A 30 8.47 -2.45 9.32
N PHE A 31 7.35 -1.76 9.51
CA PHE A 31 6.57 -1.23 8.38
C PHE A 31 6.46 0.28 8.46
N HIS A 32 6.98 0.97 7.45
CA HIS A 32 6.93 2.43 7.40
C HIS A 32 6.50 2.92 6.02
N PRO A 33 5.33 3.54 5.95
CA PRO A 33 4.78 4.07 4.69
C PRO A 33 5.56 5.28 4.19
N VAL A 34 5.23 5.73 2.98
CA VAL A 34 5.90 6.87 2.38
C VAL A 34 5.03 8.12 2.45
N CYS A 35 3.72 7.92 2.37
CA CYS A 35 2.78 9.03 2.43
C CYS A 35 1.40 8.56 2.86
N GLN A 36 0.46 9.49 2.97
CA GLN A 36 -0.90 9.15 3.37
C GLN A 36 -1.92 9.75 2.39
N VAL A 37 -2.73 8.88 1.79
CA VAL A 37 -3.74 9.31 0.84
C VAL A 37 -5.14 8.89 1.30
N ILE A 38 -6.16 9.38 0.59
CA ILE A 38 -7.54 9.05 0.91
C ILE A 38 -8.29 8.53 -0.31
N ALA A 39 -9.18 7.58 -0.09
CA ALA A 39 -9.96 6.99 -1.17
C ALA A 39 -10.86 8.05 -1.82
N MET A 40 -10.88 8.07 -3.15
CA MET A 40 -11.69 9.02 -3.88
C MET A 40 -13.06 8.43 -4.22
N TYR A 41 -13.11 7.11 -4.31
CA TYR A 41 -14.35 6.41 -4.62
C TYR A 41 -14.39 5.03 -3.97
N ASP A 42 -15.56 4.66 -3.45
CA ASP A 42 -15.73 3.37 -2.79
C ASP A 42 -15.16 2.25 -3.64
N TYR A 43 -13.96 1.79 -3.29
CA TYR A 43 -13.29 0.72 -4.01
C TYR A 43 -13.68 -0.64 -3.46
N ALA A 44 -14.01 -1.57 -4.36
CA ALA A 44 -14.40 -2.91 -3.96
C ALA A 44 -13.48 -3.96 -4.57
N ALA A 45 -12.65 -4.57 -3.73
CA ALA A 45 -11.71 -5.58 -4.18
C ALA A 45 -12.45 -6.85 -4.64
N ASN A 46 -12.38 -7.13 -5.93
CA ASN A 46 -13.03 -8.30 -6.49
C ASN A 46 -12.45 -9.59 -5.91
N ASN A 47 -11.24 -9.49 -5.36
CA ASN A 47 -10.57 -10.64 -4.78
C ASN A 47 -9.75 -10.22 -3.56
N GLU A 48 -9.01 -11.19 -3.00
CA GLU A 48 -8.18 -10.92 -1.83
C GLU A 48 -6.91 -10.16 -2.23
N ASP A 49 -6.51 -10.32 -3.48
CA ASP A 49 -5.32 -9.64 -3.99
C ASP A 49 -5.47 -8.12 -3.90
N GLU A 50 -6.66 -7.63 -4.23
CA GLU A 50 -6.93 -6.21 -4.19
C GLU A 50 -7.39 -5.77 -2.80
N LEU A 51 -7.49 -4.47 -2.59
CA LEU A 51 -7.93 -3.93 -1.31
C LEU A 51 -9.31 -3.31 -1.41
N SER A 52 -10.23 -3.77 -0.56
CA SER A 52 -11.59 -3.27 -0.56
C SER A 52 -11.78 -2.19 0.52
N PHE A 53 -12.07 -0.97 0.09
CA PHE A 53 -12.27 0.14 1.00
C PHE A 53 -13.40 1.04 0.54
N SER A 54 -13.89 1.90 1.42
CA SER A 54 -14.97 2.81 1.11
C SER A 54 -14.49 4.26 1.08
N LYS A 55 -15.00 5.02 0.12
CA LYS A 55 -14.62 6.43 -0.02
C LYS A 55 -14.33 7.05 1.35
N GLY A 56 -13.15 7.64 1.48
CA GLY A 56 -12.78 8.28 2.73
C GLY A 56 -12.10 7.31 3.69
N GLN A 57 -11.62 6.19 3.15
CA GLN A 57 -10.95 5.19 3.97
C GLN A 57 -9.52 5.62 4.30
N LEU A 58 -8.97 5.03 5.36
CA LEU A 58 -7.62 5.36 5.79
C LEU A 58 -6.58 4.54 5.02
N ILE A 59 -5.91 5.18 4.08
CA ILE A 59 -4.90 4.52 3.27
C ILE A 59 -3.56 5.24 3.37
N ASN A 60 -2.50 4.47 3.57
CA ASN A 60 -1.15 5.04 3.68
C ASN A 60 -0.23 4.47 2.61
N VAL A 61 0.00 5.24 1.56
CA VAL A 61 0.86 4.82 0.46
C VAL A 61 2.25 4.45 0.97
N MET A 62 2.67 3.21 0.72
CA MET A 62 3.98 2.74 1.14
C MET A 62 4.91 2.56 -0.05
N ASN A 63 4.33 2.18 -1.18
CA ASN A 63 5.12 1.97 -2.41
C ASN A 63 4.32 2.41 -3.64
N LYS A 64 4.69 3.56 -4.19
CA LYS A 64 4.04 4.09 -5.38
C LYS A 64 5.01 4.22 -6.54
N ASP A 65 5.91 3.25 -6.65
CA ASP A 65 6.90 3.24 -7.72
C ASP A 65 6.23 3.40 -9.08
N ASP A 66 5.03 2.83 -9.21
CA ASP A 66 4.29 2.90 -10.46
C ASP A 66 3.14 3.91 -10.35
N PRO A 67 3.12 4.88 -11.27
CA PRO A 67 2.08 5.92 -11.29
C PRO A 67 0.72 5.37 -11.70
N ASP A 68 0.65 4.05 -11.89
CA ASP A 68 -0.59 3.41 -12.29
C ASP A 68 -1.29 2.80 -11.08
N TRP A 69 -0.54 2.07 -10.26
CA TRP A 69 -1.10 1.44 -9.06
C TRP A 69 -0.18 1.66 -7.87
N TRP A 70 -0.78 2.02 -6.73
CA TRP A 70 -0.03 2.26 -5.51
C TRP A 70 -0.38 1.23 -4.44
N GLN A 71 0.43 1.18 -3.38
CA GLN A 71 0.20 0.24 -2.29
C GLN A 71 -0.11 0.98 -0.99
N GLY A 72 -1.23 0.64 -0.37
CA GLY A 72 -1.60 1.28 0.87
C GLY A 72 -2.04 0.28 1.94
N GLU A 73 -2.47 0.80 3.09
CA GLU A 73 -2.91 -0.06 4.18
C GLU A 73 -4.18 0.49 4.82
N ILE A 74 -4.94 -0.40 5.45
CA ILE A 74 -6.19 -0.01 6.10
C ILE A 74 -6.54 -0.97 7.24
N ASN A 75 -6.47 -0.45 8.47
CA ASN A 75 -6.78 -1.26 9.65
C ASN A 75 -5.87 -2.48 9.73
N GLY A 76 -4.57 -2.25 9.57
CA GLY A 76 -3.61 -3.33 9.62
C GLY A 76 -3.71 -4.25 8.42
N VAL A 77 -4.45 -3.83 7.41
CA VAL A 77 -4.61 -4.61 6.20
C VAL A 77 -3.84 -3.99 5.03
N THR A 78 -3.39 -4.84 4.11
CA THR A 78 -2.64 -4.37 2.95
C THR A 78 -3.17 -5.02 1.67
N GLY A 79 -3.06 -4.29 0.56
CA GLY A 79 -3.52 -4.81 -0.72
C GLY A 79 -2.96 -4.04 -1.89
N LEU A 80 -3.77 -3.90 -2.94
CA LEU A 80 -3.35 -3.17 -4.13
C LEU A 80 -4.49 -2.35 -4.71
N PHE A 81 -4.19 -1.12 -5.11
CA PHE A 81 -5.19 -0.23 -5.68
C PHE A 81 -4.56 0.77 -6.64
N PRO A 82 -5.35 1.29 -7.59
CA PRO A 82 -4.90 2.26 -8.57
C PRO A 82 -4.59 3.62 -7.96
N SER A 83 -3.57 4.28 -8.49
CA SER A 83 -3.17 5.59 -7.99
C SER A 83 -4.15 6.67 -8.46
N ASN A 84 -5.23 6.25 -9.09
CA ASN A 84 -6.25 7.17 -9.59
C ASN A 84 -7.48 7.16 -8.70
N TYR A 85 -7.47 6.30 -7.68
CA TYR A 85 -8.59 6.18 -6.76
C TYR A 85 -8.24 6.77 -5.40
N VAL A 86 -7.15 7.52 -5.35
CA VAL A 86 -6.70 8.14 -4.10
C VAL A 86 -6.19 9.55 -4.35
N LYS A 87 -6.42 10.44 -3.39
CA LYS A 87 -5.99 11.82 -3.50
C LYS A 87 -5.17 12.24 -2.27
N MET A 88 -3.95 12.70 -2.52
CA MET A 88 -3.07 13.13 -1.43
C MET A 88 -3.86 13.88 -0.37
N THR A 89 -3.87 13.35 0.85
CA THR A 89 -4.58 13.98 1.96
C THR A 89 -4.19 15.44 2.10
N THR A 90 -2.89 15.70 2.16
CA THR A 90 -2.38 17.06 2.30
C THR A 90 -3.00 17.75 3.51
N ASP A 91 -3.16 17.00 4.61
CA ASP A 91 -3.74 17.55 5.83
C ASP A 91 -2.70 17.58 6.95
N SER A 92 -1.94 18.67 7.03
CA SER A 92 -0.92 18.82 8.05
C SER A 92 -1.45 19.63 9.23
N SER A 93 -1.30 19.09 10.44
CA SER A 93 -1.76 19.77 11.64
C SER A 93 -0.70 19.71 12.74
N GLY A 94 0.55 19.93 12.35
CA GLY A 94 1.63 19.90 13.31
C GLY A 94 2.78 20.83 12.93
N PRO A 95 3.80 20.27 12.26
CA PRO A 95 4.97 21.04 11.82
C PRO A 95 4.64 22.02 10.71
N SER A 96 4.81 23.31 10.98
CA SER A 96 4.53 24.35 10.00
C SER A 96 5.52 25.51 10.14
N SER A 97 5.76 26.21 9.03
CA SER A 97 6.68 27.33 9.03
C SER A 97 6.09 28.52 9.78
N GLY A 98 6.72 28.89 10.88
CA GLY A 98 6.26 30.01 11.67
C GLY A 98 7.23 30.40 12.76
N GLY A 1 28.19 -10.09 -5.21
CA GLY A 1 27.01 -10.77 -5.70
C GLY A 1 25.89 -10.79 -4.68
N SER A 2 25.63 -9.63 -4.07
CA SER A 2 24.58 -9.52 -3.06
C SER A 2 24.57 -10.75 -2.16
N SER A 3 25.75 -11.21 -1.75
CA SER A 3 25.87 -12.37 -0.89
C SER A 3 25.35 -12.07 0.51
N GLY A 4 24.04 -12.19 0.70
CA GLY A 4 23.44 -11.93 1.99
C GLY A 4 22.00 -11.48 1.87
N SER A 5 21.76 -10.19 2.10
CA SER A 5 20.41 -9.64 2.03
C SER A 5 20.31 -8.60 0.91
N SER A 6 19.43 -8.85 -0.04
CA SER A 6 19.23 -7.94 -1.16
C SER A 6 18.06 -7.00 -0.90
N GLY A 7 16.90 -7.57 -0.59
CA GLY A 7 15.72 -6.77 -0.31
C GLY A 7 14.61 -7.03 -1.31
N GLN A 8 13.85 -8.11 -1.09
CA GLN A 8 12.75 -8.47 -1.98
C GLN A 8 11.44 -7.87 -1.49
N LYS A 9 11.02 -6.78 -2.13
CA LYS A 9 9.77 -6.12 -1.75
C LYS A 9 8.58 -6.76 -2.45
N GLY A 10 7.41 -6.64 -1.84
CA GLY A 10 6.20 -7.22 -2.42
C GLY A 10 5.64 -6.37 -3.54
N TRP A 11 6.51 -5.95 -4.44
CA TRP A 11 6.10 -5.13 -5.58
C TRP A 11 6.41 -5.81 -6.90
N PHE A 12 5.39 -5.99 -7.73
CA PHE A 12 5.56 -6.65 -9.01
C PHE A 12 5.07 -5.75 -10.15
N PRO A 13 6.02 -5.07 -10.80
CA PRO A 13 5.73 -4.15 -11.92
C PRO A 13 5.25 -4.89 -13.16
N ALA A 14 5.13 -4.16 -14.26
CA ALA A 14 4.69 -4.75 -15.53
C ALA A 14 5.88 -5.27 -16.33
N SER A 15 6.85 -5.85 -15.64
CA SER A 15 8.04 -6.37 -16.29
C SER A 15 8.15 -7.89 -16.10
N HIS A 16 8.65 -8.57 -17.13
CA HIS A 16 8.80 -10.02 -17.08
C HIS A 16 9.99 -10.41 -16.20
N VAL A 17 9.70 -11.11 -15.10
CA VAL A 17 10.75 -11.54 -14.17
C VAL A 17 10.98 -13.05 -14.29
N LYS A 18 12.25 -13.45 -14.16
CA LYS A 18 12.61 -14.86 -14.24
C LYS A 18 13.31 -15.31 -12.96
N LEU A 19 12.82 -14.86 -11.82
CA LEU A 19 13.39 -15.22 -10.54
C LEU A 19 12.76 -16.49 -9.99
N LEU A 20 13.45 -17.62 -10.15
CA LEU A 20 12.95 -18.90 -9.68
C LEU A 20 13.33 -19.12 -8.21
N GLY A 21 12.32 -19.28 -7.36
CA GLY A 21 12.56 -19.50 -5.95
C GLY A 21 11.34 -19.28 -5.10
N PRO A 22 11.30 -19.90 -3.91
CA PRO A 22 10.18 -19.76 -2.98
C PRO A 22 10.08 -18.37 -2.37
N SER A 23 9.16 -17.56 -2.90
CA SER A 23 8.96 -16.21 -2.41
C SER A 23 8.38 -16.22 -0.99
N SER A 24 9.23 -15.97 -0.01
CA SER A 24 8.80 -15.95 1.38
C SER A 24 8.98 -14.57 2.00
N GLU A 25 7.87 -13.86 2.19
CA GLU A 25 7.91 -12.52 2.77
C GLU A 25 7.13 -12.47 4.07
N ARG A 26 7.77 -11.95 5.12
CA ARG A 26 7.13 -11.84 6.43
C ARG A 26 6.70 -10.41 6.70
N ALA A 27 5.57 -10.26 7.41
CA ALA A 27 5.05 -8.95 7.73
C ALA A 27 5.69 -8.41 9.00
N THR A 28 5.77 -7.08 9.10
CA THR A 28 6.37 -6.44 10.27
C THR A 28 5.41 -5.42 10.88
N PRO A 29 5.30 -5.43 12.22
CA PRO A 29 4.43 -4.52 12.96
C PRO A 29 4.94 -3.09 12.92
N ALA A 30 6.23 -2.93 12.72
CA ALA A 30 6.85 -1.60 12.66
C ALA A 30 7.17 -1.21 11.23
N PHE A 31 6.17 -0.68 10.53
CA PHE A 31 6.35 -0.24 9.15
C PHE A 31 6.28 1.28 9.03
N HIS A 32 6.97 1.81 8.03
CA HIS A 32 6.98 3.25 7.80
C HIS A 32 6.56 3.58 6.37
N PRO A 33 5.35 4.12 6.22
CA PRO A 33 4.79 4.50 4.92
C PRO A 33 5.50 5.70 4.31
N VAL A 34 5.23 5.96 3.04
CA VAL A 34 5.84 7.09 2.34
C VAL A 34 4.97 8.33 2.44
N CYS A 35 3.65 8.13 2.44
CA CYS A 35 2.71 9.24 2.53
C CYS A 35 1.31 8.72 2.86
N GLN A 36 0.38 9.66 3.07
CA GLN A 36 -1.00 9.30 3.39
C GLN A 36 -1.96 9.88 2.37
N VAL A 37 -2.78 9.01 1.79
CA VAL A 37 -3.76 9.43 0.79
C VAL A 37 -5.18 9.08 1.22
N ILE A 38 -6.17 9.63 0.52
CA ILE A 38 -7.57 9.37 0.83
C ILE A 38 -8.31 8.84 -0.39
N ALA A 39 -9.15 7.83 -0.17
CA ALA A 39 -9.93 7.24 -1.25
C ALA A 39 -10.93 8.24 -1.81
N MET A 40 -10.93 8.41 -3.13
CA MET A 40 -11.84 9.33 -3.79
C MET A 40 -13.18 8.65 -4.08
N TYR A 41 -13.13 7.34 -4.34
CA TYR A 41 -14.34 6.59 -4.63
C TYR A 41 -14.28 5.21 -3.99
N ASP A 42 -15.41 4.77 -3.44
CA ASP A 42 -15.49 3.47 -2.79
C ASP A 42 -14.91 2.37 -3.68
N TYR A 43 -13.99 1.59 -3.14
CA TYR A 43 -13.35 0.51 -3.88
C TYR A 43 -13.77 -0.85 -3.33
N ALA A 44 -14.07 -1.77 -4.24
CA ALA A 44 -14.48 -3.12 -3.87
C ALA A 44 -13.55 -4.17 -4.47
N ALA A 45 -12.66 -4.71 -3.64
CA ALA A 45 -11.72 -5.73 -4.10
C ALA A 45 -12.44 -7.03 -4.44
N ASN A 46 -12.34 -7.43 -5.71
CA ASN A 46 -12.99 -8.65 -6.17
C ASN A 46 -12.40 -9.87 -5.47
N ASN A 47 -11.17 -9.73 -4.97
CA ASN A 47 -10.51 -10.82 -4.27
C ASN A 47 -9.49 -10.28 -3.27
N GLU A 48 -8.80 -11.20 -2.60
CA GLU A 48 -7.79 -10.82 -1.61
C GLU A 48 -6.67 -10.01 -2.26
N ASP A 49 -6.35 -10.35 -3.50
CA ASP A 49 -5.29 -9.66 -4.24
C ASP A 49 -5.50 -8.15 -4.19
N GLU A 50 -6.77 -7.73 -4.26
CA GLU A 50 -7.10 -6.31 -4.23
C GLU A 50 -7.50 -5.87 -2.83
N LEU A 51 -7.66 -4.57 -2.64
CA LEU A 51 -8.05 -4.02 -1.34
C LEU A 51 -9.46 -3.43 -1.41
N SER A 52 -10.32 -3.88 -0.49
CA SER A 52 -11.69 -3.41 -0.44
C SER A 52 -11.85 -2.30 0.60
N PHE A 53 -12.17 -1.09 0.14
CA PHE A 53 -12.34 0.05 1.03
C PHE A 53 -13.47 0.96 0.54
N SER A 54 -13.82 1.94 1.35
CA SER A 54 -14.89 2.87 1.01
C SER A 54 -14.34 4.28 0.80
N LYS A 55 -15.18 5.16 0.26
CA LYS A 55 -14.77 6.55 0.01
C LYS A 55 -14.36 7.23 1.31
N GLY A 56 -13.09 7.60 1.40
CA GLY A 56 -12.59 8.26 2.59
C GLY A 56 -11.97 7.30 3.58
N GLN A 57 -11.51 6.16 3.08
CA GLN A 57 -10.90 5.14 3.93
C GLN A 57 -9.46 5.53 4.29
N LEU A 58 -8.94 4.91 5.36
CA LEU A 58 -7.58 5.18 5.80
C LEU A 58 -6.57 4.36 5.01
N ILE A 59 -5.87 5.02 4.08
CA ILE A 59 -4.86 4.35 3.26
C ILE A 59 -3.52 5.06 3.36
N ASN A 60 -2.46 4.28 3.53
CA ASN A 60 -1.12 4.83 3.64
C ASN A 60 -0.20 4.24 2.57
N VAL A 61 0.04 5.02 1.52
CA VAL A 61 0.90 4.58 0.42
C VAL A 61 2.29 4.18 0.93
N MET A 62 2.66 2.93 0.71
CA MET A 62 3.96 2.43 1.14
C MET A 62 4.93 2.34 -0.02
N ASN A 63 4.40 1.98 -1.19
CA ASN A 63 5.22 1.86 -2.40
C ASN A 63 4.47 2.35 -3.62
N LYS A 64 4.83 3.53 -4.10
CA LYS A 64 4.19 4.12 -5.27
C LYS A 64 5.15 4.16 -6.45
N ASP A 65 5.86 3.07 -6.67
CA ASP A 65 6.82 2.98 -7.77
C ASP A 65 6.15 3.32 -9.10
N ASP A 66 4.99 2.72 -9.35
CA ASP A 66 4.26 2.95 -10.57
C ASP A 66 3.17 4.01 -10.37
N PRO A 67 3.17 5.04 -11.22
CA PRO A 67 2.19 6.13 -11.15
C PRO A 67 0.79 5.68 -11.54
N ASP A 68 0.66 4.40 -11.89
CA ASP A 68 -0.63 3.85 -12.29
C ASP A 68 -1.32 3.17 -11.11
N TRP A 69 -0.55 2.40 -10.35
CA TRP A 69 -1.07 1.69 -9.18
C TRP A 69 -0.19 1.91 -7.97
N TRP A 70 -0.81 2.03 -6.79
CA TRP A 70 -0.07 2.23 -5.56
C TRP A 70 -0.47 1.19 -4.51
N GLN A 71 0.36 1.05 -3.48
CA GLN A 71 0.10 0.09 -2.42
C GLN A 71 -0.17 0.81 -1.09
N GLY A 72 -1.30 0.51 -0.48
CA GLY A 72 -1.66 1.13 0.78
C GLY A 72 -2.10 0.12 1.82
N GLU A 73 -2.57 0.62 2.96
CA GLU A 73 -3.04 -0.25 4.04
C GLU A 73 -4.27 0.33 4.71
N ILE A 74 -5.17 -0.54 5.16
CA ILE A 74 -6.39 -0.12 5.82
C ILE A 74 -6.74 -1.04 6.98
N ASN A 75 -6.60 -0.53 8.20
CA ASN A 75 -6.91 -1.32 9.39
C ASN A 75 -5.96 -2.50 9.52
N GLY A 76 -4.68 -2.26 9.27
CA GLY A 76 -3.70 -3.32 9.36
C GLY A 76 -3.74 -4.26 8.18
N VAL A 77 -4.58 -3.94 7.20
CA VAL A 77 -4.72 -4.76 6.00
C VAL A 77 -3.97 -4.16 4.83
N THR A 78 -3.48 -5.02 3.94
CA THR A 78 -2.74 -4.56 2.76
C THR A 78 -3.30 -5.18 1.49
N GLY A 79 -3.19 -4.44 0.39
CA GLY A 79 -3.69 -4.94 -0.88
C GLY A 79 -3.12 -4.17 -2.06
N LEU A 80 -3.93 -4.03 -3.11
CA LEU A 80 -3.50 -3.31 -4.31
C LEU A 80 -4.63 -2.44 -4.86
N PHE A 81 -4.31 -1.20 -5.18
CA PHE A 81 -5.30 -0.27 -5.72
C PHE A 81 -4.64 0.76 -6.63
N PRO A 82 -5.43 1.31 -7.57
CA PRO A 82 -4.95 2.31 -8.53
C PRO A 82 -4.64 3.65 -7.86
N SER A 83 -3.61 4.32 -8.35
CA SER A 83 -3.22 5.62 -7.81
C SER A 83 -4.18 6.71 -8.23
N ASN A 84 -5.26 6.32 -8.92
CA ASN A 84 -6.27 7.26 -9.39
C ASN A 84 -7.48 7.26 -8.47
N TYR A 85 -7.56 6.26 -7.60
CA TYR A 85 -8.67 6.14 -6.67
C TYR A 85 -8.31 6.73 -5.31
N VAL A 86 -7.20 7.46 -5.26
CA VAL A 86 -6.75 8.09 -4.03
C VAL A 86 -6.12 9.44 -4.30
N LYS A 87 -6.29 10.37 -3.36
CA LYS A 87 -5.74 11.71 -3.49
C LYS A 87 -4.93 12.09 -2.26
N MET A 88 -3.75 12.66 -2.49
CA MET A 88 -2.86 13.08 -1.39
C MET A 88 -3.60 13.99 -0.42
N THR A 89 -3.83 13.50 0.79
CA THR A 89 -4.52 14.27 1.81
C THR A 89 -3.85 15.62 2.03
N THR A 90 -2.52 15.61 2.09
CA THR A 90 -1.75 16.82 2.31
C THR A 90 -2.27 17.60 3.51
N ASP A 91 -2.90 16.91 4.44
CA ASP A 91 -3.45 17.53 5.63
C ASP A 91 -2.58 17.25 6.84
N SER A 92 -1.27 17.32 6.65
CA SER A 92 -0.33 17.06 7.74
C SER A 92 0.11 18.37 8.39
N SER A 93 0.29 18.33 9.71
CA SER A 93 0.71 19.51 10.46
C SER A 93 1.15 19.14 11.87
N GLY A 94 2.18 19.80 12.36
CA GLY A 94 2.68 19.53 13.69
C GLY A 94 2.09 20.45 14.74
N PRO A 95 2.66 21.65 14.88
CA PRO A 95 2.19 22.64 15.86
C PRO A 95 0.83 23.23 15.48
N SER A 96 -0.20 22.88 16.25
CA SER A 96 -1.54 23.38 15.99
C SER A 96 -1.61 24.89 16.13
N SER A 97 -2.14 25.55 15.10
CA SER A 97 -2.25 27.00 15.10
C SER A 97 -3.71 27.43 15.30
N GLY A 98 -4.04 27.84 16.52
CA GLY A 98 -5.40 28.26 16.81
C GLY A 98 -5.44 29.35 17.86
#